data_9IFG
#
_entry.id   9IFG
#
_cell.length_a   101.888
_cell.length_b   63.545
_cell.length_c   169.583
_cell.angle_alpha   90.000
_cell.angle_beta   97.707
_cell.angle_gamma   90.000
#
_symmetry.space_group_name_H-M   'P 1 21 1'
#
loop_
_entity.id
_entity.type
_entity.pdbx_description
1 polymer 'Trypanothione reductase'
2 non-polymer 'FLAVIN-ADENINE DINUCLEOTIDE'
3 non-polymer IMIDAZOLE
4 non-polymer DI(HYDROXYETHYL)ETHER
5 non-polymer (3P)-3-(2H-1,3-benzodioxol-5-yl)-1H-pyrazole
6 non-polymer 'BROMIDE ION'
7 water water
#
_entity_poly.entity_id   1
_entity_poly.type   'polypeptide(L)'
_entity_poly.pdbx_seq_one_letter_code
;GSHMSKAFDLVVIGAGSGGLEAGWNAATLYGKRVAVVDVQTSHGPPFYAALGGTCVNVGCVPKKLMVTGAQYMDHLRESA
GFGWEFDGSSVKANWKKLIAAKNEAVLDINKSYEGMFNDTEGLDFFLGWGSLESKNVVVVRETADPKSAVKERLQADHIL
LATGSWPQMPAIPGIEHCISSNEAFYLPEPPRRVLTVGGGFISVEFAGIFNAYKPPGGKVTLCYRNNLILRGFDETIREE
VTKQLTANGIEIMTNENPAKVSLNTDGSKHVTFESGKTLDVDVVMMAIGRIPRTNDLQLGNVGVKLTPKGGVQVDEFSRT
NVPNIYAIGDITDRLMLTPVAINEGAALVDTVFGNKPRKTDHTRVASAVFSIPPIGTCGLIEEVAAKEFEKVAVYMSSFT
PLMHNISGSKYKKFVAKIVTNHSDGTVLGVHLLGDGAPEIIQAVGVCLRLNAKISDFYNTIGVHPTSAEELCSMRTPSYY
YVKGEKMEKLPDSNL
;
_entity_poly.pdbx_strand_id   A,B,C,D
#
loop_
_chem_comp.id
_chem_comp.type
_chem_comp.name
_chem_comp.formula
BR non-polymer 'BROMIDE ION' 'Br -1'
FAD non-polymer 'FLAVIN-ADENINE DINUCLEOTIDE' 'C27 H33 N9 O15 P2'
IMD non-polymer IMIDAZOLE 'C3 H5 N2 1'
PEG non-polymer DI(HYDROXYETHYL)ETHER 'C4 H10 O3'
Q7L non-polymer (3P)-3-(2H-1,3-benzodioxol-5-yl)-1H-pyrazole 'C10 H8 N2 O2'
#
# COMPACT_ATOMS: atom_id res chain seq x y z
N HIS A 3 18.03 -28.15 -34.19
CA HIS A 3 18.42 -28.48 -32.81
C HIS A 3 17.30 -29.29 -32.12
N MET A 4 17.69 -30.36 -31.40
CA MET A 4 16.73 -31.27 -30.79
C MET A 4 16.60 -31.03 -29.29
N SER A 5 15.40 -31.25 -28.77
CA SER A 5 15.24 -31.30 -27.34
C SER A 5 15.94 -32.54 -26.78
N LYS A 6 16.34 -32.44 -25.52
CA LYS A 6 17.01 -33.51 -24.79
C LYS A 6 16.03 -34.12 -23.81
N ALA A 7 16.22 -35.41 -23.50
CA ALA A 7 15.27 -36.14 -22.65
C ALA A 7 15.95 -36.62 -21.37
N PHE A 8 15.20 -36.64 -20.26
CA PHE A 8 15.80 -36.98 -18.98
C PHE A 8 14.82 -37.77 -18.13
N ASP A 9 15.37 -38.52 -17.18
CA ASP A 9 14.52 -39.13 -16.16
C ASP A 9 13.97 -38.07 -15.22
N LEU A 10 14.81 -37.11 -14.84
CA LEU A 10 14.51 -36.08 -13.86
C LEU A 10 15.05 -34.75 -14.37
N VAL A 11 14.23 -33.72 -14.36
CA VAL A 11 14.67 -32.35 -14.59
C VAL A 11 14.45 -31.57 -13.30
N VAL A 12 15.50 -30.94 -12.80
CA VAL A 12 15.48 -30.14 -11.57
C VAL A 12 15.54 -28.67 -11.96
N ILE A 13 14.55 -27.89 -11.53
CA ILE A 13 14.57 -26.45 -11.79
C ILE A 13 15.08 -25.76 -10.53
N GLY A 14 16.30 -25.23 -10.61
CA GLY A 14 16.98 -24.62 -9.47
C GLY A 14 18.12 -25.48 -8.97
N ALA A 15 19.35 -25.03 -9.19
CA ALA A 15 20.54 -25.79 -8.82
C ALA A 15 21.05 -25.35 -7.46
N GLY A 16 20.17 -25.49 -6.46
CA GLY A 16 20.44 -25.04 -5.12
C GLY A 16 20.65 -26.17 -4.15
N SER A 17 20.54 -25.84 -2.86
CA SER A 17 20.80 -26.82 -1.81
C SER A 17 20.03 -28.11 -2.04
N GLY A 18 18.72 -28.01 -2.22
CA GLY A 18 17.89 -29.18 -2.41
C GLY A 18 18.00 -29.76 -3.80
N GLY A 19 17.99 -28.90 -4.82
CA GLY A 19 18.03 -29.39 -6.18
C GLY A 19 19.30 -30.14 -6.52
N LEU A 20 20.43 -29.65 -6.01
CA LEU A 20 21.71 -30.32 -6.31
C LEU A 20 21.80 -31.66 -5.59
N GLU A 21 21.34 -31.72 -4.35
CA GLU A 21 21.33 -33.00 -3.63
C GLU A 21 20.49 -34.02 -4.39
N ALA A 22 19.26 -33.65 -4.76
CA ALA A 22 18.43 -34.55 -5.53
C ALA A 22 19.10 -34.94 -6.84
N GLY A 23 19.62 -33.96 -7.57
CA GLY A 23 20.22 -34.24 -8.87
C GLY A 23 21.41 -35.18 -8.78
N TRP A 24 22.38 -34.84 -7.93
CA TRP A 24 23.55 -35.69 -7.73
C TRP A 24 23.17 -37.11 -7.30
N ASN A 25 22.23 -37.25 -6.36
CA ASN A 25 21.92 -38.57 -5.86
C ASN A 25 21.25 -39.42 -6.94
N ALA A 26 20.32 -38.83 -7.70
CA ALA A 26 19.64 -39.59 -8.77
C ALA A 26 20.65 -40.09 -9.80
N ALA A 27 21.62 -39.25 -10.18
CA ALA A 27 22.55 -39.67 -11.20
C ALA A 27 23.58 -40.67 -10.66
N THR A 28 24.21 -40.36 -9.52
CA THR A 28 25.32 -41.17 -9.04
C THR A 28 24.88 -42.39 -8.22
N LEU A 29 23.78 -42.30 -7.47
CA LEU A 29 23.33 -43.48 -6.74
C LEU A 29 22.49 -44.40 -7.60
N TYR A 30 21.60 -43.86 -8.44
CA TYR A 30 20.60 -44.70 -9.09
C TYR A 30 20.74 -44.73 -10.60
N GLY A 31 21.80 -44.13 -11.15
CA GLY A 31 22.06 -44.19 -12.58
C GLY A 31 21.03 -43.49 -13.45
N LYS A 32 20.27 -42.54 -12.90
CA LYS A 32 19.29 -41.84 -13.74
C LYS A 32 19.96 -40.73 -14.53
N ARG A 33 19.25 -40.27 -15.55
CA ARG A 33 19.68 -39.15 -16.38
C ARG A 33 19.02 -37.89 -15.87
N VAL A 34 19.83 -36.90 -15.49
CA VAL A 34 19.35 -35.75 -14.74
C VAL A 34 19.76 -34.49 -15.50
N ALA A 35 18.84 -33.53 -15.55
CA ALA A 35 19.12 -32.16 -16.01
C ALA A 35 18.85 -31.20 -14.86
N VAL A 36 19.72 -30.22 -14.66
CA VAL A 36 19.52 -29.20 -13.64
C VAL A 36 19.61 -27.84 -14.30
N VAL A 37 18.68 -26.93 -13.97
CA VAL A 37 18.57 -25.59 -14.56
C VAL A 37 18.85 -24.53 -13.49
N ASP A 38 19.72 -23.58 -13.81
CA ASP A 38 19.84 -22.36 -13.00
C ASP A 38 20.16 -21.18 -13.90
N VAL A 39 19.92 -19.98 -13.36
CA VAL A 39 19.94 -18.76 -14.16
C VAL A 39 21.33 -18.14 -14.31
N GLN A 40 22.32 -18.65 -13.60
CA GLN A 40 23.58 -17.93 -13.48
C GLN A 40 24.62 -18.92 -12.99
N THR A 41 25.83 -18.83 -13.52
CA THR A 41 26.84 -19.83 -13.19
C THR A 41 27.67 -19.44 -11.97
N SER A 42 27.71 -18.16 -11.59
CA SER A 42 28.45 -17.74 -10.41
C SER A 42 27.70 -16.60 -9.72
N HIS A 43 28.20 -16.24 -8.53
CA HIS A 43 27.42 -15.44 -7.58
C HIS A 43 27.30 -13.99 -8.03
N GLY A 44 26.26 -13.31 -7.51
CA GLY A 44 26.19 -11.86 -7.57
C GLY A 44 25.19 -11.28 -8.55
N PRO A 45 25.24 -9.96 -8.73
CA PRO A 45 24.32 -9.32 -9.66
C PRO A 45 24.51 -9.88 -11.06
N PRO A 46 23.45 -9.90 -11.87
CA PRO A 46 22.12 -9.34 -11.61
C PRO A 46 21.19 -10.24 -10.80
N PHE A 47 21.43 -11.55 -10.70
CA PHE A 47 20.41 -12.46 -10.16
C PHE A 47 20.72 -12.99 -8.77
N TYR A 48 21.94 -12.73 -8.27
CA TYR A 48 22.42 -12.91 -6.91
C TYR A 48 22.62 -14.38 -6.60
N ALA A 49 21.54 -15.14 -6.44
CA ALA A 49 21.64 -16.59 -6.40
C ALA A 49 22.04 -17.12 -7.76
N ALA A 50 22.61 -18.32 -7.76
CA ALA A 50 23.22 -18.91 -8.96
C ALA A 50 23.48 -20.38 -8.65
N LEU A 51 24.18 -21.05 -9.57
CA LEU A 51 24.62 -22.43 -9.37
C LEU A 51 25.18 -22.62 -7.96
N GLY A 52 24.59 -23.56 -7.21
CA GLY A 52 24.90 -23.76 -5.82
C GLY A 52 23.79 -23.35 -4.87
N GLY A 53 22.99 -22.36 -5.28
CA GLY A 53 21.81 -21.99 -4.53
C GLY A 53 22.00 -20.71 -3.73
N THR A 54 20.98 -20.42 -2.91
CA THR A 54 20.97 -19.18 -2.16
C THR A 54 21.96 -19.24 -1.00
N CYS A 55 22.07 -20.40 -0.35
CA CYS A 55 23.02 -20.56 0.75
C CYS A 55 24.44 -20.29 0.30
N VAL A 56 24.85 -20.96 -0.78
CA VAL A 56 26.22 -20.88 -1.29
C VAL A 56 26.55 -19.45 -1.71
N ASN A 57 25.62 -18.79 -2.41
CA ASN A 57 25.93 -17.54 -3.11
C ASN A 57 25.65 -16.29 -2.29
N VAL A 58 24.47 -16.21 -1.67
CA VAL A 58 24.03 -15.00 -0.97
C VAL A 58 23.25 -15.43 0.28
N GLY A 59 23.82 -16.38 1.03
CA GLY A 59 23.16 -16.95 2.20
C GLY A 59 24.15 -17.45 3.24
N CYS A 60 23.93 -18.68 3.74
CA CYS A 60 24.67 -19.18 4.90
C CYS A 60 26.18 -19.04 4.73
N VAL A 61 26.71 -19.40 3.57
CA VAL A 61 28.17 -19.47 3.42
C VAL A 61 28.78 -18.07 3.50
N PRO A 62 28.38 -17.11 2.66
CA PRO A 62 29.00 -15.79 2.82
C PRO A 62 28.63 -15.09 4.12
N LYS A 63 27.40 -15.26 4.63
CA LYS A 63 27.07 -14.55 5.87
C LYS A 63 27.89 -15.08 7.03
N LYS A 64 28.14 -16.38 7.08
CA LYS A 64 28.93 -16.94 8.16
C LYS A 64 30.35 -16.39 8.13
N LEU A 65 30.95 -16.28 6.92
CA LEU A 65 32.27 -15.66 6.81
C LEU A 65 32.26 -14.23 7.30
N MET A 66 31.21 -13.49 6.97
CA MET A 66 31.13 -12.09 7.36
C MET A 66 30.87 -11.94 8.86
N VAL A 67 30.01 -12.80 9.44
CA VAL A 67 29.86 -12.81 10.90
C VAL A 67 31.19 -13.14 11.56
N THR A 68 31.91 -14.13 11.02
CA THR A 68 33.22 -14.45 11.57
C THR A 68 34.14 -13.23 11.54
N GLY A 69 34.14 -12.48 10.44
CA GLY A 69 34.92 -11.25 10.39
C GLY A 69 34.46 -10.25 11.44
N ALA A 70 33.14 -10.14 11.63
CA ALA A 70 32.63 -9.18 12.59
C ALA A 70 32.98 -9.55 14.03
N GLN A 71 33.14 -10.86 14.32
CA GLN A 71 33.50 -11.28 15.66
C GLN A 71 34.87 -10.74 16.10
N TYR A 72 35.75 -10.37 15.17
CA TYR A 72 37.06 -9.87 15.55
C TYR A 72 36.99 -8.52 16.25
N MET A 73 35.95 -7.73 16.01
CA MET A 73 35.78 -6.53 16.84
C MET A 73 35.70 -6.90 18.30
N ASP A 74 34.95 -7.96 18.63
CA ASP A 74 34.91 -8.43 20.00
C ASP A 74 36.25 -9.02 20.43
N HIS A 75 36.88 -9.83 19.56
CA HIS A 75 38.14 -10.48 19.94
C HIS A 75 39.22 -9.47 20.27
N LEU A 76 39.41 -8.48 19.40
CA LEU A 76 40.44 -7.45 19.63
C LEU A 76 40.23 -6.73 20.96
N ARG A 77 38.99 -6.38 21.28
CA ARG A 77 38.74 -5.68 22.53
C ARG A 77 38.91 -6.60 23.74
N GLU A 78 38.37 -7.82 23.65
CA GLU A 78 38.41 -8.73 24.78
C GLU A 78 39.82 -9.24 25.08
N SER A 79 40.72 -9.19 24.09
CA SER A 79 42.07 -9.68 24.30
C SER A 79 42.83 -8.91 25.37
N ALA A 80 42.45 -7.66 25.65
CA ALA A 80 43.18 -6.86 26.62
C ALA A 80 43.03 -7.43 28.03
N GLY A 81 41.85 -7.93 28.36
CA GLY A 81 41.66 -8.57 29.66
C GLY A 81 42.60 -9.74 29.89
N PHE A 82 43.09 -10.37 28.84
CA PHE A 82 44.03 -11.46 28.97
C PHE A 82 45.47 -11.01 28.77
N GLY A 83 45.71 -9.70 28.77
CA GLY A 83 47.05 -9.17 28.74
C GLY A 83 47.54 -8.71 27.39
N TRP A 84 46.72 -8.82 26.34
CA TRP A 84 47.17 -8.36 25.03
C TRP A 84 47.14 -6.84 24.95
N GLU A 85 48.25 -6.26 24.47
CA GLU A 85 48.40 -4.83 24.32
C GLU A 85 48.70 -4.54 22.86
N PHE A 86 48.12 -3.48 22.32
CA PHE A 86 48.45 -3.00 20.99
C PHE A 86 47.81 -1.63 20.82
N ASP A 87 48.24 -0.93 19.76
CA ASP A 87 47.79 0.42 19.47
C ASP A 87 46.33 0.41 19.03
N GLY A 88 45.41 0.61 19.98
CA GLY A 88 44.00 0.61 19.65
C GLY A 88 43.63 1.67 18.62
N SER A 89 44.34 2.79 18.62
CA SER A 89 44.01 3.87 17.69
C SER A 89 44.31 3.49 16.24
N SER A 90 45.15 2.47 16.01
CA SER A 90 45.51 2.02 14.68
C SER A 90 44.49 1.06 14.06
N VAL A 91 43.47 0.64 14.80
CA VAL A 91 42.60 -0.45 14.36
C VAL A 91 41.63 0.05 13.28
N LYS A 92 41.55 -0.69 12.17
CA LYS A 92 40.60 -0.38 11.12
C LYS A 92 39.96 -1.67 10.62
N ALA A 93 38.67 -1.60 10.29
CA ALA A 93 37.96 -2.75 9.72
C ALA A 93 37.78 -2.46 8.23
N ASN A 94 38.51 -3.21 7.40
CA ASN A 94 38.51 -2.96 5.96
C ASN A 94 37.45 -3.86 5.34
N TRP A 95 36.29 -3.26 5.05
CA TRP A 95 35.15 -3.97 4.48
C TRP A 95 35.41 -4.46 3.06
N LYS A 96 36.12 -3.67 2.25
CA LYS A 96 36.44 -4.12 0.90
C LYS A 96 37.25 -5.41 0.91
N LYS A 97 38.21 -5.53 1.84
CA LYS A 97 38.96 -6.76 1.95
C LYS A 97 38.06 -7.94 2.32
N LEU A 98 37.18 -7.73 3.30
CA LEU A 98 36.22 -8.76 3.69
C LEU A 98 35.39 -9.22 2.49
N ILE A 99 34.82 -8.25 1.74
CA ILE A 99 33.94 -8.61 0.64
C ILE A 99 34.72 -9.29 -0.47
N ALA A 100 35.96 -8.84 -0.76
CA ALA A 100 36.76 -9.50 -1.79
C ALA A 100 37.14 -10.92 -1.36
N ALA A 101 37.47 -11.12 -0.09
CA ALA A 101 37.78 -12.47 0.38
C ALA A 101 36.55 -13.37 0.27
N LYS A 102 35.39 -12.86 0.70
CA LYS A 102 34.13 -13.59 0.57
C LYS A 102 33.84 -13.94 -0.89
N ASN A 103 34.03 -12.99 -1.80
CA ASN A 103 33.70 -13.22 -3.20
C ASN A 103 34.55 -14.35 -3.79
N GLU A 104 35.83 -14.40 -3.41
CA GLU A 104 36.73 -15.40 -3.99
C GLU A 104 36.40 -16.79 -3.47
N ALA A 105 36.05 -16.90 -2.18
CA ALA A 105 35.62 -18.18 -1.63
C ALA A 105 34.36 -18.69 -2.33
N VAL A 106 33.36 -17.81 -2.49
CA VAL A 106 32.11 -18.23 -3.12
C VAL A 106 32.33 -18.62 -4.57
N LEU A 107 33.10 -17.80 -5.31
CA LEU A 107 33.39 -18.14 -6.70
C LEU A 107 34.11 -19.49 -6.81
N ASP A 108 35.01 -19.81 -5.87
CA ASP A 108 35.65 -21.12 -5.88
C ASP A 108 34.64 -22.24 -5.80
N ILE A 109 33.61 -22.09 -4.97
CA ILE A 109 32.55 -23.09 -4.88
C ILE A 109 31.79 -23.17 -6.19
N ASN A 110 31.40 -22.01 -6.75
CA ASN A 110 30.76 -21.96 -8.07
C ASN A 110 31.52 -22.79 -9.09
N LYS A 111 32.83 -22.54 -9.20
CA LYS A 111 33.65 -23.23 -10.20
C LYS A 111 33.69 -24.73 -9.93
N SER A 112 33.81 -25.12 -8.66
CA SER A 112 33.81 -26.55 -8.37
C SER A 112 32.49 -27.22 -8.77
N TYR A 113 31.36 -26.53 -8.56
CA TYR A 113 30.07 -27.08 -9.00
C TYR A 113 30.03 -27.20 -10.51
N GLU A 114 30.57 -26.18 -11.20
CA GLU A 114 30.66 -26.21 -12.65
C GLU A 114 31.44 -27.43 -13.12
N GLY A 115 32.51 -27.79 -12.42
CA GLY A 115 33.30 -28.94 -12.84
C GLY A 115 32.62 -30.26 -12.55
N MET A 116 31.82 -30.31 -11.50
CA MET A 116 31.01 -31.49 -11.23
C MET A 116 30.12 -31.84 -12.40
N PHE A 117 29.48 -30.82 -13.01
CA PHE A 117 28.59 -31.06 -14.13
C PHE A 117 29.36 -31.48 -15.37
N ASN A 118 30.47 -30.79 -15.68
CA ASN A 118 31.28 -31.18 -16.82
C ASN A 118 31.70 -32.65 -16.75
N ASP A 119 31.87 -33.18 -15.53
CA ASP A 119 32.53 -34.47 -15.31
C ASP A 119 31.59 -35.64 -15.09
N THR A 120 30.38 -35.42 -14.59
CA THR A 120 29.58 -36.51 -14.03
C THR A 120 28.61 -37.08 -15.04
N GLU A 121 28.63 -38.40 -15.19
CA GLU A 121 27.73 -39.09 -16.10
C GLU A 121 26.27 -38.89 -15.68
N GLY A 122 25.44 -38.46 -16.64
CA GLY A 122 24.01 -38.33 -16.40
C GLY A 122 23.60 -37.18 -15.50
N LEU A 123 24.46 -36.19 -15.33
CA LEU A 123 24.15 -35.01 -14.52
C LEU A 123 24.57 -33.80 -15.35
N ASP A 124 23.61 -33.15 -16.01
CA ASP A 124 23.85 -32.07 -16.95
C ASP A 124 23.28 -30.77 -16.40
N PHE A 125 23.97 -29.66 -16.66
CA PHE A 125 23.54 -28.34 -16.24
C PHE A 125 23.11 -27.52 -17.44
N PHE A 126 21.98 -26.83 -17.32
CA PHE A 126 21.50 -25.93 -18.37
C PHE A 126 21.31 -24.53 -17.79
N LEU A 127 21.82 -23.54 -18.51
CA LEU A 127 21.77 -22.15 -18.07
C LEU A 127 20.53 -21.46 -18.61
N GLY A 128 19.70 -20.94 -17.73
CA GLY A 128 18.57 -20.12 -18.15
C GLY A 128 17.45 -20.24 -17.12
N TRP A 129 16.26 -19.78 -17.53
CA TRP A 129 15.08 -19.73 -16.66
C TRP A 129 14.16 -20.89 -17.02
N GLY A 130 13.96 -21.79 -16.06
CA GLY A 130 13.12 -22.96 -16.29
C GLY A 130 11.68 -22.63 -15.95
N SER A 131 10.76 -23.16 -16.75
CA SER A 131 9.34 -23.09 -16.44
C SER A 131 8.66 -24.33 -16.99
N LEU A 132 7.42 -24.56 -16.54
CA LEU A 132 6.66 -25.77 -16.86
C LEU A 132 5.78 -25.51 -18.09
N GLU A 133 6.09 -26.19 -19.19
CA GLU A 133 5.23 -26.05 -20.36
C GLU A 133 4.11 -27.07 -20.35
N SER A 134 4.46 -28.33 -20.09
CA SER A 134 3.48 -29.39 -19.92
C SER A 134 4.01 -30.37 -18.87
N LYS A 135 3.18 -31.36 -18.55
CA LYS A 135 3.49 -32.32 -17.50
C LYS A 135 4.87 -32.92 -17.65
N ASN A 136 5.37 -33.06 -18.90
CA ASN A 136 6.66 -33.70 -19.11
C ASN A 136 7.63 -32.85 -19.93
N VAL A 137 7.44 -31.53 -19.99
CA VAL A 137 8.37 -30.67 -20.74
C VAL A 137 8.70 -29.44 -19.90
N VAL A 138 9.98 -29.28 -19.56
CA VAL A 138 10.50 -28.05 -18.97
C VAL A 138 11.12 -27.21 -20.08
N VAL A 139 10.73 -25.94 -20.15
CA VAL A 139 11.30 -25.00 -21.13
C VAL A 139 12.34 -24.16 -20.41
N VAL A 140 13.46 -23.91 -21.08
CA VAL A 140 14.51 -23.04 -20.56
C VAL A 140 14.60 -21.83 -21.47
N ARG A 141 14.31 -20.65 -20.93
CA ARG A 141 14.26 -19.40 -21.69
C ARG A 141 15.40 -18.49 -21.28
N GLU A 142 15.62 -17.43 -22.08
CA GLU A 142 16.73 -16.53 -21.81
C GLU A 142 16.48 -15.64 -20.60
N THR A 143 15.22 -15.34 -20.27
CA THR A 143 14.91 -14.55 -19.08
C THR A 143 13.68 -15.09 -18.40
N ALA A 144 13.34 -14.48 -17.26
CA ALA A 144 12.12 -14.83 -16.53
C ALA A 144 10.84 -14.49 -17.31
N ASP A 145 10.93 -13.66 -18.33
CA ASP A 145 9.76 -13.32 -19.12
C ASP A 145 9.38 -14.52 -19.98
N PRO A 146 8.14 -15.03 -19.89
CA PRO A 146 7.77 -16.19 -20.70
C PRO A 146 7.68 -15.93 -22.18
N LYS A 147 7.83 -14.68 -22.63
CA LYS A 147 7.95 -14.37 -24.04
C LYS A 147 9.41 -14.34 -24.51
N SER A 148 10.37 -14.50 -23.61
CA SER A 148 11.77 -14.47 -24.02
C SER A 148 12.11 -15.77 -24.77
N ALA A 149 13.28 -15.80 -25.38
CA ALA A 149 13.61 -16.83 -26.35
C ALA A 149 13.90 -18.17 -25.68
N VAL A 150 13.49 -19.25 -26.36
CA VAL A 150 13.67 -20.61 -25.86
C VAL A 150 15.10 -21.05 -26.15
N LYS A 151 15.82 -21.45 -25.10
CA LYS A 151 17.15 -22.00 -25.28
C LYS A 151 17.12 -23.52 -25.39
N GLU A 152 16.28 -24.16 -24.58
CA GLU A 152 16.18 -25.61 -24.61
C GLU A 152 14.77 -26.00 -24.21
N ARG A 153 14.37 -27.18 -24.67
CA ARG A 153 13.23 -27.90 -24.11
C ARG A 153 13.76 -29.20 -23.56
N LEU A 154 13.40 -29.49 -22.32
CA LEU A 154 13.93 -30.64 -21.60
C LEU A 154 12.77 -31.59 -21.30
N GLN A 155 12.72 -32.73 -21.99
CA GLN A 155 11.68 -33.70 -21.67
C GLN A 155 12.03 -34.39 -20.37
N ALA A 156 11.02 -34.64 -19.54
CA ALA A 156 11.24 -35.10 -18.18
C ALA A 156 10.16 -36.09 -17.78
N ASP A 157 10.55 -37.28 -17.32
CA ASP A 157 9.58 -38.18 -16.69
C ASP A 157 9.13 -37.64 -15.34
N HIS A 158 10.07 -37.05 -14.59
CA HIS A 158 9.82 -36.46 -13.28
C HIS A 158 10.39 -35.06 -13.26
N ILE A 159 9.71 -34.13 -12.59
CA ILE A 159 10.15 -32.74 -12.52
C ILE A 159 10.23 -32.32 -11.05
N LEU A 160 11.35 -31.73 -10.67
CA LEU A 160 11.55 -31.23 -9.32
C LEU A 160 11.56 -29.71 -9.31
N LEU A 161 10.61 -29.11 -8.61
CA LEU A 161 10.61 -27.65 -8.39
C LEU A 161 11.44 -27.34 -7.16
N ALA A 162 12.57 -26.63 -7.34
CA ALA A 162 13.44 -26.30 -6.21
C ALA A 162 14.07 -24.91 -6.42
N THR A 163 13.24 -23.92 -6.71
CA THR A 163 13.69 -22.57 -7.04
C THR A 163 13.88 -21.68 -5.81
N GLY A 164 13.68 -22.20 -4.59
CA GLY A 164 13.93 -21.45 -3.35
C GLY A 164 13.00 -20.27 -3.13
N SER A 165 13.53 -19.22 -2.48
CA SER A 165 12.73 -18.07 -2.08
C SER A 165 13.46 -16.78 -2.46
N TRP A 166 12.84 -15.65 -2.12
CA TRP A 166 13.27 -14.31 -2.54
C TRP A 166 12.87 -13.32 -1.45
N PRO A 167 13.61 -12.23 -1.27
CA PRO A 167 13.25 -11.30 -0.20
C PRO A 167 11.96 -10.58 -0.55
N GLN A 168 11.18 -10.31 0.49
CA GLN A 168 9.93 -9.59 0.37
C GLN A 168 10.18 -8.12 0.64
N MET A 169 9.63 -7.24 -0.20
CA MET A 169 9.81 -5.83 -0.02
C MET A 169 8.45 -5.19 0.28
N PRO A 170 8.33 -4.40 1.33
CA PRO A 170 7.02 -3.80 1.64
C PRO A 170 6.70 -2.69 0.66
N ALA A 171 5.41 -2.52 0.39
CA ALA A 171 4.96 -1.51 -0.57
C ALA A 171 4.76 -0.21 0.19
N ILE A 172 5.87 0.50 0.37
CA ILE A 172 5.84 1.80 1.05
C ILE A 172 6.41 2.80 0.05
N PRO A 173 5.99 4.06 0.09
CA PRO A 173 6.64 5.07 -0.76
C PRO A 173 8.13 5.14 -0.47
N GLY A 174 8.92 5.25 -1.55
CA GLY A 174 10.35 5.22 -1.42
C GLY A 174 10.95 3.84 -1.22
N ILE A 175 10.20 2.76 -1.51
CA ILE A 175 10.77 1.43 -1.34
C ILE A 175 11.98 1.23 -2.24
N GLU A 176 12.05 1.99 -3.35
CA GLU A 176 13.17 1.90 -4.29
C GLU A 176 14.48 2.45 -3.72
N HIS A 177 14.44 3.18 -2.59
CA HIS A 177 15.67 3.63 -1.97
C HIS A 177 16.29 2.61 -1.03
N CYS A 178 15.64 1.45 -0.85
CA CYS A 178 16.03 0.41 0.09
C CYS A 178 16.63 -0.77 -0.65
N ILE A 179 17.32 -1.64 0.08
CA ILE A 179 17.92 -2.85 -0.46
C ILE A 179 17.45 -4.05 0.34
N SER A 180 17.92 -5.23 -0.06
CA SER A 180 17.68 -6.48 0.65
C SER A 180 19.03 -7.07 1.04
N SER A 181 19.01 -8.27 1.64
CA SER A 181 20.27 -8.94 1.94
C SER A 181 21.09 -9.17 0.68
N ASN A 182 20.44 -9.33 -0.48
CA ASN A 182 21.15 -9.61 -1.72
C ASN A 182 22.18 -8.53 -2.00
N GLU A 183 21.74 -7.28 -1.92
CA GLU A 183 22.61 -6.14 -2.23
C GLU A 183 23.60 -5.88 -1.11
N ALA A 184 23.23 -6.21 0.12
CA ALA A 184 24.13 -6.01 1.26
C ALA A 184 25.45 -6.75 1.05
N PHE A 185 25.41 -7.92 0.40
CA PHE A 185 26.61 -8.72 0.17
C PHE A 185 27.59 -8.04 -0.79
N TYR A 186 27.18 -6.96 -1.47
CA TYR A 186 28.01 -6.31 -2.49
C TYR A 186 28.19 -4.82 -2.26
N LEU A 187 27.79 -4.30 -1.11
CA LEU A 187 27.98 -2.87 -0.86
C LEU A 187 29.44 -2.46 -1.08
N PRO A 188 29.73 -1.48 -1.93
CA PRO A 188 31.13 -1.11 -2.14
C PRO A 188 31.83 -0.64 -0.88
N GLU A 189 31.11 0.00 0.04
CA GLU A 189 31.65 0.53 1.28
C GLU A 189 30.72 0.18 2.42
N PRO A 190 31.25 -0.03 3.63
CA PRO A 190 30.38 -0.28 4.78
C PRO A 190 29.59 0.98 5.13
N PRO A 191 28.28 0.86 5.36
CA PRO A 191 27.47 2.05 5.67
C PRO A 191 27.83 2.67 7.00
N ARG A 192 27.93 4.00 7.00
CA ARG A 192 28.15 4.70 8.26
C ARG A 192 26.94 4.54 9.18
N ARG A 193 25.74 4.78 8.64
CA ARG A 193 24.47 4.61 9.32
C ARG A 193 23.60 3.67 8.52
N VAL A 194 23.11 2.61 9.16
CA VAL A 194 22.26 1.64 8.49
C VAL A 194 21.10 1.28 9.40
N LEU A 195 19.91 1.20 8.81
CA LEU A 195 18.72 0.67 9.45
C LEU A 195 18.46 -0.70 8.85
N THR A 196 18.43 -1.75 9.69
CA THR A 196 17.95 -3.05 9.23
C THR A 196 16.55 -3.26 9.77
N VAL A 197 15.63 -3.57 8.86
CA VAL A 197 14.20 -3.67 9.13
C VAL A 197 13.81 -5.14 9.20
N GLY A 198 13.36 -5.59 10.35
CA GLY A 198 12.99 -6.99 10.54
C GLY A 198 13.48 -7.45 11.89
N GLY A 199 12.71 -8.34 12.51
CA GLY A 199 13.10 -8.96 13.74
C GLY A 199 13.64 -10.38 13.59
N GLY A 200 13.86 -10.85 12.36
CA GLY A 200 14.28 -12.21 12.13
C GLY A 200 15.79 -12.35 12.04
N PHE A 201 16.24 -13.58 11.79
CA PHE A 201 17.67 -13.88 11.91
C PHE A 201 18.51 -13.10 10.90
N ILE A 202 17.96 -12.80 9.72
CA ILE A 202 18.77 -12.10 8.71
C ILE A 202 18.99 -10.65 9.12
N SER A 203 17.96 -10.00 9.63
CA SER A 203 18.11 -8.64 10.13
C SER A 203 19.11 -8.59 11.28
N VAL A 204 19.03 -9.55 12.20
CA VAL A 204 19.88 -9.55 13.38
C VAL A 204 21.32 -9.86 13.01
N GLU A 205 21.52 -10.83 12.11
CA GLU A 205 22.87 -11.20 11.72
C GLU A 205 23.55 -10.04 10.98
N PHE A 206 22.83 -9.37 10.08
CA PHE A 206 23.43 -8.26 9.36
C PHE A 206 23.66 -7.05 10.25
N ALA A 207 22.79 -6.82 11.24
CA ALA A 207 23.04 -5.78 12.23
C ALA A 207 24.39 -6.00 12.90
N GLY A 208 24.69 -7.25 13.28
CA GLY A 208 25.99 -7.53 13.86
C GLY A 208 27.13 -7.29 12.89
N ILE A 209 26.94 -7.67 11.63
CA ILE A 209 28.01 -7.53 10.65
C ILE A 209 28.33 -6.05 10.40
N PHE A 210 27.30 -5.26 10.10
CA PHE A 210 27.48 -3.83 9.90
C PHE A 210 28.04 -3.14 11.14
N ASN A 211 27.64 -3.61 12.34
CA ASN A 211 28.10 -2.96 13.56
C ASN A 211 29.61 -3.08 13.73
N ALA A 212 30.21 -4.18 13.27
CA ALA A 212 31.65 -4.35 13.43
C ALA A 212 32.46 -3.57 12.40
N TYR A 213 31.94 -3.41 11.19
CA TYR A 213 32.68 -2.80 10.09
C TYR A 213 32.29 -1.35 9.84
N LYS A 214 31.37 -0.79 10.62
CA LYS A 214 30.95 0.59 10.37
C LYS A 214 32.14 1.53 10.51
N PRO A 215 32.20 2.59 9.69
CA PRO A 215 33.32 3.54 9.80
C PRO A 215 33.20 4.36 11.08
N PRO A 216 34.20 5.20 11.36
CA PRO A 216 34.16 6.02 12.58
C PRO A 216 32.88 6.84 12.69
N GLY A 217 32.31 6.85 13.89
CA GLY A 217 31.09 7.61 14.14
C GLY A 217 29.85 6.98 13.56
N GLY A 218 29.93 5.70 13.18
CA GLY A 218 28.77 5.04 12.61
C GLY A 218 27.81 4.54 13.67
N LYS A 219 26.64 4.12 13.20
CA LYS A 219 25.60 3.63 14.08
C LYS A 219 24.71 2.67 13.29
N VAL A 220 24.42 1.53 13.90
CA VAL A 220 23.52 0.52 13.35
C VAL A 220 22.23 0.55 14.16
N THR A 221 21.10 0.66 13.47
CA THR A 221 19.78 0.62 14.07
C THR A 221 19.00 -0.55 13.47
N LEU A 222 18.40 -1.35 14.33
CA LEU A 222 17.49 -2.41 13.91
C LEU A 222 16.10 -2.03 14.36
N CYS A 223 15.12 -2.08 13.47
CA CYS A 223 13.76 -1.80 13.87
C CYS A 223 12.91 -3.04 13.68
N TYR A 224 11.91 -3.18 14.53
CA TYR A 224 10.99 -4.32 14.48
C TYR A 224 9.59 -3.84 14.85
N ARG A 225 8.60 -4.21 14.03
CA ARG A 225 7.26 -3.66 14.17
C ARG A 225 6.51 -4.21 15.39
N ASN A 226 6.94 -5.33 15.95
CA ASN A 226 6.32 -5.86 17.16
C ASN A 226 7.25 -5.63 18.36
N ASN A 227 6.87 -6.18 19.51
CA ASN A 227 7.48 -5.78 20.78
C ASN A 227 8.85 -6.42 21.02
N LEU A 228 9.12 -7.60 20.46
CA LEU A 228 10.33 -8.35 20.82
C LEU A 228 10.85 -9.12 19.61
N ILE A 229 12.14 -8.98 19.31
CA ILE A 229 12.67 -9.58 18.09
C ILE A 229 12.72 -11.09 18.21
N LEU A 230 12.92 -11.73 17.04
CA LEU A 230 13.21 -13.16 16.92
C LEU A 230 12.04 -14.02 17.39
N ARG A 231 10.85 -13.69 16.91
N ARG A 231 10.85 -13.68 16.90
N ARG A 231 10.85 -13.69 16.91
N ARG A 231 10.84 -13.69 16.91
CA ARG A 231 9.69 -14.53 17.18
CA ARG A 231 9.68 -14.54 17.10
CA ARG A 231 9.69 -14.53 17.18
CA ARG A 231 9.68 -14.54 17.10
C ARG A 231 9.95 -15.94 16.68
C ARG A 231 10.02 -15.97 16.69
C ARG A 231 9.95 -15.94 16.68
C ARG A 231 10.02 -15.97 16.69
N GLY A 232 9.47 -16.93 17.44
CA GLY A 232 9.73 -18.32 17.19
C GLY A 232 10.84 -18.91 18.03
N PHE A 233 11.72 -18.07 18.58
CA PHE A 233 12.81 -18.55 19.42
C PHE A 233 12.43 -18.45 20.89
N ASP A 234 13.23 -19.11 21.73
CA ASP A 234 13.04 -19.08 23.17
C ASP A 234 12.93 -17.66 23.68
N GLU A 235 11.93 -17.41 24.55
CA GLU A 235 11.67 -16.02 24.94
C GLU A 235 12.78 -15.45 25.81
N THR A 236 13.32 -16.27 26.73
CA THR A 236 14.47 -15.82 27.53
C THR A 236 15.61 -15.41 26.60
N ILE A 237 15.81 -16.16 25.53
CA ILE A 237 16.91 -15.87 24.61
C ILE A 237 16.60 -14.64 23.76
N ARG A 238 15.33 -14.49 23.35
CA ARG A 238 14.94 -13.26 22.65
C ARG A 238 15.25 -12.02 23.47
N GLU A 239 14.89 -12.04 24.76
CA GLU A 239 15.17 -10.92 25.65
C GLU A 239 16.67 -10.71 25.84
N GLU A 240 17.42 -11.79 26.06
CA GLU A 240 18.85 -11.66 26.31
C GLU A 240 19.62 -11.19 25.08
N VAL A 241 19.26 -11.72 23.91
CA VAL A 241 19.95 -11.30 22.69
C VAL A 241 19.71 -9.82 22.43
N THR A 242 18.52 -9.31 22.78
CA THR A 242 18.25 -7.88 22.65
C THR A 242 19.20 -7.07 23.51
N LYS A 243 19.35 -7.45 24.79
CA LYS A 243 20.27 -6.74 25.69
C LYS A 243 21.69 -6.77 25.16
N GLN A 244 22.13 -7.90 24.62
CA GLN A 244 23.54 -8.03 24.29
C GLN A 244 23.87 -7.35 22.97
N LEU A 245 22.92 -7.33 22.04
CA LEU A 245 23.03 -6.46 20.88
C LEU A 245 23.11 -5.00 21.32
N THR A 246 22.21 -4.61 22.22
CA THR A 246 22.23 -3.23 22.73
C THR A 246 23.57 -2.91 23.38
N ALA A 247 24.08 -3.84 24.21
CA ALA A 247 25.34 -3.62 24.91
C ALA A 247 26.51 -3.46 23.96
N ASN A 248 26.39 -3.95 22.72
CA ASN A 248 27.46 -3.81 21.74
C ASN A 248 27.23 -2.64 20.80
N GLY A 249 26.29 -1.76 21.14
CA GLY A 249 26.15 -0.51 20.42
C GLY A 249 25.10 -0.49 19.33
N ILE A 250 24.28 -1.53 19.22
CA ILE A 250 23.20 -1.54 18.24
C ILE A 250 21.94 -1.01 18.90
N GLU A 251 21.28 -0.06 18.26
CA GLU A 251 20.03 0.49 18.75
C GLU A 251 18.89 -0.34 18.20
N ILE A 252 18.05 -0.88 19.08
CA ILE A 252 16.93 -1.73 18.69
C ILE A 252 15.62 -0.97 18.92
N MET A 253 14.97 -0.57 17.83
CA MET A 253 13.66 0.10 17.88
C MET A 253 12.56 -0.94 17.72
N THR A 254 11.94 -1.35 18.82
CA THR A 254 10.79 -2.23 18.69
C THR A 254 9.50 -1.43 18.65
N ASN A 255 8.44 -2.10 18.19
CA ASN A 255 7.14 -1.47 17.95
C ASN A 255 7.25 -0.30 16.98
N GLU A 256 8.14 -0.42 16.00
CA GLU A 256 8.38 0.65 15.04
C GLU A 256 8.47 0.07 13.64
N ASN A 257 7.99 0.83 12.67
CA ASN A 257 7.87 0.31 11.30
C ASN A 257 7.94 1.43 10.27
N PRO A 258 8.83 1.33 9.28
CA PRO A 258 8.93 2.39 8.27
C PRO A 258 7.62 2.60 7.53
N ALA A 259 7.22 3.88 7.42
CA ALA A 259 6.07 4.25 6.61
C ALA A 259 6.47 4.73 5.22
N LYS A 260 7.65 5.33 5.10
CA LYS A 260 8.08 5.88 3.82
C LYS A 260 9.56 6.21 3.95
N VAL A 261 10.22 6.32 2.80
CA VAL A 261 11.63 6.67 2.72
C VAL A 261 11.79 7.72 1.63
N SER A 262 12.51 8.78 1.93
CA SER A 262 12.81 9.79 0.92
C SER A 262 14.30 10.07 0.94
N LEU A 263 14.79 10.78 -0.07
CA LEU A 263 16.19 11.16 -0.13
C LEU A 263 16.36 12.56 0.42
N ASN A 264 17.32 12.72 1.33
CA ASN A 264 17.72 14.06 1.71
C ASN A 264 18.49 14.69 0.57
N THR A 265 18.71 16.01 0.67
CA THR A 265 19.40 16.69 -0.41
C THR A 265 20.83 16.21 -0.59
N ASP A 266 21.43 15.62 0.45
CA ASP A 266 22.76 15.06 0.36
C ASP A 266 22.77 13.61 -0.10
N GLY A 267 21.63 13.03 -0.46
CA GLY A 267 21.57 11.65 -0.92
C GLY A 267 21.35 10.61 0.17
N SER A 268 21.48 10.98 1.45
CA SER A 268 21.16 10.03 2.50
C SER A 268 19.66 9.74 2.54
N LYS A 269 19.29 8.67 3.24
CA LYS A 269 17.91 8.23 3.30
C LYS A 269 17.23 8.78 4.55
N HIS A 270 16.09 9.41 4.35
CA HIS A 270 15.27 9.92 5.44
C HIS A 270 14.10 8.98 5.63
N VAL A 271 14.10 8.23 6.73
CA VAL A 271 13.07 7.24 7.04
C VAL A 271 12.06 7.88 7.99
N THR A 272 10.79 7.79 7.65
CA THR A 272 9.73 8.17 8.57
C THR A 272 8.98 6.92 8.99
N PHE A 273 8.88 6.70 10.29
CA PHE A 273 8.16 5.57 10.84
C PHE A 273 6.68 5.92 10.98
N GLU A 274 5.85 4.88 11.08
CA GLU A 274 4.42 5.08 11.33
C GLU A 274 4.18 5.92 12.57
N SER A 275 5.03 5.79 13.59
CA SER A 275 4.87 6.61 14.80
C SER A 275 5.13 8.08 14.53
N GLY A 276 5.84 8.42 13.45
CA GLY A 276 6.25 9.78 13.18
C GLY A 276 7.68 10.08 13.55
N LYS A 277 8.35 9.17 14.25
CA LYS A 277 9.78 9.26 14.44
C LYS A 277 10.46 9.26 13.08
N THR A 278 11.67 9.81 13.05
CA THR A 278 12.45 9.89 11.82
C THR A 278 13.85 9.42 12.09
N LEU A 279 14.49 8.85 11.06
CA LEU A 279 15.87 8.43 11.17
C LEU A 279 16.56 8.66 9.83
N ASP A 280 17.73 9.28 9.88
CA ASP A 280 18.57 9.45 8.69
C ASP A 280 19.64 8.37 8.69
N VAL A 281 19.71 7.60 7.61
CA VAL A 281 20.70 6.54 7.45
C VAL A 281 21.25 6.59 6.03
N ASP A 282 22.34 5.88 5.82
CA ASP A 282 22.92 5.76 4.48
C ASP A 282 22.42 4.54 3.72
N VAL A 283 21.88 3.53 4.43
CA VAL A 283 21.38 2.30 3.84
C VAL A 283 20.16 1.87 4.65
N VAL A 284 19.10 1.48 3.95
CA VAL A 284 17.96 0.81 4.57
C VAL A 284 17.95 -0.59 3.99
N MET A 285 18.18 -1.61 4.83
CA MET A 285 18.12 -3.00 4.39
C MET A 285 16.84 -3.63 4.91
N MET A 286 15.97 -4.04 3.98
CA MET A 286 14.72 -4.72 4.31
C MET A 286 14.98 -6.20 4.48
N ALA A 287 14.48 -6.75 5.58
CA ALA A 287 14.69 -8.14 5.96
C ALA A 287 13.45 -8.60 6.72
N ILE A 288 12.29 -8.34 6.14
CA ILE A 288 11.02 -8.61 6.79
C ILE A 288 10.45 -9.97 6.44
N GLY A 289 11.11 -10.72 5.56
CA GLY A 289 10.59 -12.02 5.19
C GLY A 289 11.08 -12.43 3.83
N ARG A 290 10.95 -13.73 3.57
CA ARG A 290 11.30 -14.29 2.27
C ARG A 290 10.14 -15.12 1.76
N ILE A 291 9.80 -14.94 0.49
CA ILE A 291 8.61 -15.55 -0.11
C ILE A 291 9.01 -16.59 -1.14
N PRO A 292 8.26 -17.66 -1.30
CA PRO A 292 8.65 -18.72 -2.23
C PRO A 292 8.59 -18.26 -3.69
N ARG A 293 9.51 -18.78 -4.48
CA ARG A 293 9.79 -18.27 -5.83
C ARG A 293 9.02 -19.10 -6.85
N THR A 294 7.74 -18.76 -7.02
CA THR A 294 6.86 -19.51 -7.92
C THR A 294 6.43 -18.74 -9.15
N ASN A 295 6.49 -17.40 -9.12
CA ASN A 295 5.89 -16.59 -10.18
C ASN A 295 6.40 -16.97 -11.56
N ASP A 296 7.68 -17.32 -11.68
CA ASP A 296 8.27 -17.50 -13.00
C ASP A 296 8.12 -18.92 -13.53
N LEU A 297 7.60 -19.85 -12.73
CA LEU A 297 7.52 -21.25 -13.14
C LEU A 297 6.35 -21.54 -14.08
N GLN A 298 5.43 -20.59 -14.24
CA GLN A 298 4.23 -20.78 -15.07
C GLN A 298 3.47 -22.03 -14.63
N LEU A 299 3.23 -22.13 -13.32
CA LEU A 299 2.62 -23.35 -12.80
C LEU A 299 1.19 -23.55 -13.28
N GLY A 300 0.53 -22.46 -13.73
CA GLY A 300 -0.81 -22.60 -14.31
C GLY A 300 -0.85 -23.51 -15.51
N ASN A 301 0.27 -23.65 -16.22
CA ASN A 301 0.27 -24.47 -17.43
C ASN A 301 -0.07 -25.91 -17.13
N VAL A 302 0.27 -26.40 -15.95
CA VAL A 302 0.04 -27.80 -15.59
C VAL A 302 -0.86 -27.96 -14.39
N GLY A 303 -1.21 -26.88 -13.70
CA GLY A 303 -2.17 -26.96 -12.61
C GLY A 303 -1.60 -27.29 -11.24
N VAL A 304 -0.34 -26.95 -10.99
CA VAL A 304 0.27 -27.21 -9.68
C VAL A 304 -0.33 -26.26 -8.66
N LYS A 305 -0.88 -26.82 -7.58
CA LYS A 305 -1.60 -26.02 -6.59
C LYS A 305 -0.63 -25.32 -5.64
N LEU A 306 -0.88 -24.05 -5.40
CA LEU A 306 -0.20 -23.30 -4.37
C LEU A 306 -1.04 -23.27 -3.10
N THR A 307 -0.37 -23.14 -1.96
CA THR A 307 -1.06 -22.94 -0.71
C THR A 307 -1.62 -21.53 -0.67
N PRO A 308 -2.59 -21.27 0.25
CA PRO A 308 -3.03 -19.90 0.50
C PRO A 308 -1.84 -18.95 0.65
N LYS A 309 -0.81 -19.43 1.33
CA LYS A 309 0.33 -18.58 1.65
C LYS A 309 1.17 -18.24 0.41
N GLY A 310 1.19 -19.11 -0.59
CA GLY A 310 1.95 -18.88 -1.82
C GLY A 310 3.01 -19.92 -2.11
N GLY A 311 3.24 -20.90 -1.23
CA GLY A 311 4.19 -21.95 -1.50
C GLY A 311 3.55 -23.10 -2.25
N VAL A 312 4.38 -23.89 -2.93
CA VAL A 312 3.87 -25.07 -3.61
C VAL A 312 3.34 -26.05 -2.57
N GLN A 313 2.09 -26.46 -2.72
CA GLN A 313 1.54 -27.46 -1.82
C GLN A 313 2.18 -28.81 -2.08
N VAL A 314 2.60 -29.49 -1.01
CA VAL A 314 3.18 -30.83 -1.12
C VAL A 314 2.61 -31.72 -0.03
N ASP A 315 2.67 -33.04 -0.26
CA ASP A 315 2.40 -33.99 0.80
C ASP A 315 3.71 -34.30 1.53
N GLU A 316 3.65 -35.23 2.48
CA GLU A 316 4.84 -35.59 3.25
C GLU A 316 5.97 -36.13 2.38
N PHE A 317 5.65 -36.62 1.17
CA PHE A 317 6.68 -37.16 0.26
C PHE A 317 7.10 -36.15 -0.80
N SER A 318 6.79 -34.87 -0.59
CA SER A 318 7.15 -33.76 -1.48
C SER A 318 6.39 -33.81 -2.80
N ARG A 319 5.26 -34.52 -2.88
CA ARG A 319 4.52 -34.60 -4.14
C ARG A 319 3.52 -33.46 -4.22
N THR A 320 3.50 -32.77 -5.37
CA THR A 320 2.43 -31.82 -5.68
C THR A 320 1.17 -32.61 -6.05
N ASN A 321 0.14 -31.91 -6.53
CA ASN A 321 -1.09 -32.54 -6.97
C ASN A 321 -0.98 -33.11 -8.37
N VAL A 322 0.08 -32.78 -9.10
CA VAL A 322 0.38 -33.40 -10.38
C VAL A 322 1.34 -34.56 -10.13
N PRO A 323 0.99 -35.80 -10.53
CA PRO A 323 1.67 -36.99 -9.99
C PRO A 323 3.20 -36.99 -10.02
N ASN A 324 3.81 -36.59 -11.13
CA ASN A 324 5.25 -36.70 -11.34
C ASN A 324 6.01 -35.39 -11.09
N ILE A 325 5.36 -34.41 -10.48
CA ILE A 325 5.96 -33.11 -10.22
C ILE A 325 6.08 -32.97 -8.70
N TYR A 326 7.29 -32.67 -8.25
CA TYR A 326 7.62 -32.62 -6.84
C TYR A 326 8.17 -31.24 -6.50
N ALA A 327 8.12 -30.88 -5.22
CA ALA A 327 8.72 -29.63 -4.76
C ALA A 327 9.35 -29.82 -3.39
N ILE A 328 10.54 -29.24 -3.21
CA ILE A 328 11.29 -29.28 -1.95
C ILE A 328 11.88 -27.91 -1.69
N GLY A 329 12.35 -27.70 -0.44
CA GLY A 329 13.09 -26.50 -0.12
C GLY A 329 12.19 -25.34 0.20
N ASP A 330 12.75 -24.12 0.08
CA ASP A 330 12.02 -22.91 0.43
C ASP A 330 10.78 -22.70 -0.43
N ILE A 331 10.69 -23.33 -1.60
CA ILE A 331 9.50 -23.10 -2.41
C ILE A 331 8.27 -23.72 -1.78
N THR A 332 8.45 -24.64 -0.84
CA THR A 332 7.31 -25.19 -0.11
C THR A 332 6.93 -24.34 1.10
N ASP A 333 7.68 -23.27 1.37
CA ASP A 333 7.32 -22.24 2.33
C ASP A 333 7.02 -22.81 3.72
N ARG A 334 7.92 -23.68 4.17
N ARG A 334 7.94 -23.65 4.19
N ARG A 334 7.92 -23.68 4.17
N ARG A 334 7.94 -23.64 4.20
CA ARG A 334 7.85 -24.27 5.51
CA ARG A 334 7.85 -24.23 5.53
CA ARG A 334 7.85 -24.27 5.51
CA ARG A 334 7.84 -24.22 5.53
C ARG A 334 9.08 -23.84 6.30
C ARG A 334 9.08 -23.83 6.32
C ARG A 334 9.08 -23.84 6.30
C ARG A 334 9.08 -23.83 6.32
N LEU A 335 9.98 -24.78 6.57
CA LEU A 335 11.25 -24.48 7.22
C LEU A 335 12.27 -24.12 6.14
N MET A 336 12.72 -22.87 6.14
CA MET A 336 13.63 -22.39 5.10
C MET A 336 15.06 -22.52 5.62
N LEU A 337 15.59 -23.75 5.55
CA LEU A 337 16.93 -24.07 6.03
C LEU A 337 17.60 -24.98 5.01
N THR A 338 18.88 -24.71 4.74
CA THR A 338 19.58 -25.51 3.74
C THR A 338 19.59 -27.00 4.05
N PRO A 339 19.90 -27.47 5.26
CA PRO A 339 19.94 -28.93 5.47
C PRO A 339 18.56 -29.58 5.44
N VAL A 340 17.48 -28.82 5.64
CA VAL A 340 16.15 -29.39 5.42
C VAL A 340 15.92 -29.64 3.93
N ALA A 341 16.26 -28.64 3.08
CA ALA A 341 16.09 -28.82 1.64
C ALA A 341 16.90 -30.01 1.14
N ILE A 342 18.12 -30.17 1.65
CA ILE A 342 18.98 -31.28 1.26
C ILE A 342 18.35 -32.60 1.69
N ASN A 343 17.88 -32.68 2.94
CA ASN A 343 17.22 -33.90 3.42
C ASN A 343 16.02 -34.24 2.55
N GLU A 344 15.18 -33.24 2.26
CA GLU A 344 14.02 -33.47 1.39
C GLU A 344 14.44 -33.98 0.02
N GLY A 345 15.47 -33.37 -0.57
CA GLY A 345 15.96 -33.83 -1.85
C GLY A 345 16.39 -35.29 -1.82
N ALA A 346 17.22 -35.64 -0.83
CA ALA A 346 17.72 -37.01 -0.74
C ALA A 346 16.57 -37.99 -0.51
N ALA A 347 15.61 -37.61 0.33
CA ALA A 347 14.47 -38.51 0.60
C ALA A 347 13.61 -38.71 -0.64
N LEU A 348 13.36 -37.63 -1.39
CA LEU A 348 12.57 -37.74 -2.62
C LEU A 348 13.20 -38.72 -3.58
N VAL A 349 14.52 -38.62 -3.77
CA VAL A 349 15.18 -39.43 -4.78
C VAL A 349 15.22 -40.89 -4.35
N ASP A 350 15.43 -41.15 -3.05
CA ASP A 350 15.36 -42.52 -2.55
C ASP A 350 13.96 -43.10 -2.76
N THR A 351 12.93 -42.29 -2.57
CA THR A 351 11.57 -42.80 -2.71
C THR A 351 11.25 -43.09 -4.18
N VAL A 352 11.56 -42.15 -5.06
CA VAL A 352 11.13 -42.21 -6.45
C VAL A 352 11.95 -43.21 -7.24
N PHE A 353 13.28 -43.15 -7.09
CA PHE A 353 14.17 -43.97 -7.88
C PHE A 353 14.82 -45.08 -7.08
N GLY A 354 14.64 -45.12 -5.76
CA GLY A 354 15.41 -46.05 -4.94
C GLY A 354 14.64 -47.22 -4.33
N ASN A 355 13.32 -47.26 -4.50
CA ASN A 355 12.45 -48.29 -3.90
C ASN A 355 12.64 -48.34 -2.39
N LYS A 356 12.96 -47.20 -1.77
CA LYS A 356 13.17 -47.10 -0.33
C LYS A 356 12.46 -45.84 0.13
N PRO A 357 11.15 -45.92 0.34
CA PRO A 357 10.37 -44.71 0.65
C PRO A 357 10.85 -44.07 1.93
N ARG A 358 10.73 -42.75 1.99
CA ARG A 358 11.28 -41.98 3.09
C ARG A 358 10.72 -40.57 3.06
N LYS A 359 10.23 -40.09 4.19
CA LYS A 359 9.77 -38.71 4.30
C LYS A 359 10.62 -37.96 5.32
N THR A 360 10.89 -36.69 5.02
CA THR A 360 11.66 -35.84 5.91
C THR A 360 10.90 -35.60 7.21
N ASP A 361 11.62 -35.67 8.32
CA ASP A 361 11.07 -35.33 9.63
C ASP A 361 11.35 -33.85 9.89
N HIS A 362 10.32 -33.03 9.86
CA HIS A 362 10.44 -31.60 10.09
C HIS A 362 10.39 -31.21 11.56
N THR A 363 10.35 -32.17 12.47
CA THR A 363 10.38 -31.87 13.90
C THR A 363 11.80 -32.06 14.43
N ARG A 364 12.10 -31.33 15.50
CA ARG A 364 13.35 -31.50 16.22
C ARG A 364 14.55 -31.21 15.31
N VAL A 365 14.37 -30.24 14.40
CA VAL A 365 15.46 -29.81 13.52
C VAL A 365 16.32 -28.80 14.28
N ALA A 366 17.59 -29.13 14.45
CA ALA A 366 18.49 -28.17 15.06
C ALA A 366 18.81 -27.05 14.07
N SER A 367 18.92 -25.82 14.60
CA SER A 367 19.22 -24.68 13.75
C SER A 367 19.96 -23.65 14.60
N ALA A 368 20.46 -22.60 13.93
CA ALA A 368 21.29 -21.60 14.62
C ALA A 368 20.98 -20.20 14.11
N VAL A 369 21.29 -19.21 14.95
CA VAL A 369 21.34 -17.81 14.58
C VAL A 369 22.76 -17.33 14.84
N PHE A 370 23.44 -16.85 13.79
CA PHE A 370 24.79 -16.36 13.98
C PHE A 370 24.81 -14.88 14.34
N SER A 371 24.00 -14.55 15.34
CA SER A 371 24.09 -13.28 16.01
C SER A 371 25.37 -13.24 16.83
N ILE A 372 25.71 -12.06 17.32
CA ILE A 372 26.88 -11.98 18.18
C ILE A 372 26.38 -11.58 19.57
N PRO A 373 26.35 -12.51 20.52
CA PRO A 373 26.73 -13.92 20.44
C PRO A 373 25.61 -14.80 19.85
N PRO A 374 25.91 -16.05 19.45
CA PRO A 374 24.99 -16.81 18.59
C PRO A 374 24.00 -17.67 19.39
N ILE A 375 23.00 -18.18 18.66
CA ILE A 375 21.93 -19.02 19.21
C ILE A 375 22.06 -20.41 18.62
N GLY A 376 21.77 -21.43 19.41
CA GLY A 376 21.60 -22.77 18.89
C GLY A 376 20.37 -23.35 19.53
N THR A 377 19.51 -23.98 18.71
CA THR A 377 18.23 -24.45 19.19
C THR A 377 17.81 -25.71 18.45
N CYS A 378 17.04 -26.55 19.14
CA CYS A 378 16.47 -27.76 18.55
C CYS A 378 15.19 -28.09 19.32
N GLY A 379 14.06 -28.23 18.62
CA GLY A 379 12.81 -28.61 19.26
C GLY A 379 11.94 -27.44 19.71
N LEU A 380 11.04 -27.76 20.64
CA LEU A 380 9.93 -26.87 20.98
C LEU A 380 10.35 -25.80 21.97
N ILE A 381 9.84 -24.59 21.77
CA ILE A 381 9.87 -23.61 22.83
C ILE A 381 8.79 -23.94 23.85
N GLU A 382 8.97 -23.43 25.07
CA GLU A 382 8.17 -23.91 26.18
C GLU A 382 6.70 -23.53 26.05
N GLU A 383 6.41 -22.34 25.51
CA GLU A 383 4.99 -21.96 25.39
C GLU A 383 4.28 -22.82 24.36
N VAL A 384 4.97 -23.26 23.32
CA VAL A 384 4.37 -24.21 22.40
C VAL A 384 4.18 -25.55 23.07
N ALA A 385 5.19 -26.03 23.81
CA ALA A 385 5.09 -27.32 24.46
C ALA A 385 3.94 -27.33 25.48
N ALA A 386 3.73 -26.22 26.17
CA ALA A 386 2.70 -26.15 27.19
C ALA A 386 1.29 -26.22 26.61
N LYS A 387 1.13 -25.97 25.32
CA LYS A 387 -0.17 -26.17 24.69
C LYS A 387 -0.45 -27.64 24.40
N GLU A 388 0.58 -28.44 24.17
CA GLU A 388 0.43 -29.83 23.80
C GLU A 388 0.57 -30.81 24.97
N PHE A 389 1.24 -30.42 26.06
CA PHE A 389 1.51 -31.36 27.13
C PHE A 389 0.99 -30.83 28.46
N GLU A 390 0.36 -31.72 29.22
CA GLU A 390 -0.28 -31.32 30.46
C GLU A 390 0.72 -30.72 31.44
N LYS A 391 1.91 -31.30 31.55
CA LYS A 391 2.94 -30.83 32.48
C LYS A 391 4.25 -30.67 31.73
N VAL A 392 4.77 -29.45 31.70
CA VAL A 392 6.05 -29.13 31.07
C VAL A 392 6.99 -28.63 32.15
N ALA A 393 8.21 -29.14 32.16
CA ALA A 393 9.24 -28.63 33.05
C ALA A 393 10.31 -27.89 32.24
N VAL A 394 10.84 -26.82 32.81
CA VAL A 394 11.90 -26.02 32.19
C VAL A 394 13.10 -26.02 33.10
N TYR A 395 14.23 -26.53 32.60
CA TYR A 395 15.52 -26.48 33.27
C TYR A 395 16.32 -25.35 32.65
N MET A 396 16.85 -24.46 33.49
CA MET A 396 17.43 -23.22 32.98
C MET A 396 18.69 -22.86 33.75
N SER A 397 19.75 -22.52 33.01
CA SER A 397 20.98 -22.00 33.58
C SER A 397 21.35 -20.76 32.79
N SER A 398 21.65 -19.66 33.49
CA SER A 398 22.01 -18.42 32.82
C SER A 398 22.98 -17.65 33.71
N PHE A 399 24.16 -17.35 33.17
CA PHE A 399 25.24 -16.77 33.94
C PHE A 399 26.25 -16.22 32.94
N THR A 400 26.93 -15.16 33.31
CA THR A 400 28.10 -14.72 32.56
C THR A 400 29.24 -15.70 32.80
N PRO A 401 29.80 -16.33 31.76
CA PRO A 401 30.91 -17.26 31.98
C PRO A 401 32.14 -16.52 32.49
N LEU A 402 32.98 -17.25 33.23
CA LEU A 402 34.12 -16.63 33.90
C LEU A 402 35.05 -15.90 32.91
N MET A 403 35.23 -16.46 31.71
CA MET A 403 36.14 -15.84 30.75
C MET A 403 35.65 -14.45 30.34
N HIS A 404 34.34 -14.20 30.39
CA HIS A 404 33.84 -12.87 30.06
C HIS A 404 33.76 -11.95 31.27
N ASN A 405 34.04 -12.47 32.46
CA ASN A 405 34.35 -11.59 33.57
C ASN A 405 35.76 -11.05 33.45
N ILE A 406 36.66 -11.78 32.77
CA ILE A 406 38.00 -11.29 32.49
C ILE A 406 38.03 -10.46 31.22
N SER A 407 37.29 -10.89 30.19
CA SER A 407 37.29 -10.15 28.92
C SER A 407 36.69 -8.76 29.06
N GLY A 408 35.87 -8.52 30.08
CA GLY A 408 35.16 -7.26 30.17
C GLY A 408 33.78 -7.27 29.55
N SER A 409 33.45 -8.28 28.74
CA SER A 409 32.13 -8.42 28.13
C SER A 409 31.14 -9.09 29.08
N LYS A 410 30.99 -8.51 30.26
CA LYS A 410 30.17 -9.12 31.30
C LYS A 410 28.71 -9.24 30.90
N TYR A 411 28.26 -8.48 29.89
CA TYR A 411 26.90 -8.61 29.39
C TYR A 411 26.64 -9.94 28.69
N LYS A 412 27.67 -10.74 28.42
CA LYS A 412 27.52 -11.96 27.60
C LYS A 412 27.11 -13.14 28.48
N LYS A 413 25.85 -13.09 28.93
CA LYS A 413 25.30 -14.22 29.65
C LYS A 413 25.09 -15.41 28.71
N PHE A 414 25.60 -16.57 29.11
CA PHE A 414 25.28 -17.82 28.43
C PHE A 414 23.96 -18.35 28.96
N VAL A 415 23.03 -18.69 28.06
CA VAL A 415 21.75 -19.25 28.48
C VAL A 415 21.65 -20.67 27.93
N ALA A 416 21.36 -21.62 28.81
CA ALA A 416 21.06 -23.00 28.44
C ALA A 416 19.70 -23.36 29.04
N LYS A 417 18.77 -23.83 28.19
CA LYS A 417 17.45 -24.23 28.66
C LYS A 417 17.05 -25.58 28.04
N ILE A 418 16.44 -26.42 28.86
CA ILE A 418 15.92 -27.72 28.42
C ILE A 418 14.46 -27.78 28.80
N VAL A 419 13.60 -28.06 27.81
CA VAL A 419 12.16 -28.14 28.01
C VAL A 419 11.76 -29.61 27.92
N THR A 420 10.99 -30.09 28.89
CA THR A 420 10.65 -31.50 28.92
C THR A 420 9.14 -31.69 29.04
N ASN A 421 8.70 -32.87 28.63
CA ASN A 421 7.42 -33.44 29.03
C ASN A 421 7.63 -33.99 30.42
N HIS A 422 7.15 -33.27 31.45
CA HIS A 422 7.50 -33.69 32.81
C HIS A 422 6.84 -35.01 33.19
N SER A 423 5.82 -35.44 32.46
CA SER A 423 5.17 -36.71 32.75
C SER A 423 6.11 -37.88 32.58
N ASP A 424 7.04 -37.81 31.63
CA ASP A 424 7.95 -38.93 31.40
C ASP A 424 9.40 -38.51 31.18
N GLY A 425 9.72 -37.22 31.30
CA GLY A 425 11.10 -36.76 31.16
C GLY A 425 11.58 -36.49 29.74
N THR A 426 10.81 -36.81 28.71
CA THR A 426 11.29 -36.63 27.34
C THR A 426 11.67 -35.18 27.06
N VAL A 427 12.87 -34.96 26.50
CA VAL A 427 13.29 -33.61 26.14
C VAL A 427 12.54 -33.16 24.90
N LEU A 428 11.78 -32.07 25.03
CA LEU A 428 11.01 -31.52 23.92
C LEU A 428 11.79 -30.45 23.15
N GLY A 429 12.72 -29.78 23.81
CA GLY A 429 13.53 -28.74 23.18
C GLY A 429 14.71 -28.28 24.01
N VAL A 430 15.77 -27.83 23.33
CA VAL A 430 16.96 -27.29 23.98
C VAL A 430 17.29 -25.97 23.27
N HIS A 431 17.61 -24.94 24.05
CA HIS A 431 17.76 -23.58 23.56
C HIS A 431 18.98 -22.96 24.21
N LEU A 432 19.91 -22.49 23.38
CA LEU A 432 21.21 -22.04 23.86
C LEU A 432 21.51 -20.68 23.27
N LEU A 433 22.17 -19.85 24.06
CA LEU A 433 22.65 -18.54 23.64
C LEU A 433 24.04 -18.37 24.22
N GLY A 434 25.00 -18.02 23.37
CA GLY A 434 26.37 -17.84 23.77
C GLY A 434 27.37 -18.47 22.83
N ASP A 435 28.64 -18.12 23.02
CA ASP A 435 29.71 -18.61 22.16
C ASP A 435 29.67 -20.13 22.05
N GLY A 436 29.74 -20.64 20.83
CA GLY A 436 29.71 -22.08 20.60
C GLY A 436 28.34 -22.72 20.52
N ALA A 437 27.26 -21.97 20.77
CA ALA A 437 25.93 -22.58 20.78
C ALA A 437 25.58 -23.30 19.48
N PRO A 438 25.89 -22.78 18.29
CA PRO A 438 25.59 -23.56 17.07
C PRO A 438 26.32 -24.88 16.99
N GLU A 439 27.54 -24.95 17.55
CA GLU A 439 28.31 -26.19 17.52
C GLU A 439 27.81 -27.17 18.57
N ILE A 440 27.44 -26.66 19.75
CA ILE A 440 26.94 -27.52 20.83
C ILE A 440 25.66 -28.21 20.41
N ILE A 441 24.79 -27.50 19.68
CA ILE A 441 23.43 -27.99 19.51
C ILE A 441 23.35 -29.15 18.52
N GLN A 442 24.37 -29.37 17.68
CA GLN A 442 24.23 -30.35 16.60
C GLN A 442 23.98 -31.75 17.15
N ALA A 443 24.84 -32.21 18.07
CA ALA A 443 24.62 -33.54 18.64
C ALA A 443 23.38 -33.59 19.52
N VAL A 444 22.90 -32.44 19.99
CA VAL A 444 21.62 -32.40 20.68
C VAL A 444 20.51 -32.83 19.74
N GLY A 445 20.64 -32.51 18.45
CA GLY A 445 19.66 -32.97 17.46
C GLY A 445 19.61 -34.48 17.39
N VAL A 446 20.76 -35.13 17.49
CA VAL A 446 20.78 -36.60 17.47
C VAL A 446 20.11 -37.15 18.72
N CYS A 447 20.33 -36.52 19.87
CA CYS A 447 19.70 -36.95 21.12
C CYS A 447 18.18 -36.92 21.02
N LEU A 448 17.63 -35.81 20.52
CA LEU A 448 16.18 -35.71 20.43
C LEU A 448 15.62 -36.70 19.42
N ARG A 449 16.35 -36.94 18.32
CA ARG A 449 15.87 -37.96 17.40
C ARG A 449 15.93 -39.35 18.03
N LEU A 450 16.70 -39.52 19.10
CA LEU A 450 16.72 -40.75 19.87
C LEU A 450 15.83 -40.68 21.10
N ASN A 451 14.99 -39.66 21.20
CA ASN A 451 14.01 -39.52 22.28
C ASN A 451 14.68 -39.46 23.66
N ALA A 452 15.77 -38.70 23.76
CA ALA A 452 16.46 -38.54 25.03
C ALA A 452 15.52 -37.97 26.09
N LYS A 453 15.75 -38.36 27.33
CA LYS A 453 15.05 -37.79 28.47
C LYS A 453 16.02 -36.92 29.26
N ILE A 454 15.48 -36.12 30.19
CA ILE A 454 16.35 -35.25 30.98
C ILE A 454 17.37 -36.08 31.76
N SER A 455 17.02 -37.30 32.15
CA SER A 455 17.95 -38.15 32.91
C SER A 455 19.10 -38.64 32.05
N ASP A 456 18.88 -38.83 30.75
CA ASP A 456 19.99 -39.18 29.88
C ASP A 456 21.01 -38.05 29.82
N PHE A 457 20.54 -36.80 29.76
CA PHE A 457 21.44 -35.66 29.85
C PHE A 457 22.12 -35.60 31.21
N TYR A 458 21.35 -35.76 32.29
CA TYR A 458 21.92 -35.57 33.62
C TYR A 458 22.92 -36.66 33.98
N ASN A 459 22.69 -37.89 33.52
CA ASN A 459 23.61 -39.00 33.80
C ASN A 459 24.90 -38.89 33.01
N THR A 460 24.89 -38.17 31.90
CA THR A 460 26.11 -37.99 31.11
C THR A 460 27.10 -37.12 31.88
N ILE A 461 28.33 -37.55 31.94
CA ILE A 461 29.39 -36.83 32.65
C ILE A 461 29.85 -35.63 31.83
N GLY A 462 30.00 -34.48 32.49
CA GLY A 462 30.38 -33.26 31.80
C GLY A 462 31.81 -33.28 31.28
N VAL A 463 32.04 -32.58 30.16
CA VAL A 463 33.38 -32.16 29.74
C VAL A 463 33.66 -30.81 30.39
N HIS A 464 34.71 -30.73 31.20
CA HIS A 464 34.93 -29.53 32.00
C HIS A 464 36.29 -28.91 31.67
N PRO A 465 36.41 -27.56 31.56
CA PRO A 465 35.39 -26.51 31.60
C PRO A 465 34.80 -26.26 30.23
N THR A 466 33.48 -26.34 30.07
CA THR A 466 32.82 -25.95 28.83
C THR A 466 31.53 -25.25 29.15
N SER A 467 30.97 -24.58 28.14
CA SER A 467 29.58 -24.14 28.28
C SER A 467 28.64 -25.32 28.16
N ALA A 468 28.93 -26.25 27.25
CA ALA A 468 28.02 -27.34 26.98
C ALA A 468 27.72 -28.18 28.22
N GLU A 469 28.66 -28.27 29.17
CA GLU A 469 28.45 -29.16 30.31
C GLU A 469 27.27 -28.73 31.16
N GLU A 470 26.84 -27.47 31.07
CA GLU A 470 25.64 -27.04 31.77
C GLU A 470 24.42 -27.88 31.38
N LEU A 471 24.40 -28.42 30.15
CA LEU A 471 23.28 -29.25 29.73
C LEU A 471 23.22 -30.57 30.47
N CYS A 472 24.32 -30.99 31.10
CA CYS A 472 24.43 -32.29 31.74
C CYS A 472 24.48 -32.17 33.26
N SER A 473 24.20 -30.98 33.79
CA SER A 473 24.26 -30.73 35.22
C SER A 473 22.94 -30.17 35.75
N MET A 474 21.83 -30.39 35.03
CA MET A 474 20.54 -29.83 35.41
C MET A 474 19.63 -30.99 35.78
N ARG A 475 19.26 -31.05 37.06
CA ARG A 475 18.44 -32.14 37.55
C ARG A 475 17.10 -31.68 38.11
N THR A 476 16.95 -30.40 38.46
CA THR A 476 15.73 -29.93 39.09
C THR A 476 15.11 -28.81 38.26
N PRO A 477 13.82 -28.89 37.92
CA PRO A 477 13.22 -27.85 37.10
C PRO A 477 13.31 -26.49 37.76
N SER A 478 13.58 -25.47 36.94
CA SER A 478 13.47 -24.11 37.43
C SER A 478 12.02 -23.71 37.64
N TYR A 479 11.12 -24.19 36.80
CA TYR A 479 9.70 -23.91 36.90
C TYR A 479 8.96 -24.86 35.96
N TYR A 480 7.64 -24.71 35.92
CA TYR A 480 6.77 -25.66 35.24
C TYR A 480 5.70 -24.92 34.48
N TYR A 481 5.05 -25.68 33.59
CA TYR A 481 3.75 -25.32 33.05
C TYR A 481 2.80 -26.47 33.35
N VAL A 482 1.69 -26.17 34.02
CA VAL A 482 0.66 -27.16 34.33
C VAL A 482 -0.61 -26.69 33.65
N LYS A 483 -1.12 -27.51 32.74
CA LYS A 483 -2.24 -27.15 31.87
C LYS A 483 -2.14 -25.70 31.41
N GLY A 484 -0.98 -25.36 30.85
CA GLY A 484 -0.76 -24.04 30.28
C GLY A 484 -0.32 -22.96 31.24
N GLU A 485 -0.32 -23.22 32.55
CA GLU A 485 -0.06 -22.19 33.55
C GLU A 485 1.36 -22.29 34.10
N LYS A 486 2.10 -21.17 34.03
CA LYS A 486 3.48 -21.14 34.50
C LYS A 486 3.52 -21.04 36.02
N MET A 487 4.43 -21.80 36.65
CA MET A 487 4.50 -21.79 38.11
C MET A 487 5.83 -22.40 38.56
N GLU A 488 6.40 -21.82 39.62
CA GLU A 488 7.68 -22.31 40.12
C GLU A 488 7.61 -23.74 40.63
N LYS A 489 6.45 -24.15 41.16
CA LYS A 489 6.28 -25.46 41.77
C LYS A 489 5.04 -26.15 41.26
N LEU A 490 5.05 -27.47 41.30
CA LEU A 490 3.84 -28.25 41.04
C LEU A 490 2.90 -28.15 42.25
N PRO A 491 1.58 -28.14 42.02
CA PRO A 491 0.64 -27.94 43.12
C PRO A 491 0.52 -29.15 44.05
N SER B 5 37.68 -32.87 70.61
CA SER B 5 37.24 -34.01 69.80
C SER B 5 35.77 -33.85 69.37
N LYS B 6 35.45 -34.23 68.13
CA LYS B 6 34.17 -33.90 67.51
C LYS B 6 33.66 -35.07 66.68
N ALA B 7 32.32 -35.17 66.56
CA ALA B 7 31.64 -36.37 66.07
C ALA B 7 30.92 -36.09 64.75
N PHE B 8 31.20 -36.90 63.73
CA PHE B 8 30.68 -36.67 62.38
C PHE B 8 30.22 -37.96 61.73
N ASP B 9 29.23 -37.83 60.86
CA ASP B 9 28.84 -38.94 60.00
C ASP B 9 29.90 -39.19 58.93
N LEU B 10 30.42 -38.12 58.35
CA LEU B 10 31.34 -38.21 57.23
C LEU B 10 32.46 -37.23 57.46
N VAL B 11 33.70 -37.71 57.43
CA VAL B 11 34.87 -36.83 57.33
C VAL B 11 35.50 -37.07 55.97
N VAL B 12 35.71 -35.99 55.25
CA VAL B 12 36.28 -35.97 53.90
C VAL B 12 37.65 -35.34 54.00
N ILE B 13 38.68 -36.08 53.60
CA ILE B 13 40.04 -35.54 53.57
C ILE B 13 40.31 -35.08 52.14
N GLY B 14 40.43 -33.77 51.95
CA GLY B 14 40.56 -33.16 50.64
C GLY B 14 39.32 -32.41 50.22
N ALA B 15 39.37 -31.08 50.22
CA ALA B 15 38.23 -30.25 49.81
C ALA B 15 38.24 -29.96 48.30
N GLY B 16 38.33 -31.01 47.48
CA GLY B 16 38.48 -30.87 46.06
C GLY B 16 37.22 -31.21 45.29
N SER B 17 37.39 -31.41 43.98
CA SER B 17 36.25 -31.67 43.11
C SER B 17 35.35 -32.76 43.68
N GLY B 18 35.92 -33.94 43.93
CA GLY B 18 35.11 -35.05 44.43
C GLY B 18 34.74 -34.89 45.89
N GLY B 19 35.65 -34.31 46.68
CA GLY B 19 35.41 -34.18 48.10
C GLY B 19 34.28 -33.22 48.43
N LEU B 20 34.20 -32.10 47.71
CA LEU B 20 33.15 -31.13 47.98
C LEU B 20 31.80 -31.62 47.47
N GLU B 21 31.77 -32.33 46.33
CA GLU B 21 30.52 -32.93 45.90
C GLU B 21 29.98 -33.89 46.95
N ALA B 22 30.83 -34.77 47.48
CA ALA B 22 30.40 -35.72 48.49
C ALA B 22 29.95 -35.00 49.76
N GLY B 23 30.74 -34.05 50.24
CA GLY B 23 30.41 -33.36 51.47
C GLY B 23 29.12 -32.57 51.38
N TRP B 24 29.00 -31.76 50.32
CA TRP B 24 27.82 -30.93 50.15
C TRP B 24 26.57 -31.77 49.97
N ASN B 25 26.65 -32.88 49.23
CA ASN B 25 25.48 -33.72 49.03
C ASN B 25 25.10 -34.47 50.31
N ALA B 26 26.08 -34.95 51.07
CA ALA B 26 25.78 -35.65 52.31
C ALA B 26 25.07 -34.73 53.29
N ALA B 27 25.55 -33.50 53.41
CA ALA B 27 24.95 -32.56 54.34
C ALA B 27 23.57 -32.11 53.87
N THR B 28 23.47 -31.58 52.64
CA THR B 28 22.24 -30.90 52.25
C THR B 28 21.18 -31.85 51.71
N LEU B 29 21.57 -32.99 51.13
CA LEU B 29 20.57 -33.93 50.63
C LEU B 29 20.16 -34.97 51.66
N TYR B 30 21.03 -35.29 52.61
CA TYR B 30 20.76 -36.36 53.56
C TYR B 30 20.86 -35.90 55.01
N GLY B 31 21.06 -34.61 55.26
CA GLY B 31 21.02 -34.08 56.60
C GLY B 31 22.16 -34.52 57.50
N LYS B 32 23.22 -35.06 56.94
CA LYS B 32 24.31 -35.62 57.73
C LYS B 32 25.22 -34.52 58.28
N ARG B 33 26.07 -34.92 59.22
CA ARG B 33 27.07 -34.05 59.82
C ARG B 33 28.40 -34.36 59.16
N VAL B 34 29.03 -33.35 58.57
CA VAL B 34 30.13 -33.53 57.63
C VAL B 34 31.27 -32.59 58.01
N ALA B 35 32.48 -33.13 58.07
CA ALA B 35 33.70 -32.35 58.20
C ALA B 35 34.58 -32.60 56.97
N VAL B 36 35.17 -31.53 56.44
CA VAL B 36 36.01 -31.58 55.25
C VAL B 36 37.33 -30.90 55.58
N VAL B 37 38.44 -31.57 55.27
CA VAL B 37 39.78 -31.09 55.61
C VAL B 37 40.52 -30.69 54.34
N ASP B 38 41.20 -29.54 54.38
CA ASP B 38 42.16 -29.22 53.33
C ASP B 38 43.31 -28.43 53.94
N VAL B 39 44.44 -28.40 53.23
CA VAL B 39 45.68 -27.84 53.78
C VAL B 39 45.83 -26.34 53.55
N GLN B 40 44.93 -25.71 52.80
CA GLN B 40 45.07 -24.30 52.46
C GLN B 40 43.70 -23.76 52.08
N THR B 41 43.42 -22.50 52.46
CA THR B 41 42.13 -21.87 52.19
C THR B 41 42.07 -21.17 50.83
N SER B 42 43.22 -20.91 50.19
CA SER B 42 43.20 -20.30 48.87
C SER B 42 44.44 -20.75 48.10
N HIS B 43 44.46 -20.40 46.81
CA HIS B 43 45.38 -20.98 45.84
C HIS B 43 46.81 -20.49 46.04
N GLY B 44 47.75 -21.30 45.54
CA GLY B 44 49.11 -20.83 45.34
C GLY B 44 50.12 -21.41 46.31
N PRO B 45 51.36 -20.96 46.17
CA PRO B 45 52.42 -21.38 47.10
C PRO B 45 51.98 -21.19 48.53
N PRO B 46 52.39 -22.07 49.44
CA PRO B 46 53.30 -23.22 49.23
C PRO B 46 52.68 -24.54 48.78
N PHE B 47 51.38 -24.77 48.96
CA PHE B 47 50.82 -26.10 48.72
C PHE B 47 50.02 -26.20 47.43
N TYR B 48 49.79 -25.08 46.75
CA TYR B 48 49.23 -24.97 45.40
C TYR B 48 47.75 -25.35 45.35
N ALA B 49 47.43 -26.63 45.43
CA ALA B 49 46.03 -27.02 45.60
C ALA B 49 45.52 -26.52 46.95
N ALA B 50 44.21 -26.35 47.05
CA ALA B 50 43.63 -25.76 48.25
C ALA B 50 42.13 -26.07 48.25
N LEU B 51 41.42 -25.45 49.18
CA LEU B 51 39.96 -25.44 49.16
C LEU B 51 39.46 -25.19 47.75
N GLY B 52 38.69 -26.15 47.23
CA GLY B 52 38.23 -26.13 45.86
C GLY B 52 38.83 -27.27 45.07
N GLY B 53 40.09 -27.59 45.36
CA GLY B 53 40.79 -28.69 44.75
C GLY B 53 41.78 -28.26 43.69
N THR B 54 42.34 -29.27 43.04
CA THR B 54 43.36 -29.06 42.01
C THR B 54 42.80 -28.36 40.80
N CYS B 55 41.61 -28.78 40.35
CA CYS B 55 41.02 -28.18 39.17
C CYS B 55 40.78 -26.69 39.37
N VAL B 56 40.14 -26.35 40.49
CA VAL B 56 39.83 -24.96 40.80
C VAL B 56 41.10 -24.13 40.91
N ASN B 57 42.11 -24.65 41.61
CA ASN B 57 43.22 -23.82 42.06
C ASN B 57 44.42 -23.82 41.09
N VAL B 58 44.83 -25.00 40.60
CA VAL B 58 46.00 -25.15 39.73
C VAL B 58 45.68 -26.18 38.65
N GLY B 59 44.54 -26.04 38.00
CA GLY B 59 44.05 -27.08 37.12
C GLY B 59 43.14 -26.57 36.02
N CYS B 60 42.00 -27.23 35.81
CA CYS B 60 41.14 -26.91 34.68
C CYS B 60 40.84 -25.42 34.62
N VAL B 61 40.38 -24.85 35.73
CA VAL B 61 39.87 -23.49 35.73
C VAL B 61 40.97 -22.49 35.32
N PRO B 62 42.12 -22.38 36.02
CA PRO B 62 43.10 -21.40 35.55
C PRO B 62 43.71 -21.74 34.20
N LYS B 63 43.95 -23.02 33.90
CA LYS B 63 44.58 -23.33 32.62
C LYS B 63 43.66 -22.96 31.46
N LYS B 64 42.34 -23.14 31.63
CA LYS B 64 41.43 -22.79 30.55
C LYS B 64 41.47 -21.30 30.29
N LEU B 65 41.53 -20.49 31.36
CA LEU B 65 41.65 -19.04 31.18
C LEU B 65 42.93 -18.69 30.44
N MET B 66 44.03 -19.38 30.74
CA MET B 66 45.29 -19.03 30.13
C MET B 66 45.37 -19.51 28.69
N VAL B 67 44.74 -20.65 28.40
CA VAL B 67 44.62 -21.11 27.00
C VAL B 67 43.78 -20.12 26.21
N THR B 68 42.68 -19.68 26.79
CA THR B 68 41.87 -18.63 26.14
C THR B 68 42.72 -17.40 25.84
N GLY B 69 43.55 -17.00 26.80
CA GLY B 69 44.44 -15.87 26.55
C GLY B 69 45.43 -16.16 25.43
N ALA B 70 45.95 -17.38 25.38
CA ALA B 70 46.91 -17.73 24.35
C ALA B 70 46.28 -17.78 22.97
N GLN B 71 44.97 -18.12 22.87
CA GLN B 71 44.32 -18.13 21.57
C GLN B 71 44.32 -16.76 20.90
N TYR B 72 44.45 -15.68 21.66
CA TYR B 72 44.40 -14.36 21.03
C TYR B 72 45.59 -14.14 20.13
N MET B 73 46.67 -14.89 20.31
CA MET B 73 47.78 -14.78 19.37
C MET B 73 47.34 -15.18 17.98
N ASP B 74 46.50 -16.22 17.89
CA ASP B 74 45.94 -16.64 16.61
C ASP B 74 44.88 -15.67 16.11
N HIS B 75 43.98 -15.24 17.01
CA HIS B 75 42.91 -14.32 16.60
C HIS B 75 43.47 -13.03 16.02
N LEU B 76 44.50 -12.47 16.66
CA LEU B 76 45.04 -11.20 16.18
C LEU B 76 45.62 -11.33 14.78
N ARG B 77 46.38 -12.39 14.53
CA ARG B 77 46.94 -12.64 13.20
C ARG B 77 45.85 -13.01 12.19
N GLU B 78 44.89 -13.84 12.57
CA GLU B 78 43.88 -14.33 11.65
C GLU B 78 42.87 -13.25 11.24
N SER B 79 42.69 -12.20 12.06
CA SER B 79 41.75 -11.13 11.72
C SER B 79 42.14 -10.41 10.43
N ALA B 80 43.42 -10.44 10.07
CA ALA B 80 43.86 -9.73 8.88
C ALA B 80 43.13 -10.25 7.65
N GLY B 81 42.96 -11.57 7.55
CA GLY B 81 42.28 -12.15 6.40
C GLY B 81 40.87 -11.64 6.21
N PHE B 82 40.20 -11.25 7.30
CA PHE B 82 38.84 -10.71 7.26
C PHE B 82 38.85 -9.18 7.23
N GLY B 83 39.99 -8.57 6.88
CA GLY B 83 40.02 -7.15 6.67
C GLY B 83 40.44 -6.32 7.87
N TRP B 84 40.78 -6.93 9.00
CA TRP B 84 41.17 -6.13 10.14
C TRP B 84 42.62 -5.66 9.96
N GLU B 85 42.85 -4.36 10.19
CA GLU B 85 44.16 -3.75 10.05
C GLU B 85 44.53 -3.09 11.37
N PHE B 86 45.77 -3.29 11.81
CA PHE B 86 46.30 -2.56 12.96
C PHE B 86 47.81 -2.71 12.96
N ASP B 87 48.46 -2.01 13.89
CA ASP B 87 49.92 -1.94 13.94
C ASP B 87 50.43 -3.21 14.62
N GLY B 88 50.79 -4.21 13.81
CA GLY B 88 51.26 -5.48 14.36
C GLY B 88 52.47 -5.33 15.27
N SER B 89 53.36 -4.39 14.95
CA SER B 89 54.59 -4.23 15.72
C SER B 89 54.32 -3.67 17.10
N SER B 90 53.12 -3.14 17.34
CA SER B 90 52.76 -2.64 18.66
C SER B 90 52.22 -3.72 19.58
N VAL B 91 52.06 -4.95 19.09
CA VAL B 91 51.43 -6.01 19.86
C VAL B 91 52.43 -6.56 20.87
N LYS B 92 51.99 -6.74 22.11
CA LYS B 92 52.75 -7.51 23.07
C LYS B 92 51.80 -8.26 23.99
N ALA B 93 52.26 -9.42 24.45
CA ALA B 93 51.50 -10.30 25.34
C ALA B 93 51.99 -10.09 26.77
N ASN B 94 51.17 -9.46 27.59
CA ASN B 94 51.54 -9.17 28.99
C ASN B 94 51.13 -10.34 29.88
N TRP B 95 52.12 -11.20 30.18
CA TRP B 95 51.89 -12.39 31.00
C TRP B 95 51.50 -12.04 32.44
N LYS B 96 52.10 -10.98 33.00
CA LYS B 96 51.76 -10.57 34.36
C LYS B 96 50.29 -10.23 34.48
N LYS B 97 49.74 -9.54 33.48
CA LYS B 97 48.31 -9.22 33.50
C LYS B 97 47.48 -10.49 33.48
N LEU B 98 47.83 -11.43 32.58
CA LEU B 98 47.13 -12.71 32.56
C LEU B 98 47.17 -13.35 33.94
N ILE B 99 48.36 -13.49 34.52
CA ILE B 99 48.47 -14.18 35.81
C ILE B 99 47.65 -13.48 36.87
N ALA B 100 47.67 -12.14 36.89
CA ALA B 100 46.90 -11.40 37.88
C ALA B 100 45.41 -11.63 37.69
N ALA B 101 44.93 -11.50 36.45
CA ALA B 101 43.52 -11.77 36.21
C ALA B 101 43.16 -13.19 36.61
N LYS B 102 44.03 -14.15 36.30
CA LYS B 102 43.78 -15.53 36.69
C LYS B 102 43.73 -15.67 38.21
N ASN B 103 44.69 -15.07 38.91
CA ASN B 103 44.74 -15.16 40.37
C ASN B 103 43.48 -14.62 41.01
N GLU B 104 42.98 -13.49 40.50
CA GLU B 104 41.79 -12.88 41.08
C GLU B 104 40.57 -13.77 40.86
N ALA B 105 40.47 -14.42 39.69
CA ALA B 105 39.33 -15.30 39.44
C ALA B 105 39.38 -16.52 40.34
N VAL B 106 40.57 -17.10 40.51
CA VAL B 106 40.68 -18.27 41.38
C VAL B 106 40.37 -17.87 42.82
N LEU B 107 40.95 -16.76 43.28
CA LEU B 107 40.71 -16.30 44.65
C LEU B 107 39.22 -16.09 44.92
N ASP B 108 38.49 -15.52 43.95
CA ASP B 108 37.04 -15.34 44.09
C ASP B 108 36.35 -16.67 44.35
N ILE B 109 36.78 -17.73 43.66
CA ILE B 109 36.17 -19.03 43.87
C ILE B 109 36.53 -19.57 45.25
N ASN B 110 37.79 -19.40 45.68
CA ASN B 110 38.17 -19.78 47.04
C ASN B 110 37.24 -19.13 48.06
N LYS B 111 37.04 -17.81 47.93
CA LYS B 111 36.17 -17.08 48.86
C LYS B 111 34.74 -17.62 48.82
N SER B 112 34.21 -17.92 47.63
CA SER B 112 32.82 -18.39 47.58
C SER B 112 32.66 -19.75 48.25
N TYR B 113 33.68 -20.61 48.18
CA TYR B 113 33.62 -21.90 48.88
C TYR B 113 33.64 -21.69 50.39
N GLU B 114 34.41 -20.71 50.84
CA GLU B 114 34.39 -20.31 52.25
C GLU B 114 32.96 -20.00 52.71
N GLY B 115 32.31 -19.05 52.03
CA GLY B 115 30.95 -18.72 52.36
C GLY B 115 30.00 -19.90 52.26
N MET B 116 30.26 -20.81 51.33
CA MET B 116 29.43 -22.00 51.24
C MET B 116 29.48 -22.79 52.54
N PHE B 117 30.68 -22.94 53.12
CA PHE B 117 30.79 -23.64 54.40
C PHE B 117 30.07 -22.88 55.50
N ASN B 118 30.24 -21.56 55.55
CA ASN B 118 29.59 -20.76 56.58
C ASN B 118 28.07 -20.83 56.49
N ASP B 119 27.52 -20.97 55.27
CA ASP B 119 26.08 -20.88 55.06
C ASP B 119 25.36 -22.22 55.22
N THR B 120 26.08 -23.34 55.27
CA THR B 120 25.46 -24.66 55.13
C THR B 120 25.46 -25.40 56.46
N GLU B 121 24.29 -25.90 56.87
CA GLU B 121 24.19 -26.69 58.09
C GLU B 121 24.84 -28.05 57.92
N GLY B 122 25.56 -28.48 58.94
CA GLY B 122 26.16 -29.80 58.95
C GLY B 122 27.38 -29.95 58.05
N LEU B 123 28.03 -28.84 57.68
CA LEU B 123 29.15 -28.85 56.75
C LEU B 123 30.24 -27.96 57.34
N ASP B 124 31.28 -28.58 57.89
CA ASP B 124 32.36 -27.85 58.56
C ASP B 124 33.70 -28.08 57.86
N PHE B 125 34.47 -27.00 57.76
CA PHE B 125 35.79 -27.02 57.13
C PHE B 125 36.87 -26.96 58.21
N PHE B 126 37.90 -27.78 58.06
CA PHE B 126 39.04 -27.80 58.98
C PHE B 126 40.32 -27.65 58.19
N LEU B 127 41.17 -26.70 58.61
CA LEU B 127 42.44 -26.42 57.95
C LEU B 127 43.57 -27.29 58.51
N GLY B 128 44.30 -27.96 57.63
CA GLY B 128 45.45 -28.75 58.05
C GLY B 128 45.57 -30.01 57.26
N TRP B 129 46.41 -30.92 57.75
CA TRP B 129 46.73 -32.17 57.07
C TRP B 129 46.04 -33.32 57.78
N GLY B 130 45.16 -34.01 57.06
CA GLY B 130 44.40 -35.11 57.62
C GLY B 130 45.09 -36.43 57.35
N SER B 131 44.96 -37.35 58.31
CA SER B 131 45.49 -38.70 58.15
C SER B 131 44.66 -39.65 59.00
N LEU B 132 44.84 -40.94 58.73
CA LEU B 132 44.09 -41.99 59.39
C LEU B 132 44.84 -42.37 60.66
N GLU B 133 44.27 -42.01 61.82
CA GLU B 133 44.77 -42.51 63.10
C GLU B 133 44.17 -43.88 63.41
N SER B 134 42.85 -44.02 63.24
CA SER B 134 42.17 -45.28 63.50
C SER B 134 41.02 -45.40 62.52
N LYS B 135 40.42 -46.59 62.49
CA LYS B 135 39.36 -46.91 61.54
C LYS B 135 38.20 -45.92 61.58
N ASN B 136 38.04 -45.20 62.69
CA ASN B 136 36.95 -44.24 62.83
C ASN B 136 37.43 -42.92 63.41
N VAL B 137 38.72 -42.63 63.28
CA VAL B 137 39.32 -41.39 63.77
C VAL B 137 40.20 -40.79 62.68
N VAL B 138 39.97 -39.52 62.35
CA VAL B 138 40.78 -38.75 61.41
C VAL B 138 41.47 -37.64 62.21
N VAL B 139 42.79 -37.56 62.11
CA VAL B 139 43.58 -36.55 62.79
C VAL B 139 43.96 -35.46 61.81
N VAL B 140 43.98 -34.22 62.30
CA VAL B 140 44.35 -33.05 61.51
C VAL B 140 45.55 -32.41 62.22
N ARG B 141 46.65 -32.24 61.48
CA ARG B 141 47.90 -31.71 62.05
C ARG B 141 48.33 -30.45 61.33
N GLU B 142 49.34 -29.78 61.89
CA GLU B 142 49.80 -28.51 61.35
C GLU B 142 50.51 -28.66 60.02
N THR B 143 51.26 -29.75 59.83
CA THR B 143 52.03 -29.95 58.61
C THR B 143 51.89 -31.40 58.18
N ALA B 144 52.46 -31.72 57.01
CA ALA B 144 52.43 -33.08 56.49
C ALA B 144 53.22 -34.05 57.34
N ASP B 145 54.05 -33.54 58.26
CA ASP B 145 54.82 -34.37 59.17
C ASP B 145 53.88 -35.11 60.11
N PRO B 146 53.90 -36.45 60.15
CA PRO B 146 53.02 -37.17 61.07
C PRO B 146 53.36 -36.94 62.53
N LYS B 147 54.36 -36.11 62.85
CA LYS B 147 54.70 -35.81 64.22
C LYS B 147 54.48 -34.34 64.59
N SER B 148 53.89 -33.54 63.71
CA SER B 148 53.59 -32.16 64.03
C SER B 148 52.31 -32.08 64.88
N ALA B 149 51.99 -30.86 65.31
CA ALA B 149 51.00 -30.65 66.35
C ALA B 149 49.59 -31.02 65.90
N VAL B 150 48.92 -31.86 66.70
CA VAL B 150 47.53 -32.17 66.45
C VAL B 150 46.67 -30.93 66.66
N LYS B 151 45.83 -30.63 65.68
CA LYS B 151 44.87 -29.53 65.78
C LYS B 151 43.46 -30.02 66.08
N GLU B 152 43.08 -31.18 65.56
CA GLU B 152 41.74 -31.71 65.69
C GLU B 152 41.79 -33.23 65.67
N ARG B 153 40.89 -33.84 66.42
CA ARG B 153 40.64 -35.28 66.31
C ARG B 153 39.17 -35.43 65.98
N LEU B 154 38.88 -35.91 64.78
CA LEU B 154 37.53 -36.04 64.27
C LEU B 154 37.20 -37.52 64.20
N GLN B 155 36.18 -37.94 64.93
CA GLN B 155 35.72 -39.31 64.80
C GLN B 155 34.61 -39.38 63.78
N ALA B 156 34.55 -40.50 63.07
CA ALA B 156 33.72 -40.58 61.89
C ALA B 156 33.12 -41.96 61.76
N ASP B 157 31.80 -42.02 61.53
CA ASP B 157 31.23 -43.26 61.05
C ASP B 157 31.84 -43.65 59.72
N HIS B 158 32.08 -42.66 58.86
CA HIS B 158 32.53 -42.87 57.48
C HIS B 158 33.67 -41.92 57.16
N ILE B 159 34.68 -42.42 56.46
CA ILE B 159 35.83 -41.62 56.05
C ILE B 159 35.95 -41.70 54.53
N LEU B 160 36.15 -40.54 53.89
CA LEU B 160 36.32 -40.45 52.45
C LEU B 160 37.70 -39.90 52.16
N LEU B 161 38.49 -40.67 51.42
CA LEU B 161 39.81 -40.23 50.97
C LEU B 161 39.64 -39.55 49.62
N ALA B 162 40.06 -38.30 49.52
CA ALA B 162 39.88 -37.54 48.28
C ALA B 162 40.98 -36.50 48.16
N THR B 163 42.23 -36.94 48.29
CA THR B 163 43.36 -36.05 48.34
C THR B 163 43.95 -35.79 46.95
N GLY B 164 43.41 -36.42 45.92
CA GLY B 164 43.81 -36.12 44.56
C GLY B 164 45.14 -36.75 44.17
N SER B 165 45.87 -36.04 43.32
CA SER B 165 47.15 -36.52 42.81
C SER B 165 48.20 -35.41 42.90
N TRP B 166 49.38 -35.65 42.34
CA TRP B 166 50.51 -34.77 42.49
C TRP B 166 51.46 -35.01 41.32
N PRO B 167 52.20 -34.01 40.87
CA PRO B 167 53.07 -34.22 39.69
C PRO B 167 54.17 -35.22 39.96
N GLN B 168 54.38 -36.10 38.99
CA GLN B 168 55.43 -37.10 39.05
C GLN B 168 56.72 -36.48 38.56
N MET B 169 57.82 -36.70 39.30
CA MET B 169 59.09 -36.14 38.91
C MET B 169 60.09 -37.26 38.72
N PRO B 170 60.79 -37.33 37.60
CA PRO B 170 61.71 -38.44 37.37
C PRO B 170 62.95 -38.31 38.24
N ALA B 171 63.56 -39.46 38.52
CA ALA B 171 64.73 -39.53 39.39
C ALA B 171 65.99 -39.36 38.55
N ILE B 172 66.20 -38.12 38.10
CA ILE B 172 67.37 -37.82 37.28
C ILE B 172 68.21 -36.78 38.02
N PRO B 173 69.52 -36.78 37.85
CA PRO B 173 70.34 -35.70 38.41
C PRO B 173 69.82 -34.35 37.94
N GLY B 174 69.64 -33.43 38.89
CA GLY B 174 69.20 -32.09 38.58
C GLY B 174 67.69 -31.90 38.49
N ILE B 175 66.91 -32.89 38.92
CA ILE B 175 65.46 -32.77 38.86
C ILE B 175 65.00 -31.57 39.67
N GLU B 176 65.78 -31.17 40.69
CA GLU B 176 65.42 -30.04 41.53
C GLU B 176 65.45 -28.71 40.79
N HIS B 177 66.09 -28.64 39.63
CA HIS B 177 66.07 -27.43 38.84
C HIS B 177 64.92 -27.37 37.86
N CYS B 178 63.98 -28.31 37.95
CA CYS B 178 62.81 -28.38 37.10
C CYS B 178 61.59 -27.94 37.89
N ILE B 179 60.54 -27.53 37.19
CA ILE B 179 59.27 -27.19 37.82
C ILE B 179 58.19 -28.15 37.32
N SER B 180 57.00 -28.04 37.90
CA SER B 180 55.84 -28.74 37.42
C SER B 180 54.78 -27.72 37.02
N SER B 181 53.59 -28.22 36.63
CA SER B 181 52.51 -27.30 36.31
C SER B 181 52.15 -26.42 37.50
N ASN B 182 52.30 -26.94 38.73
CA ASN B 182 52.02 -26.13 39.92
C ASN B 182 52.73 -24.78 39.85
N GLU B 183 54.06 -24.81 39.64
CA GLU B 183 54.83 -23.58 39.61
C GLU B 183 54.61 -22.79 38.33
N ALA B 184 54.26 -23.48 37.23
CA ALA B 184 54.04 -22.80 35.96
C ALA B 184 52.97 -21.72 36.09
N PHE B 185 51.96 -21.96 36.94
CA PHE B 185 50.87 -21.03 37.14
C PHE B 185 51.30 -19.73 37.82
N TYR B 186 52.50 -19.70 38.41
CA TYR B 186 52.91 -18.54 39.19
C TYR B 186 54.23 -17.95 38.74
N LEU B 187 54.73 -18.32 37.56
CA LEU B 187 56.00 -17.78 37.10
C LEU B 187 55.92 -16.25 37.03
N PRO B 188 56.89 -15.52 37.61
CA PRO B 188 56.83 -14.05 37.55
C PRO B 188 56.88 -13.50 36.13
N GLU B 189 57.58 -14.18 35.22
CA GLU B 189 57.78 -13.71 33.87
C GLU B 189 57.52 -14.87 32.92
N PRO B 190 57.02 -14.63 31.72
CA PRO B 190 56.87 -15.72 30.76
C PRO B 190 58.23 -16.18 30.29
N PRO B 191 58.50 -17.49 30.30
CA PRO B 191 59.83 -17.97 29.94
C PRO B 191 60.10 -17.70 28.47
N ARG B 192 61.30 -17.22 28.19
CA ARG B 192 61.68 -16.99 26.80
C ARG B 192 61.91 -18.30 26.07
N ARG B 193 62.71 -19.19 26.66
CA ARG B 193 62.87 -20.55 26.16
C ARG B 193 62.37 -21.49 27.25
N VAL B 194 61.51 -22.43 26.87
CA VAL B 194 61.00 -23.41 27.81
C VAL B 194 60.97 -24.77 27.12
N LEU B 195 61.35 -25.81 27.88
CA LEU B 195 61.15 -27.20 27.49
C LEU B 195 60.01 -27.75 28.35
N THR B 196 58.96 -28.28 27.72
CA THR B 196 57.94 -29.03 28.47
C THR B 196 58.15 -30.51 28.22
N VAL B 197 58.26 -31.27 29.29
CA VAL B 197 58.65 -32.67 29.23
C VAL B 197 57.40 -33.52 29.44
N GLY B 198 57.00 -34.25 28.41
CA GLY B 198 55.90 -35.20 28.49
C GLY B 198 55.00 -35.05 27.29
N GLY B 199 54.32 -36.14 26.94
CA GLY B 199 53.44 -36.19 25.78
C GLY B 199 51.97 -35.98 26.06
N GLY B 200 51.59 -35.79 27.31
CA GLY B 200 50.19 -35.78 27.70
C GLY B 200 49.61 -34.39 27.65
N PHE B 201 48.36 -34.28 28.11
CA PHE B 201 47.58 -33.08 27.83
C PHE B 201 48.13 -31.87 28.57
N ILE B 202 48.72 -32.07 29.74
CA ILE B 202 49.23 -30.92 30.50
C ILE B 202 50.43 -30.30 29.80
N SER B 203 51.39 -31.14 29.38
CA SER B 203 52.53 -30.66 28.60
C SER B 203 52.08 -29.94 27.32
N VAL B 204 51.21 -30.59 26.53
CA VAL B 204 50.71 -30.01 25.29
C VAL B 204 50.01 -28.68 25.56
N GLU B 205 49.15 -28.63 26.58
CA GLU B 205 48.41 -27.40 26.85
C GLU B 205 49.33 -26.26 27.24
N PHE B 206 50.30 -26.53 28.10
CA PHE B 206 51.19 -25.45 28.54
C PHE B 206 52.15 -25.02 27.43
N ALA B 207 52.59 -25.97 26.60
CA ALA B 207 53.37 -25.59 25.42
C ALA B 207 52.62 -24.53 24.63
N GLY B 208 51.32 -24.74 24.39
CA GLY B 208 50.54 -23.73 23.68
C GLY B 208 50.46 -22.41 24.43
N ILE B 209 50.33 -22.47 25.76
CA ILE B 209 50.26 -21.25 26.57
C ILE B 209 51.57 -20.47 26.46
N PHE B 210 52.70 -21.13 26.77
CA PHE B 210 54.00 -20.47 26.70
C PHE B 210 54.31 -19.94 25.30
N ASN B 211 53.85 -20.66 24.27
CA ASN B 211 54.13 -20.26 22.89
C ASN B 211 53.51 -18.90 22.56
N ALA B 212 52.33 -18.61 23.10
CA ALA B 212 51.70 -17.33 22.83
C ALA B 212 52.32 -16.20 23.65
N TYR B 213 52.74 -16.46 24.88
CA TYR B 213 53.20 -15.37 25.75
C TYR B 213 54.72 -15.23 25.79
N LYS B 214 55.46 -16.01 25.02
CA LYS B 214 56.92 -15.92 25.04
C LYS B 214 57.40 -14.55 24.55
N PRO B 215 58.45 -14.00 25.15
CA PRO B 215 58.99 -12.70 24.72
C PRO B 215 59.67 -12.83 23.37
N PRO B 216 60.13 -11.71 22.78
CA PRO B 216 60.79 -11.77 21.48
C PRO B 216 61.98 -12.73 21.46
N GLY B 217 62.13 -13.44 20.35
CA GLY B 217 63.17 -14.43 20.20
C GLY B 217 62.92 -15.73 20.93
N GLY B 218 61.75 -15.91 21.53
CA GLY B 218 61.49 -17.07 22.36
C GLY B 218 61.28 -18.34 21.55
N LYS B 219 61.23 -19.47 22.26
CA LYS B 219 61.06 -20.77 21.63
C LYS B 219 60.52 -21.74 22.66
N VAL B 220 59.43 -22.45 22.32
CA VAL B 220 58.91 -23.53 23.15
C VAL B 220 59.27 -24.85 22.49
N THR B 221 59.88 -25.75 23.27
CA THR B 221 60.17 -27.11 22.86
C THR B 221 59.40 -28.07 23.76
N LEU B 222 58.74 -29.04 23.16
CA LEU B 222 58.13 -30.12 23.91
C LEU B 222 58.89 -31.39 23.56
N CYS B 223 59.28 -32.16 24.56
CA CYS B 223 59.91 -33.43 24.30
C CYS B 223 59.06 -34.56 24.86
N TYR B 224 59.17 -35.73 24.24
CA TYR B 224 58.42 -36.89 24.69
C TYR B 224 59.24 -38.13 24.37
N ARG B 225 59.24 -39.11 25.30
CA ARG B 225 60.20 -40.20 25.21
C ARG B 225 59.86 -41.21 24.12
N ASN B 226 58.59 -41.33 23.72
CA ASN B 226 58.27 -42.25 22.65
C ASN B 226 58.01 -41.48 21.36
N ASN B 227 57.40 -42.15 20.38
CA ASN B 227 57.41 -41.69 19.00
C ASN B 227 56.33 -40.67 18.68
N LEU B 228 55.27 -40.59 19.48
CA LEU B 228 54.11 -39.76 19.11
C LEU B 228 53.40 -39.29 20.38
N ILE B 229 53.14 -37.99 20.47
CA ILE B 229 52.55 -37.44 21.70
C ILE B 229 51.12 -37.92 21.87
N LEU B 230 50.57 -37.69 23.06
CA LEU B 230 49.15 -37.84 23.36
C LEU B 230 48.70 -39.29 23.21
N ARG B 231 49.45 -40.20 23.81
CA ARG B 231 49.06 -41.59 23.87
C ARG B 231 47.67 -41.71 24.48
N GLY B 232 46.85 -42.57 23.88
CA GLY B 232 45.50 -42.80 24.35
C GLY B 232 44.44 -42.02 23.60
N PHE B 233 44.85 -41.02 22.83
CA PHE B 233 43.95 -40.32 21.94
C PHE B 233 44.03 -40.92 20.54
N ASP B 234 43.07 -40.54 19.70
CA ASP B 234 42.99 -41.03 18.33
C ASP B 234 44.28 -40.74 17.59
N GLU B 235 44.75 -41.74 16.82
CA GLU B 235 46.07 -41.65 16.21
C GLU B 235 46.11 -40.59 15.11
N THR B 236 45.06 -40.53 14.27
CA THR B 236 45.00 -39.46 13.28
C THR B 236 45.15 -38.11 13.97
N ILE B 237 44.45 -37.93 15.09
CA ILE B 237 44.47 -36.64 15.75
C ILE B 237 45.81 -36.39 16.43
N ARG B 238 46.45 -37.44 16.97
CA ARG B 238 47.77 -37.26 17.55
C ARG B 238 48.75 -36.75 16.50
N GLU B 239 48.67 -37.29 15.29
CA GLU B 239 49.57 -36.83 14.23
C GLU B 239 49.20 -35.42 13.78
N GLU B 240 47.90 -35.12 13.66
CA GLU B 240 47.50 -33.79 13.19
C GLU B 240 47.86 -32.71 14.19
N VAL B 241 47.62 -32.96 15.47
CA VAL B 241 47.92 -31.93 16.45
C VAL B 241 49.42 -31.70 16.54
N THR B 242 50.23 -32.76 16.40
CA THR B 242 51.67 -32.61 16.23
C THR B 242 52.00 -31.63 15.12
N LYS B 243 51.38 -31.84 13.95
CA LYS B 243 51.64 -31.02 12.78
C LYS B 243 51.20 -29.56 13.00
N GLN B 244 50.05 -29.37 13.66
CA GLN B 244 49.52 -28.03 13.84
C GLN B 244 50.24 -27.26 14.96
N LEU B 245 50.74 -27.97 15.98
CA LEU B 245 51.63 -27.32 16.95
C LEU B 245 52.94 -26.89 16.30
N THR B 246 53.52 -27.77 15.48
CA THR B 246 54.73 -27.38 14.76
C THR B 246 54.49 -26.16 13.89
N ALA B 247 53.33 -26.12 13.21
CA ALA B 247 53.01 -25.00 12.33
C ALA B 247 52.92 -23.68 13.07
N ASN B 248 52.69 -23.70 14.39
CA ASN B 248 52.59 -22.49 15.19
C ASN B 248 53.88 -22.20 15.94
N GLY B 249 54.98 -22.85 15.56
CA GLY B 249 56.28 -22.48 16.08
C GLY B 249 56.80 -23.30 17.24
N ILE B 250 56.12 -24.38 17.58
CA ILE B 250 56.53 -25.24 18.68
C ILE B 250 57.36 -26.38 18.10
N GLU B 251 58.52 -26.62 18.71
CA GLU B 251 59.37 -27.74 18.34
C GLU B 251 58.95 -28.99 19.12
N ILE B 252 58.58 -30.05 18.41
CA ILE B 252 58.22 -31.33 19.02
C ILE B 252 59.42 -32.27 18.89
N MET B 253 60.08 -32.60 20.01
CA MET B 253 61.16 -33.60 20.02
C MET B 253 60.61 -34.94 20.47
N THR B 254 60.41 -35.85 19.54
CA THR B 254 59.99 -37.19 19.93
C THR B 254 61.20 -38.13 20.06
N ASN B 255 60.99 -39.23 20.77
CA ASN B 255 62.02 -40.21 21.12
C ASN B 255 63.20 -39.55 21.82
N GLU B 256 62.91 -38.58 22.68
CA GLU B 256 63.92 -37.91 23.48
C GLU B 256 63.45 -37.84 24.93
N ASN B 257 64.40 -37.99 25.86
CA ASN B 257 64.07 -37.98 27.27
C ASN B 257 65.22 -37.35 28.06
N PRO B 258 64.94 -36.34 28.89
CA PRO B 258 66.01 -35.75 29.70
C PRO B 258 66.73 -36.79 30.55
N ALA B 259 68.05 -36.70 30.58
CA ALA B 259 68.87 -37.57 31.41
C ALA B 259 69.45 -36.84 32.63
N LYS B 260 69.76 -35.56 32.47
CA LYS B 260 70.14 -34.72 33.61
C LYS B 260 69.87 -33.28 33.22
N VAL B 261 69.80 -32.43 34.25
CA VAL B 261 69.66 -30.99 34.09
C VAL B 261 70.65 -30.33 35.04
N SER B 262 71.32 -29.27 34.58
CA SER B 262 72.31 -28.58 35.38
C SER B 262 72.11 -27.07 35.25
N LEU B 263 72.62 -26.35 36.25
CA LEU B 263 72.47 -24.90 36.34
C LEU B 263 73.55 -24.21 35.52
N ASN B 264 73.13 -23.24 34.68
CA ASN B 264 74.09 -22.41 33.96
C ASN B 264 74.39 -21.17 34.79
N THR B 265 75.53 -20.54 34.50
CA THR B 265 75.93 -19.38 35.28
C THR B 265 74.94 -18.21 35.16
N ASP B 266 74.13 -18.18 34.11
CA ASP B 266 73.15 -17.09 33.96
C ASP B 266 71.78 -17.44 34.54
N GLY B 267 71.66 -18.55 35.25
CA GLY B 267 70.39 -18.99 35.79
C GLY B 267 69.60 -19.90 34.89
N SER B 268 69.94 -20.00 33.61
CA SER B 268 69.20 -20.91 32.74
C SER B 268 69.61 -22.35 33.03
N LYS B 269 68.94 -23.29 32.36
CA LYS B 269 69.10 -24.72 32.59
C LYS B 269 69.73 -25.38 31.37
N HIS B 270 70.70 -26.26 31.64
CA HIS B 270 71.35 -27.06 30.62
C HIS B 270 70.79 -28.46 30.72
N VAL B 271 70.01 -28.86 29.72
CA VAL B 271 69.37 -30.17 29.68
C VAL B 271 70.21 -31.09 28.81
N THR B 272 70.54 -32.28 29.33
CA THR B 272 71.17 -33.33 28.54
C THR B 272 70.18 -34.45 28.37
N PHE B 273 69.91 -34.84 27.13
CA PHE B 273 69.00 -35.93 26.84
C PHE B 273 69.76 -37.26 26.82
N GLU B 274 69.00 -38.36 26.91
CA GLU B 274 69.60 -39.69 26.90
C GLU B 274 70.39 -39.92 25.62
N SER B 275 69.97 -39.30 24.53
CA SER B 275 70.60 -39.42 23.22
C SER B 275 71.94 -38.71 23.14
N GLY B 276 72.28 -37.87 24.11
CA GLY B 276 73.45 -37.04 24.02
C GLY B 276 73.18 -35.60 23.59
N LYS B 277 72.02 -35.33 22.99
N LYS B 277 72.02 -35.33 23.00
N LYS B 277 72.02 -35.33 22.99
N LYS B 277 72.02 -35.34 23.00
CA LYS B 277 71.68 -33.97 22.63
CA LYS B 277 71.68 -33.96 22.62
CA LYS B 277 71.68 -33.97 22.63
CA LYS B 277 71.68 -33.97 22.62
C LYS B 277 71.58 -33.09 23.87
C LYS B 277 71.55 -33.09 23.86
C LYS B 277 71.58 -33.09 23.87
C LYS B 277 71.56 -33.09 23.86
N THR B 278 71.78 -31.79 23.68
CA THR B 278 71.68 -30.82 24.77
C THR B 278 70.80 -29.65 24.35
N LEU B 279 70.18 -29.01 25.33
CA LEU B 279 69.33 -27.85 25.07
C LEU B 279 69.40 -26.93 26.29
N ASP B 280 69.65 -25.65 26.06
CA ASP B 280 69.62 -24.63 27.11
C ASP B 280 68.27 -23.94 27.10
N VAL B 281 67.57 -23.95 28.24
CA VAL B 281 66.27 -23.29 28.35
C VAL B 281 66.22 -22.47 29.63
N ASP B 282 65.24 -21.57 29.70
CA ASP B 282 65.04 -20.83 30.93
C ASP B 282 64.22 -21.63 31.96
N VAL B 283 63.31 -22.48 31.51
CA VAL B 283 62.44 -23.26 32.38
C VAL B 283 62.32 -24.68 31.81
N VAL B 284 62.39 -25.69 32.69
CA VAL B 284 62.09 -27.09 32.35
C VAL B 284 60.86 -27.49 33.18
N MET B 285 59.74 -27.71 32.52
CA MET B 285 58.50 -28.11 33.20
C MET B 285 58.28 -29.59 32.95
N MET B 286 58.36 -30.39 34.01
CA MET B 286 58.04 -31.81 33.94
C MET B 286 56.54 -32.00 34.00
N ALA B 287 55.98 -32.65 33.00
CA ALA B 287 54.57 -33.00 32.95
C ALA B 287 54.46 -34.43 32.44
N ILE B 288 55.19 -35.34 33.09
CA ILE B 288 55.26 -36.73 32.62
C ILE B 288 54.22 -37.61 33.26
N GLY B 289 53.43 -37.09 34.18
CA GLY B 289 52.40 -37.88 34.80
C GLY B 289 52.03 -37.33 36.15
N ARG B 290 50.94 -37.84 36.69
CA ARG B 290 50.46 -37.46 38.00
C ARG B 290 50.12 -38.73 38.79
N ILE B 291 50.47 -38.76 40.07
CA ILE B 291 50.36 -39.98 40.85
C ILE B 291 49.48 -39.76 42.08
N PRO B 292 48.78 -40.80 42.55
CA PRO B 292 47.86 -40.62 43.68
C PRO B 292 48.58 -40.03 44.88
N ARG B 293 47.89 -39.13 45.59
CA ARG B 293 48.48 -38.45 46.73
C ARG B 293 48.13 -39.21 48.01
N THR B 294 48.93 -40.25 48.30
CA THR B 294 48.64 -41.19 49.38
C THR B 294 49.63 -41.13 50.54
N ASN B 295 50.74 -40.41 50.43
CA ASN B 295 51.85 -40.63 51.36
C ASN B 295 51.61 -40.00 52.73
N ASP B 296 50.87 -38.90 52.80
CA ASP B 296 50.67 -38.21 54.08
C ASP B 296 49.45 -38.69 54.84
N LEU B 297 48.73 -39.70 54.33
CA LEU B 297 47.50 -40.16 54.93
C LEU B 297 47.69 -41.23 55.99
N GLN B 298 48.90 -41.80 56.10
CA GLN B 298 49.19 -42.85 57.07
C GLN B 298 48.23 -44.04 56.91
N LEU B 299 48.09 -44.49 55.67
CA LEU B 299 47.18 -45.60 55.41
C LEU B 299 47.62 -46.88 56.13
N GLY B 300 48.87 -46.95 56.58
CA GLY B 300 49.32 -48.14 57.29
C GLY B 300 48.72 -48.26 58.67
N ASN B 301 48.32 -47.14 59.25
CA ASN B 301 47.68 -47.17 60.56
C ASN B 301 46.42 -48.03 60.56
N VAL B 302 45.73 -48.11 59.44
CA VAL B 302 44.47 -48.85 59.37
C VAL B 302 44.49 -49.98 58.36
N GLY B 303 45.48 -50.03 57.47
CA GLY B 303 45.58 -51.12 56.51
C GLY B 303 44.83 -50.95 55.21
N VAL B 304 44.62 -49.72 54.75
CA VAL B 304 44.02 -49.51 53.42
C VAL B 304 44.96 -50.05 52.36
N LYS B 305 44.45 -50.92 51.51
CA LYS B 305 45.29 -51.54 50.50
C LYS B 305 45.46 -50.63 49.28
N LEU B 306 46.68 -50.58 48.77
CA LEU B 306 46.97 -49.89 47.51
C LEU B 306 47.11 -50.90 46.38
N THR B 307 46.92 -50.41 45.15
CA THR B 307 47.18 -51.20 43.96
C THR B 307 48.68 -51.17 43.66
N PRO B 308 49.18 -52.04 42.77
CA PRO B 308 50.60 -51.96 42.42
C PRO B 308 51.03 -50.58 41.96
N LYS B 309 50.15 -49.84 41.28
CA LYS B 309 50.50 -48.54 40.72
C LYS B 309 50.42 -47.40 41.75
N GLY B 310 49.90 -47.65 42.95
CA GLY B 310 49.91 -46.67 44.01
C GLY B 310 48.58 -46.02 44.32
N GLY B 311 47.52 -46.30 43.56
CA GLY B 311 46.22 -45.81 43.94
C GLY B 311 45.66 -46.56 45.13
N VAL B 312 44.73 -45.91 45.83
CA VAL B 312 43.93 -46.63 46.81
C VAL B 312 43.02 -47.58 46.08
N GLN B 313 43.05 -48.86 46.46
CA GLN B 313 42.21 -49.84 45.79
C GLN B 313 40.76 -49.64 46.20
N VAL B 314 39.85 -49.72 45.22
CA VAL B 314 38.42 -49.55 45.46
C VAL B 314 37.65 -50.55 44.64
N ASP B 315 36.46 -50.92 45.12
CA ASP B 315 35.49 -51.58 44.27
C ASP B 315 34.68 -50.53 43.50
N GLU B 316 33.74 -51.00 42.69
CA GLU B 316 32.93 -50.12 41.84
C GLU B 316 32.13 -49.10 42.64
N PHE B 317 31.95 -49.30 43.94
CA PHE B 317 31.24 -48.35 44.78
C PHE B 317 32.19 -47.51 45.62
N SER B 318 33.47 -47.49 45.26
CA SER B 318 34.49 -46.65 45.89
C SER B 318 34.85 -47.11 47.30
N ARG B 319 34.58 -48.37 47.62
CA ARG B 319 34.86 -48.90 48.95
C ARG B 319 36.24 -49.53 48.97
N THR B 320 37.04 -49.18 49.97
CA THR B 320 38.34 -49.80 50.19
C THR B 320 38.15 -51.19 50.80
N ASN B 321 39.25 -51.81 51.21
CA ASN B 321 39.19 -53.08 51.93
C ASN B 321 38.76 -52.88 53.38
N VAL B 322 38.87 -51.68 53.90
CA VAL B 322 38.52 -51.38 55.29
C VAL B 322 37.08 -50.87 55.31
N PRO B 323 36.17 -51.53 56.04
CA PRO B 323 34.79 -51.04 56.11
C PRO B 323 34.74 -49.60 56.61
N ASN B 324 33.84 -48.82 56.00
CA ASN B 324 33.54 -47.42 56.31
C ASN B 324 34.58 -46.45 55.77
N ILE B 325 35.59 -46.89 55.03
CA ILE B 325 36.57 -45.99 54.45
C ILE B 325 36.47 -46.08 52.93
N TYR B 326 36.32 -44.93 52.28
CA TYR B 326 36.07 -44.86 50.85
C TYR B 326 37.12 -44.00 50.16
N ALA B 327 37.29 -44.19 48.86
CA ALA B 327 38.21 -43.36 48.09
C ALA B 327 37.60 -43.03 46.73
N ILE B 328 37.69 -41.76 46.34
CA ILE B 328 37.18 -41.28 45.07
C ILE B 328 38.21 -40.35 44.45
N GLY B 329 38.07 -40.12 43.14
CA GLY B 329 38.87 -39.10 42.47
C GLY B 329 40.25 -39.62 42.10
N ASP B 330 41.19 -38.69 41.89
CA ASP B 330 42.50 -39.06 41.36
C ASP B 330 43.23 -40.05 42.26
N ILE B 331 42.88 -40.13 43.55
CA ILE B 331 43.63 -41.01 44.44
C ILE B 331 43.38 -42.47 44.09
N THR B 332 42.33 -42.76 43.34
CA THR B 332 42.07 -44.11 42.87
C THR B 332 42.77 -44.42 41.53
N ASP B 333 43.48 -43.44 40.95
CA ASP B 333 44.34 -43.68 39.79
C ASP B 333 43.59 -44.31 38.63
N ARG B 334 42.39 -43.81 38.36
CA ARG B 334 41.63 -44.26 37.20
C ARG B 334 41.57 -43.13 36.18
N LEU B 335 40.37 -42.65 35.87
CA LEU B 335 40.22 -41.47 35.05
C LEU B 335 40.43 -40.23 35.91
N MET B 336 41.51 -39.48 35.65
CA MET B 336 41.82 -38.26 36.41
C MET B 336 41.17 -37.06 35.72
N LEU B 337 39.85 -36.94 35.95
CA LEU B 337 39.05 -35.85 35.43
C LEU B 337 38.17 -35.33 36.56
N THR B 338 37.98 -34.00 36.59
CA THR B 338 37.14 -33.41 37.62
C THR B 338 35.69 -33.92 37.55
N PRO B 339 35.02 -33.98 36.40
CA PRO B 339 33.62 -34.46 36.42
C PRO B 339 33.49 -35.92 36.84
N VAL B 340 34.49 -36.75 36.57
CA VAL B 340 34.46 -38.12 37.06
C VAL B 340 34.54 -38.14 38.58
N ALA B 341 35.42 -37.30 39.17
CA ALA B 341 35.54 -37.28 40.62
C ALA B 341 34.25 -36.82 41.27
N ILE B 342 33.62 -35.79 40.70
CA ILE B 342 32.32 -35.31 41.17
C ILE B 342 31.28 -36.42 41.12
N ASN B 343 31.19 -37.11 39.97
CA ASN B 343 30.24 -38.20 39.83
C ASN B 343 30.50 -39.27 40.88
N GLU B 344 31.76 -39.66 41.07
CA GLU B 344 32.12 -40.65 42.08
C GLU B 344 31.68 -40.22 43.47
N GLY B 345 31.94 -38.97 43.83
CA GLY B 345 31.54 -38.48 45.15
C GLY B 345 30.04 -38.57 45.35
N ALA B 346 29.26 -38.17 44.34
CA ALA B 346 27.81 -38.16 44.48
C ALA B 346 27.25 -39.58 44.54
N ALA B 347 27.78 -40.47 43.70
CA ALA B 347 27.36 -41.86 43.75
C ALA B 347 27.64 -42.47 45.12
N LEU B 348 28.82 -42.16 45.68
CA LEU B 348 29.20 -42.71 46.98
C LEU B 348 28.21 -42.33 48.07
N VAL B 349 27.84 -41.05 48.13
CA VAL B 349 26.93 -40.58 49.17
C VAL B 349 25.52 -41.13 48.96
N ASP B 350 25.06 -41.20 47.71
CA ASP B 350 23.78 -41.85 47.43
C ASP B 350 23.77 -43.30 47.93
N THR B 351 24.88 -44.01 47.74
CA THR B 351 25.00 -45.41 48.16
C THR B 351 24.96 -45.53 49.68
N VAL B 352 25.71 -44.68 50.37
CA VAL B 352 25.92 -44.85 51.80
C VAL B 352 24.75 -44.29 52.59
N PHE B 353 24.33 -43.07 52.27
CA PHE B 353 23.35 -42.35 53.08
C PHE B 353 21.96 -42.34 52.49
N GLY B 354 21.76 -42.96 51.33
CA GLY B 354 20.44 -43.06 50.72
C GLY B 354 20.09 -44.51 50.47
N ASN B 355 18.84 -44.73 50.09
CA ASN B 355 18.39 -46.09 49.85
C ASN B 355 18.51 -46.47 48.38
N LYS B 356 19.69 -46.22 47.80
CA LYS B 356 19.92 -46.60 46.41
C LYS B 356 21.42 -46.64 46.10
N PRO B 357 22.01 -47.83 46.04
CA PRO B 357 23.41 -47.92 45.59
C PRO B 357 23.54 -47.39 44.17
N ARG B 358 24.56 -46.57 43.95
CA ARG B 358 24.89 -46.04 42.63
C ARG B 358 26.37 -46.21 42.38
N LYS B 359 26.73 -46.66 41.17
CA LYS B 359 28.13 -46.73 40.78
C LYS B 359 28.38 -45.88 39.55
N THR B 360 29.56 -45.26 39.50
CA THR B 360 29.93 -44.40 38.38
C THR B 360 30.27 -45.22 37.15
N ASP B 361 29.79 -44.79 36.00
CA ASP B 361 30.13 -45.40 34.72
C ASP B 361 31.40 -44.72 34.20
N HIS B 362 32.51 -45.46 34.13
CA HIS B 362 33.76 -44.93 33.60
C HIS B 362 33.94 -45.18 32.12
N THR B 363 32.96 -45.74 31.43
CA THR B 363 33.03 -45.83 29.99
C THR B 363 32.36 -44.63 29.36
N ARG B 364 32.77 -44.32 28.13
CA ARG B 364 32.10 -43.32 27.31
C ARG B 364 32.09 -41.95 27.99
N VAL B 365 33.15 -41.65 28.73
CA VAL B 365 33.27 -40.35 29.36
C VAL B 365 33.84 -39.37 28.34
N ALA B 366 33.11 -38.30 28.07
CA ALA B 366 33.62 -37.27 27.18
C ALA B 366 34.67 -36.44 27.89
N SER B 367 35.68 -35.99 27.14
CA SER B 367 36.76 -35.18 27.69
C SER B 367 37.42 -34.41 26.55
N ALA B 368 38.39 -33.58 26.93
CA ALA B 368 38.96 -32.63 25.99
C ALA B 368 40.42 -32.37 26.33
N VAL B 369 41.15 -31.89 25.31
CA VAL B 369 42.47 -31.29 25.47
C VAL B 369 42.38 -29.88 24.94
N PHE B 370 42.70 -28.89 25.78
CA PHE B 370 42.70 -27.52 25.30
C PHE B 370 44.03 -27.12 24.70
N SER B 371 44.49 -27.98 23.79
CA SER B 371 45.54 -27.61 22.87
C SER B 371 45.03 -26.57 21.88
N ILE B 372 45.96 -25.96 21.18
CA ILE B 372 45.58 -25.01 20.15
C ILE B 372 46.00 -25.60 18.80
N PRO B 373 45.05 -26.12 18.00
CA PRO B 373 43.60 -26.20 18.25
C PRO B 373 43.25 -27.36 19.18
N PRO B 374 42.04 -27.38 19.75
CA PRO B 374 41.70 -28.34 20.80
C PRO B 374 41.12 -29.67 20.31
N ILE B 375 41.06 -30.62 21.24
CA ILE B 375 40.53 -31.96 21.03
C ILE B 375 39.28 -32.16 21.87
N GLY B 376 38.26 -32.79 21.28
CA GLY B 376 37.15 -33.35 22.04
C GLY B 376 36.94 -34.80 21.62
N THR B 377 36.68 -35.66 22.61
CA THR B 377 36.63 -37.09 22.37
C THR B 377 35.71 -37.75 23.39
N CYS B 378 35.05 -38.82 22.95
CA CYS B 378 34.20 -39.64 23.83
C CYS B 378 34.22 -41.07 23.33
N GLY B 379 34.51 -42.01 24.22
CA GLY B 379 34.47 -43.42 23.86
C GLY B 379 35.80 -43.90 23.31
N LEU B 380 35.74 -45.03 22.60
CA LEU B 380 36.93 -45.81 22.30
C LEU B 380 37.68 -45.31 21.07
N ILE B 381 39.00 -45.36 21.11
CA ILE B 381 39.79 -45.21 19.88
C ILE B 381 39.76 -46.52 19.11
N GLU B 382 40.10 -46.45 17.82
CA GLU B 382 39.81 -47.57 16.92
C GLU B 382 40.66 -48.81 17.22
N GLU B 383 41.90 -48.64 17.72
CA GLU B 383 42.71 -49.83 17.99
C GLU B 383 42.29 -50.50 19.29
N VAL B 384 41.72 -49.76 20.24
CA VAL B 384 41.11 -50.43 21.39
C VAL B 384 39.83 -51.15 20.97
N ALA B 385 39.01 -50.49 20.14
CA ALA B 385 37.81 -51.13 19.63
C ALA B 385 38.14 -52.41 18.89
N ALA B 386 39.18 -52.38 18.06
CA ALA B 386 39.52 -53.54 17.23
C ALA B 386 39.91 -54.76 18.06
N LYS B 387 40.34 -54.57 19.30
CA LYS B 387 40.62 -55.72 20.15
C LYS B 387 39.37 -56.30 20.81
N GLU B 388 38.27 -55.55 20.84
CA GLU B 388 37.05 -55.99 21.49
C GLU B 388 35.96 -56.43 20.53
N PHE B 389 36.06 -56.08 19.24
CA PHE B 389 34.99 -56.32 18.28
C PHE B 389 35.57 -56.92 16.99
N GLU B 390 34.84 -57.88 16.41
CA GLU B 390 35.36 -58.55 15.22
C GLU B 390 35.43 -57.60 14.04
N LYS B 391 34.44 -56.72 13.89
CA LYS B 391 34.39 -55.81 12.76
C LYS B 391 34.14 -54.39 13.24
N VAL B 392 35.08 -53.49 12.92
CA VAL B 392 35.08 -52.09 13.33
C VAL B 392 35.13 -51.24 12.07
N ALA B 393 34.23 -50.27 11.95
CA ALA B 393 34.29 -49.29 10.89
C ALA B 393 34.79 -47.95 11.44
N VAL B 394 35.60 -47.26 10.65
CA VAL B 394 36.06 -45.92 10.95
C VAL B 394 35.57 -44.99 9.86
N TYR B 395 34.79 -43.98 10.25
CA TYR B 395 34.34 -42.92 9.35
C TYR B 395 35.20 -41.70 9.64
N MET B 396 35.73 -41.07 8.59
CA MET B 396 36.71 -40.00 8.77
C MET B 396 36.45 -38.82 7.84
N SER B 397 36.56 -37.62 8.39
CA SER B 397 36.46 -36.39 7.62
C SER B 397 37.57 -35.46 8.10
N SER B 398 38.32 -34.88 7.17
CA SER B 398 39.51 -34.11 7.54
C SER B 398 39.77 -33.08 6.44
N PHE B 399 39.61 -31.81 6.76
CA PHE B 399 39.76 -30.74 5.79
C PHE B 399 40.05 -29.45 6.55
N THR B 400 40.63 -28.49 5.86
CA THR B 400 40.72 -27.15 6.42
C THR B 400 39.41 -26.42 6.23
N PRO B 401 38.76 -25.94 7.30
CA PRO B 401 37.51 -25.19 7.14
C PRO B 401 37.73 -23.92 6.32
N LEU B 402 36.69 -23.55 5.57
CA LEU B 402 36.77 -22.39 4.69
C LEU B 402 37.34 -21.17 5.40
N MET B 403 36.89 -20.91 6.63
CA MET B 403 37.32 -19.71 7.33
C MET B 403 38.84 -19.67 7.52
N HIS B 404 39.50 -20.83 7.61
CA HIS B 404 40.94 -20.82 7.80
C HIS B 404 41.72 -20.82 6.49
N ASN B 405 41.07 -21.03 5.36
CA ASN B 405 41.67 -20.63 4.09
C ASN B 405 41.72 -19.11 3.96
N ILE B 406 40.77 -18.41 4.56
CA ILE B 406 40.79 -16.95 4.54
C ILE B 406 41.65 -16.40 5.65
N SER B 407 41.59 -17.01 6.84
CA SER B 407 42.38 -16.54 7.97
C SER B 407 43.88 -16.61 7.69
N GLY B 408 44.31 -17.51 6.82
CA GLY B 408 45.70 -17.78 6.60
C GLY B 408 46.26 -18.96 7.38
N SER B 409 45.51 -19.49 8.35
CA SER B 409 45.97 -20.66 9.10
C SER B 409 45.53 -21.92 8.36
N LYS B 410 46.10 -22.11 7.18
CA LYS B 410 45.65 -23.21 6.33
C LYS B 410 46.03 -24.57 6.90
N TYR B 411 46.98 -24.60 7.85
CA TYR B 411 47.33 -25.84 8.52
C TYR B 411 46.22 -26.36 9.43
N LYS B 412 45.22 -25.54 9.75
CA LYS B 412 44.23 -25.91 10.77
C LYS B 412 43.15 -26.79 10.15
N LYS B 413 43.53 -28.04 9.92
CA LYS B 413 42.57 -29.05 9.49
C LYS B 413 41.67 -29.41 10.66
N PHE B 414 40.37 -29.48 10.40
CA PHE B 414 39.41 -30.06 11.34
C PHE B 414 39.36 -31.57 11.08
N VAL B 415 39.34 -32.37 12.15
CA VAL B 415 39.26 -33.82 12.02
C VAL B 415 38.04 -34.29 12.80
N ALA B 416 37.22 -35.11 12.16
CA ALA B 416 36.08 -35.76 12.82
C ALA B 416 36.12 -37.22 12.45
N LYS B 417 36.19 -38.09 13.47
CA LYS B 417 36.19 -39.54 13.26
C LYS B 417 35.14 -40.19 14.15
N ILE B 418 34.39 -41.13 13.56
CA ILE B 418 33.43 -41.95 14.26
C ILE B 418 33.85 -43.41 14.14
N VAL B 419 33.92 -44.12 15.25
CA VAL B 419 34.31 -45.52 15.31
C VAL B 419 33.05 -46.31 15.66
N THR B 420 32.70 -47.29 14.82
CA THR B 420 31.52 -48.09 15.09
C THR B 420 31.86 -49.56 15.25
N ASN B 421 30.99 -50.27 15.96
CA ASN B 421 30.91 -51.72 15.81
C ASN B 421 30.18 -51.95 14.49
N HIS B 422 30.92 -52.39 13.47
CA HIS B 422 30.31 -52.46 12.16
C HIS B 422 29.28 -53.57 12.04
N SER B 423 29.25 -54.50 12.99
CA SER B 423 28.26 -55.57 12.93
C SER B 423 26.85 -55.03 13.14
N ASP B 424 26.70 -53.98 13.94
CA ASP B 424 25.36 -53.41 14.14
C ASP B 424 25.34 -51.89 14.06
N GLY B 425 26.39 -51.25 13.54
CA GLY B 425 26.41 -49.79 13.45
C GLY B 425 26.55 -49.03 14.75
N THR B 426 26.77 -49.68 15.89
CA THR B 426 26.79 -48.95 17.16
C THR B 426 28.02 -48.05 17.23
N VAL B 427 27.79 -46.77 17.55
CA VAL B 427 28.91 -45.84 17.71
C VAL B 427 29.67 -46.18 18.99
N LEU B 428 30.95 -46.52 18.82
CA LEU B 428 31.84 -46.85 19.92
C LEU B 428 32.71 -45.67 20.36
N GLY B 429 33.00 -44.74 19.46
CA GLY B 429 33.87 -43.63 19.79
C GLY B 429 33.68 -42.51 18.78
N VAL B 430 33.87 -41.28 19.24
CA VAL B 430 33.88 -40.08 18.41
C VAL B 430 35.05 -39.21 18.85
N HIS B 431 35.87 -38.77 17.89
CA HIS B 431 37.10 -38.03 18.17
C HIS B 431 37.21 -36.84 17.23
N LEU B 432 37.46 -35.66 17.80
CA LEU B 432 37.39 -34.39 17.11
C LEU B 432 38.65 -33.59 17.36
N LEU B 433 39.15 -32.91 16.32
CA LEU B 433 40.19 -31.91 16.47
C LEU B 433 39.82 -30.66 15.67
N GLY B 434 39.88 -29.49 16.31
CA GLY B 434 39.50 -28.24 15.68
C GLY B 434 38.74 -27.29 16.59
N ASP B 435 38.62 -26.01 16.19
CA ASP B 435 37.92 -25.04 17.01
C ASP B 435 36.55 -25.59 17.39
N GLY B 436 36.22 -25.49 18.67
CA GLY B 436 34.92 -25.91 19.16
C GLY B 436 34.79 -27.38 19.53
N ALA B 437 35.80 -28.20 19.25
CA ALA B 437 35.69 -29.64 19.51
C ALA B 437 35.30 -29.99 20.95
N PRO B 438 35.80 -29.32 21.99
CA PRO B 438 35.29 -29.63 23.35
C PRO B 438 33.81 -29.37 23.52
N GLU B 439 33.29 -28.30 22.89
CA GLU B 439 31.87 -28.00 22.99
C GLU B 439 31.04 -28.98 22.17
N ILE B 440 31.48 -29.29 20.95
CA ILE B 440 30.75 -30.23 20.08
C ILE B 440 30.54 -31.56 20.77
N ILE B 441 31.52 -32.01 21.57
CA ILE B 441 31.55 -33.41 21.99
C ILE B 441 30.60 -33.70 23.16
N GLN B 442 30.17 -32.67 23.91
CA GLN B 442 29.39 -32.92 25.12
C GLN B 442 28.13 -33.73 24.83
N ALA B 443 27.30 -33.27 23.89
CA ALA B 443 26.07 -34.03 23.63
C ALA B 443 26.34 -35.33 22.90
N VAL B 444 27.50 -35.49 22.26
CA VAL B 444 27.90 -36.81 21.78
C VAL B 444 27.97 -37.80 22.95
N GLY B 445 28.47 -37.34 24.10
CA GLY B 445 28.44 -38.18 25.28
C GLY B 445 27.04 -38.66 25.64
N VAL B 446 26.04 -37.78 25.47
CA VAL B 446 24.65 -38.21 25.70
C VAL B 446 24.22 -39.22 24.64
N CYS B 447 24.64 -39.02 23.38
CA CYS B 447 24.27 -39.95 22.31
C CYS B 447 24.71 -41.36 22.61
N LEU B 448 25.92 -41.51 23.15
CA LEU B 448 26.47 -42.83 23.42
C LEU B 448 25.75 -43.54 24.56
N ARG B 449 25.00 -42.81 25.39
N ARG B 449 24.98 -42.81 25.37
N ARG B 449 25.00 -42.81 25.39
N ARG B 449 24.98 -42.81 25.37
CA ARG B 449 24.14 -43.43 26.40
CA ARG B 449 24.15 -43.41 26.40
CA ARG B 449 24.14 -43.43 26.40
CA ARG B 449 24.14 -43.42 26.40
C ARG B 449 22.80 -43.87 25.84
C ARG B 449 22.75 -43.76 25.88
C ARG B 449 22.80 -43.87 25.84
C ARG B 449 22.75 -43.76 25.88
N LEU B 450 22.46 -43.46 24.62
CA LEU B 450 21.23 -43.88 23.97
C LEU B 450 21.52 -44.93 22.91
N ASN B 451 22.69 -45.54 22.99
CA ASN B 451 23.17 -46.52 22.02
C ASN B 451 22.90 -46.06 20.60
N ALA B 452 23.41 -44.87 20.32
CA ALA B 452 23.31 -44.31 18.97
C ALA B 452 24.10 -45.14 17.98
N LYS B 453 23.55 -45.27 16.78
CA LYS B 453 24.21 -45.89 15.65
C LYS B 453 24.69 -44.81 14.70
N ILE B 454 25.63 -45.19 13.81
CA ILE B 454 26.09 -44.24 12.81
C ILE B 454 24.90 -43.71 12.01
N SER B 455 23.89 -44.56 11.76
CA SER B 455 22.74 -44.08 11.00
C SER B 455 21.90 -43.06 11.78
N ASP B 456 21.94 -43.10 13.12
CA ASP B 456 21.24 -42.06 13.87
C ASP B 456 21.90 -40.72 13.69
N PHE B 457 23.24 -40.70 13.61
CA PHE B 457 23.95 -39.47 13.29
C PHE B 457 23.63 -39.01 11.88
N TYR B 458 23.79 -39.89 10.90
CA TYR B 458 23.63 -39.51 9.50
C TYR B 458 22.19 -39.13 9.14
N ASN B 459 21.19 -39.67 9.83
CA ASN B 459 19.80 -39.30 9.55
C ASN B 459 19.36 -38.04 10.27
N THR B 460 20.17 -37.54 11.20
CA THR B 460 19.89 -36.26 11.85
C THR B 460 20.24 -35.12 10.91
N ILE B 461 19.35 -34.12 10.83
CA ILE B 461 19.56 -33.00 9.94
C ILE B 461 20.64 -32.08 10.51
N GLY B 462 21.58 -31.68 9.66
CA GLY B 462 22.68 -30.85 10.12
C GLY B 462 22.28 -29.42 10.41
N VAL B 463 23.11 -28.77 11.23
CA VAL B 463 23.10 -27.34 11.49
C VAL B 463 24.19 -26.73 10.64
N HIS B 464 23.83 -25.78 9.77
CA HIS B 464 24.76 -25.32 8.73
C HIS B 464 24.85 -23.80 8.76
N PRO B 465 26.06 -23.25 8.64
CA PRO B 465 27.36 -23.93 8.54
C PRO B 465 28.03 -24.15 9.90
N THR B 466 28.48 -25.37 10.21
CA THR B 466 29.22 -25.63 11.43
C THR B 466 30.26 -26.69 11.13
N SER B 467 31.25 -26.78 12.01
CA SER B 467 32.11 -27.97 12.02
C SER B 467 31.32 -29.19 12.45
N ALA B 468 30.44 -29.04 13.45
CA ALA B 468 29.75 -30.17 14.04
C ALA B 468 28.94 -30.97 13.02
N GLU B 469 28.34 -30.32 12.03
CA GLU B 469 27.50 -31.03 11.06
C GLU B 469 28.28 -32.10 10.28
N GLU B 470 29.61 -32.04 10.30
CA GLU B 470 30.41 -33.13 9.72
C GLU B 470 30.02 -34.46 10.32
N LEU B 471 29.71 -34.48 11.62
CA LEU B 471 29.32 -35.70 12.31
C LEU B 471 28.05 -36.32 11.74
N CYS B 472 27.19 -35.52 11.08
CA CYS B 472 25.95 -36.05 10.52
C CYS B 472 26.00 -36.23 9.02
N SER B 473 27.19 -36.24 8.43
CA SER B 473 27.34 -36.32 6.99
C SER B 473 28.18 -37.52 6.56
N MET B 474 28.51 -38.41 7.47
CA MET B 474 29.37 -39.55 7.16
C MET B 474 28.53 -40.81 7.02
N ARG B 475 28.51 -41.36 5.82
CA ARG B 475 27.71 -42.51 5.42
C ARG B 475 28.55 -43.74 5.15
N THR B 476 29.75 -43.56 4.60
CA THR B 476 30.56 -44.65 4.10
C THR B 476 31.86 -44.74 4.90
N PRO B 477 32.20 -45.90 5.43
CA PRO B 477 33.47 -46.02 6.17
C PRO B 477 34.66 -45.69 5.27
N SER B 478 35.67 -45.06 5.87
CA SER B 478 36.94 -44.88 5.20
C SER B 478 37.75 -46.17 5.21
N TYR B 479 37.66 -46.94 6.28
CA TYR B 479 38.39 -48.20 6.40
C TYR B 479 37.82 -48.98 7.57
N TYR B 480 38.39 -50.16 7.79
CA TYR B 480 37.86 -51.12 8.73
C TYR B 480 39.00 -51.78 9.51
N TYR B 481 38.63 -52.38 10.64
CA TYR B 481 39.46 -53.38 11.31
C TYR B 481 38.67 -54.67 11.37
N VAL B 482 39.27 -55.76 10.89
CA VAL B 482 38.66 -57.09 10.94
C VAL B 482 39.60 -57.99 11.74
N LYS B 483 39.10 -58.58 12.81
CA LYS B 483 39.90 -59.42 13.68
C LYS B 483 41.18 -58.72 14.11
N GLY B 484 41.12 -57.39 14.25
CA GLY B 484 42.25 -56.62 14.72
C GLY B 484 43.19 -56.10 13.65
N GLU B 485 42.97 -56.41 12.38
CA GLU B 485 43.87 -55.94 11.33
C GLU B 485 43.18 -54.88 10.46
N LYS B 486 43.93 -53.82 10.18
CA LYS B 486 43.42 -52.64 9.50
C LYS B 486 43.43 -52.87 7.99
N MET B 487 42.29 -52.61 7.35
CA MET B 487 42.16 -52.80 5.91
C MET B 487 41.14 -51.83 5.35
N GLU B 488 41.38 -51.40 4.11
CA GLU B 488 40.52 -50.39 3.50
C GLU B 488 39.16 -50.95 3.12
N LYS B 489 39.08 -52.22 2.73
CA LYS B 489 37.84 -52.83 2.29
C LYS B 489 37.56 -54.07 3.13
N LEU B 490 36.29 -54.43 3.20
CA LEU B 490 35.97 -55.65 3.93
C LEU B 490 36.32 -56.89 3.10
N PRO B 491 36.69 -58.00 3.77
CA PRO B 491 36.95 -59.30 3.11
C PRO B 491 35.70 -59.93 2.51
N LYS C 6 -28.22 12.14 25.96
CA LYS C 6 -29.47 11.41 26.08
C LYS C 6 -29.54 10.25 25.09
N ALA C 7 -30.74 9.74 24.86
CA ALA C 7 -31.01 8.70 23.90
C ALA C 7 -31.71 9.30 22.70
N PHE C 8 -31.68 8.56 21.59
CA PHE C 8 -32.18 9.07 20.32
C PHE C 8 -32.66 7.92 19.46
N ASP C 9 -33.68 8.20 18.66
CA ASP C 9 -34.08 7.26 17.62
C ASP C 9 -32.99 7.11 16.57
N LEU C 10 -32.32 8.21 16.24
CA LEU C 10 -31.37 8.24 15.13
C LEU C 10 -30.21 9.16 15.49
N VAL C 11 -28.99 8.67 15.32
CA VAL C 11 -27.80 9.49 15.42
C VAL C 11 -27.13 9.49 14.06
N VAL C 12 -26.90 10.68 13.51
CA VAL C 12 -26.26 10.88 12.22
C VAL C 12 -24.88 11.48 12.46
N ILE C 13 -23.84 10.80 11.96
CA ILE C 13 -22.48 11.33 12.02
C ILE C 13 -22.19 11.95 10.66
N GLY C 14 -22.10 13.27 10.63
CA GLY C 14 -21.96 14.00 9.37
C GLY C 14 -23.20 14.81 9.05
N ALA C 15 -23.16 16.13 9.32
CA ALA C 15 -24.27 17.04 9.06
C ALA C 15 -24.18 17.61 7.65
N GLY C 16 -24.19 16.69 6.68
CA GLY C 16 -23.93 17.03 5.31
C GLY C 16 -25.15 16.90 4.41
N SER C 17 -24.89 16.73 3.10
CA SER C 17 -25.98 16.64 2.14
C SER C 17 -26.93 15.50 2.50
N GLY C 18 -26.40 14.29 2.63
CA GLY C 18 -27.23 13.15 2.95
C GLY C 18 -27.63 13.10 4.41
N GLY C 19 -26.69 13.41 5.30
CA GLY C 19 -26.98 13.38 6.71
C GLY C 19 -28.11 14.30 7.10
N LEU C 20 -28.07 15.55 6.61
CA LEU C 20 -29.12 16.50 6.97
C LEU C 20 -30.47 16.14 6.36
N GLU C 21 -30.49 15.53 5.17
CA GLU C 21 -31.77 15.10 4.61
C GLU C 21 -32.39 14.03 5.50
N ALA C 22 -31.59 13.04 5.90
CA ALA C 22 -32.10 11.97 6.75
C ALA C 22 -32.55 12.52 8.10
N GLY C 23 -31.75 13.40 8.71
CA GLY C 23 -32.06 13.90 10.04
C GLY C 23 -33.28 14.81 10.06
N TRP C 24 -33.43 15.65 9.04
CA TRP C 24 -34.63 16.49 8.97
C TRP C 24 -35.87 15.66 8.67
N ASN C 25 -35.75 14.68 7.77
CA ASN C 25 -36.90 13.85 7.44
C ASN C 25 -37.35 13.00 8.62
N ALA C 26 -36.39 12.34 9.28
CA ALA C 26 -36.71 11.55 10.47
C ALA C 26 -37.48 12.37 11.50
N ALA C 27 -37.01 13.59 11.79
CA ALA C 27 -37.62 14.38 12.86
C ALA C 27 -38.94 15.02 12.43
N THR C 28 -39.05 15.49 11.20
CA THR C 28 -40.23 16.26 10.81
C THR C 28 -41.29 15.44 10.09
N LEU C 29 -40.93 14.30 9.51
CA LEU C 29 -41.92 13.46 8.87
C LEU C 29 -42.32 12.27 9.72
N TYR C 30 -41.56 11.97 10.77
CA TYR C 30 -41.83 10.81 11.60
C TYR C 30 -41.66 11.11 13.09
N GLY C 31 -41.55 12.38 13.49
CA GLY C 31 -41.52 12.77 14.88
C GLY C 31 -40.45 12.10 15.71
N LYS C 32 -39.37 11.66 15.09
CA LYS C 32 -38.33 10.96 15.81
C LYS C 32 -37.40 11.94 16.52
N ARG C 33 -36.74 11.45 17.56
CA ARG C 33 -35.72 12.19 18.28
C ARG C 33 -34.38 11.92 17.61
N VAL C 34 -33.73 12.98 17.11
CA VAL C 34 -32.63 12.83 16.17
C VAL C 34 -31.44 13.68 16.62
N ALA C 35 -30.26 13.08 16.64
CA ALA C 35 -29.01 13.78 16.86
C ALA C 35 -28.19 13.80 15.57
N VAL C 36 -27.48 14.91 15.33
CA VAL C 36 -26.62 15.08 14.17
C VAL C 36 -25.31 15.68 14.64
N VAL C 37 -24.19 15.08 14.23
CA VAL C 37 -22.86 15.47 14.69
C VAL C 37 -22.05 16.03 13.54
N ASP C 38 -21.29 17.09 13.80
CA ASP C 38 -20.34 17.60 12.83
C ASP C 38 -19.25 18.36 13.56
N VAL C 39 -18.11 18.50 12.88
CA VAL C 39 -16.90 18.99 13.54
C VAL C 39 -16.79 20.50 13.56
N GLN C 40 -17.67 21.21 12.87
CA GLN C 40 -17.54 22.65 12.75
C GLN C 40 -18.90 23.22 12.42
N THR C 41 -19.19 24.41 12.93
CA THR C 41 -20.48 25.02 12.67
C THR C 41 -20.49 25.91 11.43
N SER C 42 -19.33 26.30 10.90
CA SER C 42 -19.29 27.11 9.69
C SER C 42 -18.04 26.79 8.89
N HIS C 43 -18.02 27.29 7.66
CA HIS C 43 -17.04 26.89 6.65
C HIS C 43 -15.62 27.29 7.04
N GLY C 44 -14.66 26.56 6.47
CA GLY C 44 -13.30 27.04 6.40
C GLY C 44 -12.33 26.29 7.27
N PRO C 45 -11.06 26.67 7.21
CA PRO C 45 -10.04 26.10 8.10
C PRO C 45 -10.50 26.17 9.54
N PRO C 46 -10.11 25.20 10.38
CA PRO C 46 -9.22 24.07 10.11
C PRO C 46 -9.86 22.88 9.40
N PHE C 47 -11.16 22.65 9.50
CA PHE C 47 -11.71 21.39 9.03
C PHE C 47 -12.45 21.53 7.70
N TYR C 48 -12.57 22.76 7.16
CA TYR C 48 -13.10 23.07 5.84
C TYR C 48 -14.57 22.72 5.68
N ALA C 49 -14.91 21.44 5.57
CA ALA C 49 -16.30 21.03 5.69
C ALA C 49 -16.82 21.32 7.09
N ALA C 50 -18.13 21.43 7.21
CA ALA C 50 -18.76 21.85 8.46
C ALA C 50 -20.25 21.56 8.33
N LEU C 51 -21.02 22.04 9.31
CA LEU C 51 -22.49 22.01 9.23
C LEU C 51 -22.96 22.46 7.85
N GLY C 52 -23.69 21.57 7.16
CA GLY C 52 -24.05 21.80 5.78
C GLY C 52 -23.49 20.74 4.86
N GLY C 53 -22.25 20.31 5.11
CA GLY C 53 -21.58 19.29 4.33
C GLY C 53 -20.54 19.88 3.40
N THR C 54 -19.94 18.99 2.62
CA THR C 54 -18.86 19.39 1.73
C THR C 54 -19.37 20.30 0.60
N CYS C 55 -20.54 19.98 0.04
CA CYS C 55 -21.09 20.74 -1.07
C CYS C 55 -21.33 22.18 -0.67
N VAL C 56 -21.97 22.38 0.48
CA VAL C 56 -22.32 23.71 0.96
C VAL C 56 -21.07 24.52 1.25
N ASN C 57 -20.07 23.89 1.87
CA ASN C 57 -18.98 24.67 2.44
C ASN C 57 -17.78 24.80 1.52
N VAL C 58 -17.36 23.70 0.89
CA VAL C 58 -16.17 23.69 0.05
C VAL C 58 -16.42 22.76 -1.13
N GLY C 59 -17.57 22.94 -1.78
CA GLY C 59 -17.95 22.09 -2.91
C GLY C 59 -18.86 22.79 -3.89
N CYS C 60 -19.96 22.11 -4.27
CA CYS C 60 -20.80 22.59 -5.38
C CYS C 60 -21.14 24.07 -5.24
N VAL C 61 -21.58 24.48 -4.05
CA VAL C 61 -22.14 25.83 -3.87
C VAL C 61 -21.05 26.89 -4.04
N PRO C 62 -19.96 26.91 -3.25
CA PRO C 62 -18.94 27.94 -3.50
C PRO C 62 -18.31 27.84 -4.87
N LYS C 63 -18.05 26.63 -5.37
CA LYS C 63 -17.37 26.52 -6.65
C LYS C 63 -18.25 27.06 -7.77
N LYS C 64 -19.57 26.87 -7.67
CA LYS C 64 -20.43 27.38 -8.73
C LYS C 64 -20.39 28.90 -8.75
N LEU C 65 -20.37 29.53 -7.57
CA LEU C 65 -20.28 30.98 -7.52
C LEU C 65 -18.96 31.45 -8.12
N MET C 66 -17.89 30.70 -7.90
CA MET C 66 -16.58 31.09 -8.41
C MET C 66 -16.50 30.89 -9.93
N VAL C 67 -17.08 29.80 -10.45
CA VAL C 67 -17.15 29.65 -11.89
C VAL C 67 -17.97 30.79 -12.50
N THR C 68 -19.08 31.14 -11.86
CA THR C 68 -19.88 32.26 -12.35
C THR C 68 -19.05 33.52 -12.42
N GLY C 69 -18.20 33.76 -11.42
CA GLY C 69 -17.30 34.90 -11.45
C GLY C 69 -16.28 34.78 -12.57
N ALA C 70 -15.74 33.58 -12.78
CA ALA C 70 -14.77 33.37 -13.86
C ALA C 70 -15.38 33.64 -15.24
N GLN C 71 -16.67 33.33 -15.41
CA GLN C 71 -17.33 33.53 -16.71
C GLN C 71 -17.30 34.98 -17.14
N TYR C 72 -17.19 35.94 -16.20
CA TYR C 72 -17.21 37.33 -16.61
C TYR C 72 -15.99 37.70 -17.44
N MET C 73 -14.88 36.97 -17.29
CA MET C 73 -13.76 37.17 -18.20
C MET C 73 -14.22 37.05 -19.64
N ASP C 74 -15.01 36.01 -19.94
CA ASP C 74 -15.54 35.82 -21.28
C ASP C 74 -16.59 36.89 -21.61
N HIS C 75 -17.52 37.15 -20.68
CA HIS C 75 -18.59 38.11 -20.95
C HIS C 75 -18.04 39.48 -21.32
N LEU C 76 -17.03 39.96 -20.60
CA LEU C 76 -16.55 41.32 -20.86
C LEU C 76 -15.91 41.40 -22.24
N ARG C 77 -15.12 40.40 -22.61
CA ARG C 77 -14.52 40.38 -23.95
C ARG C 77 -15.60 40.25 -25.02
N GLU C 78 -16.52 39.29 -24.83
CA GLU C 78 -17.53 38.99 -25.84
C GLU C 78 -18.56 40.10 -26.02
N SER C 79 -18.70 40.98 -25.02
CA SER C 79 -19.62 42.12 -25.13
C SER C 79 -19.26 43.04 -26.29
N ALA C 80 -17.96 43.12 -26.63
CA ALA C 80 -17.54 44.08 -27.66
C ALA C 80 -18.18 43.79 -29.01
N GLY C 81 -18.32 42.51 -29.36
CA GLY C 81 -18.94 42.16 -30.63
C GLY C 81 -20.38 42.59 -30.75
N PHE C 82 -21.06 42.84 -29.62
CA PHE C 82 -22.43 43.28 -29.60
C PHE C 82 -22.55 44.77 -29.35
N GLY C 83 -21.46 45.50 -29.54
CA GLY C 83 -21.48 46.94 -29.48
C GLY C 83 -21.13 47.56 -28.16
N TRP C 84 -20.69 46.79 -27.17
CA TRP C 84 -20.32 47.40 -25.89
C TRP C 84 -18.90 47.91 -25.94
N GLU C 85 -18.72 49.12 -25.40
CA GLU C 85 -17.46 49.83 -25.44
C GLU C 85 -17.12 50.27 -24.03
N PHE C 86 -15.88 50.02 -23.62
CA PHE C 86 -15.37 50.50 -22.34
C PHE C 86 -13.85 50.39 -22.38
N ASP C 87 -13.21 50.96 -21.36
CA ASP C 87 -11.75 51.00 -21.28
C ASP C 87 -11.24 49.63 -20.88
N GLY C 88 -10.84 48.82 -21.86
CA GLY C 88 -10.37 47.48 -21.54
C GLY C 88 -9.14 47.47 -20.65
N SER C 89 -8.30 48.49 -20.76
CA SER C 89 -7.09 48.56 -19.94
C SER C 89 -7.42 48.74 -18.45
N SER C 90 -8.66 49.11 -18.12
CA SER C 90 -9.05 49.32 -16.74
C SER C 90 -9.58 48.07 -16.06
N VAL C 91 -9.71 46.95 -16.80
CA VAL C 91 -10.34 45.75 -16.27
C VAL C 91 -9.37 45.03 -15.33
N LYS C 92 -9.89 44.61 -14.18
CA LYS C 92 -9.11 43.85 -13.22
C LYS C 92 -10.05 42.89 -12.50
N ALA C 93 -9.58 41.65 -12.30
CA ALA C 93 -10.34 40.63 -11.57
C ALA C 93 -9.85 40.60 -10.12
N ASN C 94 -10.69 41.02 -9.20
CA ASN C 94 -10.33 41.12 -7.79
C ASN C 94 -10.73 39.83 -7.10
N TRP C 95 -9.76 38.91 -6.99
CA TRP C 95 -9.99 37.63 -6.33
C TRP C 95 -10.43 37.80 -4.88
N LYS C 96 -9.85 38.76 -4.15
CA LYS C 96 -10.22 38.89 -2.75
C LYS C 96 -11.71 39.20 -2.60
N LYS C 97 -12.24 40.07 -3.46
CA LYS C 97 -13.67 40.38 -3.42
C LYS C 97 -14.51 39.13 -3.70
N LEU C 98 -14.10 38.29 -4.66
CA LEU C 98 -14.85 37.07 -4.94
C LEU C 98 -14.88 36.16 -3.72
N ILE C 99 -13.72 35.98 -3.08
CA ILE C 99 -13.64 35.06 -1.94
C ILE C 99 -14.48 35.58 -0.78
N ALA C 100 -14.42 36.89 -0.53
CA ALA C 100 -15.23 37.47 0.53
C ALA C 100 -16.72 37.30 0.26
N ALA C 101 -17.14 37.56 -0.98
CA ALA C 101 -18.55 37.37 -1.35
C ALA C 101 -18.95 35.91 -1.21
N LYS C 102 -18.12 35.00 -1.68
CA LYS C 102 -18.40 33.58 -1.47
C LYS C 102 -18.48 33.24 0.02
N ASN C 103 -17.55 33.78 0.83
CA ASN C 103 -17.51 33.48 2.26
C ASN C 103 -18.79 33.92 2.95
N GLU C 104 -19.25 35.14 2.66
CA GLU C 104 -20.50 35.61 3.23
C GLU C 104 -21.67 34.71 2.84
N ALA C 105 -21.76 34.36 1.55
CA ALA C 105 -22.85 33.52 1.08
C ALA C 105 -22.88 32.18 1.81
N VAL C 106 -21.73 31.53 1.92
CA VAL C 106 -21.66 30.24 2.62
C VAL C 106 -21.97 30.40 4.11
N LEU C 107 -21.41 31.43 4.74
CA LEU C 107 -21.68 31.66 6.16
C LEU C 107 -23.17 31.87 6.41
N ASP C 108 -23.87 32.50 5.46
CA ASP C 108 -25.32 32.62 5.60
C ASP C 108 -25.99 31.26 5.60
N ILE C 109 -25.51 30.33 4.76
CA ILE C 109 -26.13 29.00 4.73
C ILE C 109 -25.81 28.23 6.01
N ASN C 110 -24.59 28.36 6.54
CA ASN C 110 -24.27 27.77 7.85
C ASN C 110 -25.25 28.27 8.91
N LYS C 111 -25.34 29.59 9.08
CA LYS C 111 -26.24 30.17 10.07
C LYS C 111 -27.68 29.72 9.85
N SER C 112 -28.10 29.63 8.59
CA SER C 112 -29.44 29.15 8.29
C SER C 112 -29.65 27.74 8.84
N TYR C 113 -28.64 26.86 8.70
CA TYR C 113 -28.76 25.52 9.28
C TYR C 113 -28.75 25.55 10.80
N GLU C 114 -28.01 26.48 11.41
CA GLU C 114 -28.06 26.64 12.86
C GLU C 114 -29.46 27.01 13.32
N GLY C 115 -30.15 27.86 12.56
CA GLY C 115 -31.52 28.19 12.91
C GLY C 115 -32.46 27.01 12.77
N MET C 116 -32.26 26.18 11.74
CA MET C 116 -33.11 25.02 11.53
C MET C 116 -33.04 24.09 12.73
N PHE C 117 -31.86 23.92 13.32
CA PHE C 117 -31.74 23.09 14.52
C PHE C 117 -32.42 23.74 15.71
N ASN C 118 -32.17 25.03 15.93
CA ASN C 118 -32.73 25.72 17.09
C ASN C 118 -34.24 25.77 17.03
N ASP C 119 -34.82 25.78 15.83
CA ASP C 119 -36.25 25.94 15.68
C ASP C 119 -37.01 24.62 15.62
N THR C 120 -36.34 23.49 15.51
CA THR C 120 -36.99 22.21 15.31
C THR C 120 -36.85 21.36 16.57
N GLU C 121 -37.99 20.93 17.13
CA GLU C 121 -38.01 20.00 18.25
C GLU C 121 -37.72 18.59 17.75
N GLY C 122 -36.92 17.86 18.52
CA GLY C 122 -36.53 16.53 18.12
C GLY C 122 -35.40 16.48 17.12
N LEU C 123 -34.76 17.60 16.84
CA LEU C 123 -33.58 17.65 15.96
C LEU C 123 -32.52 18.44 16.69
N ASP C 124 -31.46 17.75 17.12
CA ASP C 124 -30.41 18.34 17.93
C ASP C 124 -29.08 18.25 17.20
N PHE C 125 -28.24 19.27 17.37
CA PHE C 125 -26.92 19.30 16.75
C PHE C 125 -25.86 19.21 17.84
N PHE C 126 -24.84 18.38 17.60
CA PHE C 126 -23.74 18.20 18.53
C PHE C 126 -22.43 18.47 17.82
N LEU C 127 -21.64 19.41 18.37
CA LEU C 127 -20.37 19.81 17.81
C LEU C 127 -19.27 18.90 18.33
N GLY C 128 -18.58 18.22 17.42
CA GLY C 128 -17.44 17.41 17.78
C GLY C 128 -17.25 16.28 16.79
N TRP C 129 -16.34 15.38 17.13
CA TRP C 129 -16.01 14.25 16.25
C TRP C 129 -16.73 13.00 16.72
N GLY C 130 -17.56 12.45 15.85
CA GLY C 130 -18.33 11.25 16.17
C GLY C 130 -17.61 9.99 15.75
N SER C 131 -17.74 8.95 16.57
CA SER C 131 -17.16 7.64 16.29
C SER C 131 -17.98 6.58 17.00
N LEU C 132 -17.81 5.34 16.56
CA LEU C 132 -18.59 4.21 17.04
C LEU C 132 -17.90 3.59 18.26
N GLU C 133 -18.48 3.81 19.45
CA GLU C 133 -18.04 3.10 20.64
C GLU C 133 -18.57 1.68 20.64
N SER C 134 -19.87 1.52 20.48
CA SER C 134 -20.49 0.21 20.41
C SER C 134 -21.75 0.31 19.55
N LYS C 135 -22.39 -0.85 19.36
CA LYS C 135 -23.46 -1.03 18.38
C LYS C 135 -24.58 -0.01 18.49
N ASN C 136 -24.83 0.54 19.69
CA ASN C 136 -25.91 1.50 19.86
C ASN C 136 -25.44 2.72 20.65
N VAL C 137 -24.14 3.02 20.60
CA VAL C 137 -23.57 4.15 21.30
C VAL C 137 -22.60 4.87 20.36
N VAL C 138 -22.75 6.20 20.27
CA VAL C 138 -21.89 7.04 19.46
C VAL C 138 -21.19 8.03 20.40
N VAL C 139 -19.85 8.04 20.38
CA VAL C 139 -19.09 9.01 21.16
C VAL C 139 -18.85 10.26 20.33
N VAL C 140 -18.94 11.41 20.98
CA VAL C 140 -18.55 12.68 20.39
C VAL C 140 -17.37 13.20 21.20
N ARG C 141 -16.22 13.33 20.56
CA ARG C 141 -14.99 13.74 21.24
C ARG C 141 -14.53 15.11 20.75
N GLU C 142 -13.50 15.61 21.43
CA GLU C 142 -13.03 16.97 21.18
C GLU C 142 -12.30 17.08 19.85
N THR C 143 -11.54 16.05 19.47
CA THR C 143 -10.83 16.02 18.21
C THR C 143 -11.01 14.65 17.56
N ALA C 144 -10.40 14.50 16.37
CA ALA C 144 -10.43 13.22 15.67
C ALA C 144 -9.56 12.18 16.35
N ASP C 145 -8.67 12.61 17.24
CA ASP C 145 -7.87 11.71 18.09
C ASP C 145 -8.80 10.93 19.01
N PRO C 146 -8.87 9.60 18.88
CA PRO C 146 -9.80 8.85 19.74
C PRO C 146 -9.46 8.92 21.21
N LYS C 147 -8.28 9.41 21.57
CA LYS C 147 -7.88 9.61 22.95
C LYS C 147 -8.28 10.98 23.49
N SER C 148 -9.02 11.76 22.70
CA SER C 148 -9.39 13.09 23.17
C SER C 148 -10.62 13.01 24.06
N ALA C 149 -10.88 14.11 24.77
CA ALA C 149 -11.91 14.13 25.79
C ALA C 149 -13.27 13.82 25.20
N VAL C 150 -14.00 12.93 25.86
CA VAL C 150 -15.40 12.71 25.51
C VAL C 150 -16.19 13.97 25.81
N LYS C 151 -17.06 14.34 24.87
CA LYS C 151 -18.00 15.43 25.03
C LYS C 151 -19.42 14.94 25.27
N GLU C 152 -19.84 13.91 24.55
CA GLU C 152 -21.13 13.27 24.72
C GLU C 152 -21.00 11.81 24.34
N ARG C 153 -21.81 10.96 24.97
CA ARG C 153 -22.15 9.65 24.43
C ARG C 153 -23.64 9.69 24.15
N LEU C 154 -24.02 9.29 22.94
CA LEU C 154 -25.41 9.30 22.52
C LEU C 154 -25.86 7.87 22.34
N GLN C 155 -26.97 7.53 22.98
CA GLN C 155 -27.58 6.23 22.77
C GLN C 155 -28.44 6.31 21.51
N ALA C 156 -28.36 5.27 20.69
CA ALA C 156 -28.95 5.34 19.36
C ALA C 156 -29.59 4.02 19.00
N ASP C 157 -30.90 4.02 18.78
CA ASP C 157 -31.52 2.90 18.08
C ASP C 157 -30.82 2.65 16.75
N HIS C 158 -30.66 3.71 15.96
CA HIS C 158 -30.16 3.64 14.60
C HIS C 158 -29.05 4.66 14.42
N ILE C 159 -27.98 4.24 13.72
CA ILE C 159 -26.80 5.07 13.52
C ILE C 159 -26.55 5.19 12.03
N LEU C 160 -26.50 6.43 11.54
CA LEU C 160 -26.23 6.71 10.14
C LEU C 160 -24.84 7.30 10.00
N LEU C 161 -24.03 6.67 9.15
CA LEU C 161 -22.71 7.17 8.78
C LEU C 161 -22.84 8.02 7.53
N ALA C 162 -22.51 9.31 7.63
CA ALA C 162 -22.60 10.19 6.47
C ALA C 162 -21.49 11.23 6.54
N THR C 163 -20.24 10.77 6.68
CA THR C 163 -19.07 11.61 6.86
C THR C 163 -18.43 12.05 5.53
N GLY C 164 -18.97 11.62 4.40
CA GLY C 164 -18.51 12.12 3.11
C GLY C 164 -17.15 11.57 2.71
N SER C 165 -16.43 12.37 1.93
CA SER C 165 -15.12 11.96 1.43
C SER C 165 -14.07 13.02 1.73
N TRP C 166 -12.89 12.88 1.11
CA TRP C 166 -11.74 13.71 1.45
C TRP C 166 -10.76 13.66 0.29
N PRO C 167 -10.03 14.75 0.02
CA PRO C 167 -9.11 14.75 -1.13
C PRO C 167 -8.05 13.68 -0.98
N GLN C 168 -7.79 12.98 -2.08
CA GLN C 168 -6.73 11.99 -2.11
C GLN C 168 -5.42 12.68 -2.51
N MET C 169 -4.36 12.40 -1.76
CA MET C 169 -3.07 13.02 -2.02
C MET C 169 -2.05 11.92 -2.31
N PRO C 170 -1.41 11.92 -3.48
CA PRO C 170 -0.43 10.86 -3.76
C PRO C 170 0.77 10.96 -2.85
N ALA C 171 1.39 9.81 -2.58
CA ALA C 171 2.51 9.75 -1.64
C ALA C 171 3.84 9.95 -2.38
N ILE C 172 3.98 11.13 -2.99
CA ILE C 172 5.22 11.51 -3.64
C ILE C 172 6.02 12.40 -2.68
N PRO C 173 7.34 12.49 -2.82
CA PRO C 173 8.09 13.44 -1.99
C PRO C 173 7.67 14.87 -2.27
N GLY C 174 7.48 15.65 -1.20
CA GLY C 174 7.02 17.01 -1.32
C GLY C 174 5.51 17.18 -1.44
N ILE C 175 4.73 16.14 -1.16
CA ILE C 175 3.27 16.29 -1.21
C ILE C 175 2.81 17.39 -0.27
N GLU C 176 3.54 17.60 0.85
CA GLU C 176 3.14 18.58 1.84
C GLU C 176 3.21 20.02 1.31
N HIS C 177 3.87 20.25 0.18
CA HIS C 177 3.91 21.56 -0.42
C HIS C 177 2.73 21.82 -1.34
N CYS C 178 1.87 20.82 -1.52
CA CYS C 178 0.71 20.90 -2.39
C CYS C 178 -0.52 21.20 -1.57
N ILE C 179 -1.58 21.65 -2.24
CA ILE C 179 -2.87 21.88 -1.62
C ILE C 179 -3.91 21.02 -2.31
N SER C 180 -5.11 21.05 -1.76
CA SER C 180 -6.26 20.44 -2.42
C SER C 180 -7.30 21.54 -2.68
N SER C 181 -8.45 21.13 -3.22
CA SER C 181 -9.53 22.10 -3.43
C SER C 181 -9.95 22.77 -2.13
N ASN C 182 -9.75 22.10 -0.98
CA ASN C 182 -10.10 22.69 0.31
C ASN C 182 -9.41 24.04 0.49
N GLU C 183 -8.08 24.05 0.30
CA GLU C 183 -7.30 25.27 0.52
C GLU C 183 -7.45 26.25 -0.63
N ALA C 184 -7.79 25.74 -1.83
CA ALA C 184 -8.02 26.60 -2.99
C ALA C 184 -9.09 27.63 -2.69
N PHE C 185 -10.16 27.23 -1.99
CA PHE C 185 -11.26 28.11 -1.67
C PHE C 185 -10.86 29.27 -0.78
N TYR C 186 -9.66 29.23 -0.17
CA TYR C 186 -9.26 30.26 0.78
C TYR C 186 -7.93 30.92 0.45
N LEU C 187 -7.40 30.71 -0.74
CA LEU C 187 -6.12 31.33 -1.08
C LEU C 187 -6.24 32.84 -0.93
N PRO C 188 -5.30 33.49 -0.25
CA PRO C 188 -5.43 34.94 -0.03
C PRO C 188 -5.24 35.76 -1.30
N GLU C 189 -4.45 35.26 -2.25
CA GLU C 189 -4.13 35.86 -3.53
C GLU C 189 -4.35 34.83 -4.64
N PRO C 190 -4.79 35.27 -5.82
CA PRO C 190 -4.91 34.34 -6.94
C PRO C 190 -3.53 33.96 -7.45
N PRO C 191 -3.25 32.67 -7.63
CA PRO C 191 -1.91 32.28 -8.06
C PRO C 191 -1.59 32.83 -9.44
N ARG C 192 -0.35 33.30 -9.60
CA ARG C 192 0.10 33.72 -10.92
C ARG C 192 0.32 32.50 -11.81
N ARG C 193 1.04 31.51 -11.30
CA ARG C 193 1.21 30.23 -11.94
C ARG C 193 0.60 29.16 -11.05
N VAL C 194 -0.27 28.33 -11.63
CA VAL C 194 -0.88 27.23 -10.87
C VAL C 194 -0.88 25.96 -11.72
N LEU C 195 -0.54 24.84 -11.07
CA LEU C 195 -0.70 23.50 -11.65
C LEU C 195 -1.87 22.82 -10.97
N THR C 196 -2.91 22.47 -11.73
CA THR C 196 -3.95 21.59 -11.22
C THR C 196 -3.62 20.17 -11.69
N VAL C 197 -3.53 19.24 -10.75
CA VAL C 197 -3.15 17.85 -11.02
C VAL C 197 -4.42 17.02 -11.02
N GLY C 198 -4.74 16.43 -12.17
CA GLY C 198 -5.92 15.60 -12.31
C GLY C 198 -6.69 15.94 -13.57
N GLY C 199 -7.39 14.94 -14.11
CA GLY C 199 -8.19 15.18 -15.29
C GLY C 199 -9.69 15.20 -15.07
N GLY C 200 -10.12 15.04 -13.81
CA GLY C 200 -11.53 15.04 -13.47
C GLY C 200 -12.09 16.44 -13.29
N PHE C 201 -13.33 16.48 -12.78
CA PHE C 201 -14.12 17.70 -12.86
C PHE C 201 -13.60 18.79 -11.92
N ILE C 202 -13.13 18.42 -10.73
CA ILE C 202 -12.63 19.41 -9.79
C ILE C 202 -11.42 20.13 -10.38
N SER C 203 -10.48 19.36 -10.92
CA SER C 203 -9.30 19.94 -11.55
C SER C 203 -9.69 20.87 -12.70
N VAL C 204 -10.51 20.38 -13.63
CA VAL C 204 -10.95 21.18 -14.78
C VAL C 204 -11.68 22.44 -14.32
N GLU C 205 -12.55 22.31 -13.32
CA GLU C 205 -13.34 23.46 -12.91
C GLU C 205 -12.45 24.53 -12.27
N PHE C 206 -11.50 24.11 -11.43
CA PHE C 206 -10.61 25.08 -10.82
C PHE C 206 -9.63 25.67 -11.83
N ALA C 207 -9.18 24.87 -12.82
CA ALA C 207 -8.33 25.43 -13.87
C ALA C 207 -9.01 26.63 -14.53
N GLY C 208 -10.31 26.52 -14.82
CA GLY C 208 -11.05 27.65 -15.39
C GLY C 208 -11.25 28.82 -14.43
N ILE C 209 -11.43 28.54 -13.13
CA ILE C 209 -11.54 29.60 -12.14
C ILE C 209 -10.23 30.40 -12.04
N PHE C 210 -9.10 29.69 -11.89
CA PHE C 210 -7.81 30.36 -11.79
C PHE C 210 -7.46 31.09 -13.08
N ASN C 211 -7.94 30.57 -14.21
CA ASN C 211 -7.61 31.20 -15.50
C ASN C 211 -8.21 32.59 -15.59
N ALA C 212 -9.38 32.76 -14.99
CA ALA C 212 -10.07 34.06 -15.05
C ALA C 212 -9.52 35.07 -14.05
N TYR C 213 -9.04 34.64 -12.88
CA TYR C 213 -8.60 35.59 -11.86
C TYR C 213 -7.08 35.73 -11.77
N LYS C 214 -6.33 35.12 -12.67
CA LYS C 214 -4.87 35.17 -12.58
C LYS C 214 -4.38 36.59 -12.83
N PRO C 215 -3.31 37.00 -12.15
CA PRO C 215 -2.76 38.35 -12.37
C PRO C 215 -2.13 38.45 -13.75
N PRO C 216 -1.71 39.65 -14.16
CA PRO C 216 -1.11 39.82 -15.50
C PRO C 216 0.08 38.91 -15.73
N GLY C 217 0.10 38.28 -16.90
CA GLY C 217 1.18 37.38 -17.26
C GLY C 217 1.09 36.00 -16.65
N GLY C 218 0.03 35.71 -15.89
CA GLY C 218 -0.10 34.40 -15.29
C GLY C 218 -0.42 33.30 -16.28
N LYS C 219 -0.48 32.07 -15.77
CA LYS C 219 -0.61 30.90 -16.63
C LYS C 219 -1.13 29.74 -15.80
N VAL C 220 -2.21 29.11 -16.27
CA VAL C 220 -2.78 27.91 -15.65
C VAL C 220 -2.37 26.70 -16.45
N THR C 221 -1.78 25.71 -15.78
CA THR C 221 -1.41 24.44 -16.37
C THR C 221 -2.17 23.33 -15.64
N LEU C 222 -2.85 22.48 -16.41
CA LEU C 222 -3.51 21.29 -15.89
C LEU C 222 -2.75 20.08 -16.40
N CYS C 223 -2.42 19.14 -15.51
CA CYS C 223 -1.76 17.94 -15.97
C CYS C 223 -2.63 16.73 -15.65
N TYR C 224 -2.47 15.70 -16.47
CA TYR C 224 -3.21 14.46 -16.31
C TYR C 224 -2.31 13.33 -16.78
N ARG C 225 -2.36 12.20 -16.07
CA ARG C 225 -1.43 11.11 -16.30
C ARG C 225 -1.71 10.35 -17.58
N ASN C 226 -2.93 10.39 -18.09
CA ASN C 226 -3.25 9.66 -19.31
C ASN C 226 -3.41 10.61 -20.49
N ASN C 227 -3.92 10.07 -21.61
N ASN C 227 -3.90 10.09 -21.61
N ASN C 227 -3.92 10.07 -21.61
N ASN C 227 -3.91 10.09 -21.62
CA ASN C 227 -3.91 10.78 -22.87
CA ASN C 227 -3.86 10.85 -22.85
CA ASN C 227 -3.91 10.78 -22.87
CA ASN C 227 -3.86 10.85 -22.85
C ASN C 227 -4.98 11.86 -22.97
C ASN C 227 -4.99 11.87 -22.98
C ASN C 227 -4.98 11.86 -22.97
C ASN C 227 -4.99 11.87 -22.98
N LEU C 228 -6.08 11.72 -22.25
CA LEU C 228 -7.23 12.60 -22.43
C LEU C 228 -7.98 12.84 -21.14
N ILE C 229 -8.30 14.11 -20.86
CA ILE C 229 -8.90 14.46 -19.58
C ILE C 229 -10.35 13.98 -19.53
N LEU C 230 -10.94 14.01 -18.34
CA LEU C 230 -12.37 13.78 -18.14
C LEU C 230 -12.78 12.36 -18.55
N ARG C 231 -11.94 11.39 -18.18
CA ARG C 231 -12.28 9.99 -18.33
C ARG C 231 -13.68 9.73 -17.75
N GLY C 232 -14.48 8.95 -18.47
CA GLY C 232 -15.85 8.68 -18.07
C GLY C 232 -16.88 9.51 -18.81
N PHE C 233 -16.48 10.63 -19.39
CA PHE C 233 -17.39 11.46 -20.17
C PHE C 233 -17.29 11.10 -21.64
N ASP C 234 -18.24 11.60 -22.42
CA ASP C 234 -18.25 11.41 -23.87
C ASP C 234 -16.94 11.85 -24.51
N GLU C 235 -16.44 11.04 -25.45
CA GLU C 235 -15.08 11.24 -25.97
C GLU C 235 -15.00 12.46 -26.88
N THR C 236 -16.01 12.70 -27.73
CA THR C 236 -16.04 13.93 -28.52
C THR C 236 -15.94 15.15 -27.61
N ILE C 237 -16.63 15.12 -26.48
CA ILE C 237 -16.69 16.25 -25.56
C ILE C 237 -15.38 16.37 -24.79
N ARG C 238 -14.75 15.23 -24.43
CA ARG C 238 -13.42 15.27 -23.82
C ARG C 238 -12.42 15.94 -24.75
N GLU C 239 -12.44 15.56 -26.02
CA GLU C 239 -11.53 16.20 -26.97
C GLU C 239 -11.89 17.67 -27.16
N GLU C 240 -13.18 17.98 -27.19
CA GLU C 240 -13.59 19.34 -27.53
C GLU C 240 -13.40 20.30 -26.36
N VAL C 241 -13.70 19.86 -25.14
CA VAL C 241 -13.45 20.74 -23.99
C VAL C 241 -11.96 20.99 -23.83
N THR C 242 -11.12 20.01 -24.18
CA THR C 242 -9.67 20.21 -24.20
C THR C 242 -9.27 21.32 -25.18
N LYS C 243 -9.85 21.31 -26.39
CA LYS C 243 -9.56 22.37 -27.35
C LYS C 243 -10.04 23.73 -26.85
N GLN C 244 -11.20 23.78 -26.19
CA GLN C 244 -11.76 25.07 -25.81
C GLN C 244 -11.10 25.63 -24.53
N LEU C 245 -10.61 24.75 -23.65
CA LEU C 245 -9.76 25.22 -22.55
C LEU C 245 -8.44 25.75 -23.07
N THR C 246 -7.85 25.07 -24.03
CA THR C 246 -6.61 25.53 -24.64
C THR C 246 -6.81 26.88 -25.31
N ALA C 247 -7.94 27.06 -26.01
CA ALA C 247 -8.18 28.33 -26.70
C ALA C 247 -8.29 29.49 -25.73
N ASN C 248 -8.69 29.23 -24.49
CA ASN C 248 -8.82 30.28 -23.48
C ASN C 248 -7.59 30.41 -22.61
N GLY C 249 -6.47 29.83 -23.03
CA GLY C 249 -5.19 30.11 -22.41
C GLY C 249 -4.68 29.09 -21.41
N ILE C 250 -5.45 28.03 -21.14
CA ILE C 250 -5.01 27.00 -20.21
C ILE C 250 -4.12 26.00 -20.94
N GLU C 251 -3.03 25.60 -20.31
CA GLU C 251 -2.11 24.62 -20.86
C GLU C 251 -2.47 23.24 -20.34
N ILE C 252 -2.73 22.29 -21.24
CA ILE C 252 -3.18 20.96 -20.85
C ILE C 252 -2.04 19.98 -21.14
N MET C 253 -1.42 19.47 -20.07
CA MET C 253 -0.28 18.54 -20.12
C MET C 253 -0.79 17.13 -19.93
N THR C 254 -1.01 16.41 -21.02
CA THR C 254 -1.44 15.04 -20.89
C THR C 254 -0.23 14.10 -20.87
N ASN C 255 -0.46 12.89 -20.34
CA ASN C 255 0.58 11.87 -20.21
C ASN C 255 1.73 12.35 -19.33
N GLU C 256 1.40 13.10 -18.28
CA GLU C 256 2.42 13.61 -17.36
C GLU C 256 1.87 13.49 -15.94
N ASN C 257 2.77 13.14 -15.00
CA ASN C 257 2.35 12.95 -13.63
C ASN C 257 3.48 13.43 -12.73
N PRO C 258 3.17 14.19 -11.69
CA PRO C 258 4.22 14.65 -10.77
C PRO C 258 4.84 13.48 -10.02
N ALA C 259 6.17 13.48 -9.98
CA ALA C 259 6.91 12.51 -9.19
C ALA C 259 7.48 13.10 -7.92
N LYS C 260 7.66 14.43 -7.87
CA LYS C 260 8.31 15.09 -6.75
C LYS C 260 8.02 16.59 -6.81
N VAL C 261 7.77 17.18 -5.65
CA VAL C 261 7.58 18.63 -5.53
C VAL C 261 8.55 19.14 -4.48
N SER C 262 9.32 20.18 -4.82
CA SER C 262 10.21 20.79 -3.85
C SER C 262 9.87 22.27 -3.69
N LEU C 263 10.15 22.79 -2.50
CA LEU C 263 9.90 24.19 -2.17
C LEU C 263 11.11 25.05 -2.50
N ASN C 264 10.89 26.07 -3.34
CA ASN C 264 11.89 27.08 -3.60
C ASN C 264 11.93 28.07 -2.44
N THR C 265 13.08 28.70 -2.22
CA THR C 265 13.08 29.55 -1.03
C THR C 265 12.18 30.77 -1.24
N ASP C 266 11.90 31.18 -2.49
CA ASP C 266 10.95 32.26 -2.68
C ASP C 266 9.50 31.83 -2.44
N GLY C 267 9.29 30.58 -2.02
CA GLY C 267 7.97 30.10 -1.71
C GLY C 267 7.24 29.43 -2.86
N SER C 268 7.79 29.50 -4.08
CA SER C 268 7.17 28.80 -5.20
C SER C 268 7.55 27.30 -5.17
N LYS C 269 6.90 26.53 -6.03
CA LYS C 269 7.06 25.08 -6.04
C LYS C 269 7.74 24.65 -7.33
N HIS C 270 8.67 23.71 -7.21
CA HIS C 270 9.38 23.15 -8.35
C HIS C 270 8.92 21.72 -8.52
N VAL C 271 8.11 21.48 -9.55
CA VAL C 271 7.52 20.16 -9.81
C VAL C 271 8.42 19.40 -10.79
N THR C 272 8.78 18.17 -10.43
CA THR C 272 9.41 17.23 -11.35
C THR C 272 8.38 16.17 -11.71
N PHE C 273 8.20 15.95 -13.01
CA PHE C 273 7.31 14.93 -13.53
C PHE C 273 8.05 13.60 -13.73
N GLU C 274 7.27 12.51 -13.78
CA GLU C 274 7.85 11.20 -14.02
C GLU C 274 8.68 11.17 -15.30
N SER C 275 8.35 12.03 -16.26
CA SER C 275 9.10 12.11 -17.50
C SER C 275 10.45 12.80 -17.34
N GLY C 276 10.70 13.45 -16.20
CA GLY C 276 11.85 14.31 -16.09
C GLY C 276 11.60 15.76 -16.47
N LYS C 277 10.43 16.08 -17.00
CA LYS C 277 10.07 17.48 -17.20
C LYS C 277 9.93 18.18 -15.85
N THR C 278 10.15 19.50 -15.84
CA THR C 278 9.96 20.28 -14.64
C THR C 278 9.11 21.51 -14.92
N LEU C 279 8.44 22.00 -13.89
CA LEU C 279 7.63 23.21 -13.99
C LEU C 279 7.65 23.95 -12.65
N ASP C 280 7.77 25.27 -12.72
CA ASP C 280 7.73 26.13 -11.54
C ASP C 280 6.38 26.82 -11.45
N VAL C 281 5.71 26.68 -10.31
CA VAL C 281 4.40 27.31 -10.12
C VAL C 281 4.29 27.86 -8.70
N ASP C 282 3.31 28.73 -8.51
CA ASP C 282 3.06 29.28 -7.20
C ASP C 282 2.21 28.36 -6.34
N VAL C 283 1.35 27.56 -6.97
CA VAL C 283 0.44 26.66 -6.26
C VAL C 283 0.33 25.38 -7.07
N VAL C 284 0.47 24.24 -6.39
CA VAL C 284 0.13 22.93 -6.94
C VAL C 284 -1.14 22.45 -6.23
N MET C 285 -2.23 22.33 -6.98
CA MET C 285 -3.49 21.81 -6.44
C MET C 285 -3.69 20.37 -6.88
N MET C 286 -3.63 19.44 -5.93
CA MET C 286 -3.89 18.02 -6.20
C MET C 286 -5.40 17.77 -6.25
N ALA C 287 -5.89 17.30 -7.38
CA ALA C 287 -7.30 16.95 -7.58
C ALA C 287 -7.39 15.63 -8.34
N ILE C 288 -6.69 14.61 -7.83
CA ILE C 288 -6.64 13.31 -8.50
C ILE C 288 -7.67 12.32 -7.97
N GLY C 289 -8.49 12.71 -6.99
CA GLY C 289 -9.53 11.82 -6.52
C GLY C 289 -9.99 12.20 -5.14
N ARG C 290 -11.06 11.55 -4.70
CA ARG C 290 -11.58 11.74 -3.36
C ARG C 290 -11.90 10.37 -2.76
N ILE C 291 -11.55 10.18 -1.50
CA ILE C 291 -11.66 8.86 -0.88
C ILE C 291 -12.63 8.90 0.30
N PRO C 292 -13.33 7.81 0.58
CA PRO C 292 -14.27 7.79 1.71
C PRO C 292 -13.58 8.12 3.01
N ARG C 293 -14.30 8.85 3.87
CA ARG C 293 -13.74 9.41 5.11
C ARG C 293 -14.13 8.50 6.27
N THR C 294 -13.39 7.39 6.40
CA THR C 294 -13.74 6.35 7.36
C THR C 294 -12.80 6.26 8.56
N ASN C 295 -11.62 6.86 8.50
CA ASN C 295 -10.61 6.63 9.52
C ASN C 295 -11.09 7.00 10.92
N ASP C 296 -11.69 8.18 11.07
CA ASP C 296 -11.98 8.69 12.41
C ASP C 296 -13.17 8.01 13.08
N LEU C 297 -13.89 7.15 12.37
CA LEU C 297 -15.13 6.60 12.90
C LEU C 297 -14.90 5.43 13.86
N GLN C 298 -13.70 4.87 13.91
CA GLN C 298 -13.41 3.74 14.79
C GLN C 298 -14.28 2.55 14.42
N LEU C 299 -14.42 2.30 13.11
CA LEU C 299 -15.32 1.25 12.66
C LEU C 299 -14.93 -0.13 13.20
N GLY C 300 -13.67 -0.32 13.60
CA GLY C 300 -13.26 -1.60 14.15
C GLY C 300 -13.92 -1.93 15.47
N ASN C 301 -14.35 -0.91 16.20
CA ASN C 301 -15.02 -1.13 17.47
C ASN C 301 -16.34 -1.89 17.33
N VAL C 302 -16.92 -2.01 16.13
CA VAL C 302 -18.15 -2.76 15.95
C VAL C 302 -18.09 -3.62 14.70
N GLY C 303 -16.97 -3.55 13.97
CA GLY C 303 -16.76 -4.44 12.83
C GLY C 303 -17.47 -4.09 11.54
N VAL C 304 -17.82 -2.83 11.31
CA VAL C 304 -18.44 -2.43 10.06
C VAL C 304 -17.46 -2.67 8.91
N LYS C 305 -17.91 -3.42 7.90
CA LYS C 305 -17.02 -3.83 6.82
C LYS C 305 -16.80 -2.73 5.79
N LEU C 306 -15.59 -2.72 5.22
CA LEU C 306 -15.19 -1.82 4.14
C LEU C 306 -14.87 -2.62 2.89
N THR C 307 -15.20 -2.03 1.74
CA THR C 307 -14.87 -2.63 0.46
C THR C 307 -13.35 -2.58 0.26
N PRO C 308 -12.81 -3.33 -0.72
CA PRO C 308 -11.39 -3.17 -1.04
C PRO C 308 -11.01 -1.74 -1.37
N LYS C 309 -11.96 -0.93 -1.88
CA LYS C 309 -11.70 0.47 -2.20
C LYS C 309 -11.64 1.38 -0.97
N GLY C 310 -12.18 0.96 0.17
CA GLY C 310 -12.17 1.77 1.36
C GLY C 310 -13.53 2.36 1.74
N GLY C 311 -14.56 2.16 0.92
CA GLY C 311 -15.88 2.62 1.29
C GLY C 311 -16.60 1.64 2.19
N VAL C 312 -17.50 2.17 3.02
CA VAL C 312 -18.37 1.30 3.82
C VAL C 312 -19.24 0.48 2.88
N GLN C 313 -19.15 -0.85 3.00
CA GLN C 313 -19.95 -1.75 2.17
C GLN C 313 -21.42 -1.66 2.57
N VAL C 314 -22.30 -1.53 1.58
CA VAL C 314 -23.74 -1.42 1.81
C VAL C 314 -24.49 -2.23 0.75
N ASP C 315 -25.66 -2.73 1.13
CA ASP C 315 -26.61 -3.28 0.17
C ASP C 315 -27.38 -2.12 -0.46
N GLU C 316 -28.36 -2.42 -1.31
CA GLU C 316 -29.10 -1.38 -2.01
C GLU C 316 -29.94 -0.50 -1.10
N PHE C 317 -30.16 -0.89 0.15
CA PHE C 317 -30.91 -0.08 1.10
C PHE C 317 -29.99 0.58 2.12
N SER C 318 -28.70 0.67 1.78
CA SER C 318 -27.69 1.39 2.57
C SER C 318 -27.45 0.74 3.92
N ARG C 319 -27.63 -0.57 4.01
CA ARG C 319 -27.43 -1.27 5.26
C ARG C 319 -26.03 -1.87 5.28
N THR C 320 -25.31 -1.65 6.37
CA THR C 320 -24.03 -2.30 6.58
C THR C 320 -24.28 -3.72 7.06
N ASN C 321 -23.19 -4.46 7.29
CA ASN C 321 -23.30 -5.79 7.88
C ASN C 321 -23.75 -5.75 9.33
N VAL C 322 -23.55 -4.64 10.02
CA VAL C 322 -23.99 -4.48 11.40
C VAL C 322 -25.43 -3.96 11.38
N PRO C 323 -26.39 -4.68 11.95
CA PRO C 323 -27.77 -4.19 11.97
C PRO C 323 -27.86 -2.82 12.62
N ASN C 324 -28.88 -2.07 12.21
N ASN C 324 -28.91 -2.08 12.25
N ASN C 324 -28.88 -2.07 12.21
N ASN C 324 -28.91 -2.08 12.25
CA ASN C 324 -29.19 -0.73 12.69
CA ASN C 324 -29.21 -0.71 12.70
CA ASN C 324 -29.19 -0.73 12.69
CA ASN C 324 -29.21 -0.71 12.70
C ASN C 324 -28.06 0.26 12.48
C ASN C 324 -28.04 0.27 12.49
C ASN C 324 -28.06 0.26 12.48
C ASN C 324 -28.04 0.27 12.49
N ILE C 325 -27.07 -0.09 11.65
CA ILE C 325 -26.00 0.83 11.26
C ILE C 325 -26.01 0.94 9.73
N TYR C 326 -26.12 2.17 9.22
CA TYR C 326 -26.27 2.42 7.80
C TYR C 326 -25.23 3.43 7.33
N ALA C 327 -24.98 3.42 6.02
CA ALA C 327 -24.07 4.38 5.40
C ALA C 327 -24.66 4.89 4.10
N ILE C 328 -24.64 6.20 3.90
CA ILE C 328 -25.04 6.82 2.65
C ILE C 328 -24.00 7.85 2.25
N GLY C 329 -24.05 8.23 0.97
CA GLY C 329 -23.25 9.35 0.51
C GLY C 329 -21.88 8.93 0.03
N ASP C 330 -20.97 9.91 -0.01
CA ASP C 330 -19.63 9.66 -0.54
C ASP C 330 -18.92 8.55 0.24
N ILE C 331 -19.29 8.34 1.50
CA ILE C 331 -18.60 7.32 2.28
C ILE C 331 -18.83 5.93 1.70
N THR C 332 -19.85 5.78 0.84
CA THR C 332 -20.08 4.51 0.18
C THR C 332 -19.32 4.38 -1.14
N ASP C 333 -18.75 5.46 -1.67
CA ASP C 333 -17.94 5.39 -2.89
C ASP C 333 -18.74 4.89 -4.10
N ARG C 334 -20.03 5.24 -4.17
CA ARG C 334 -20.82 4.96 -5.37
C ARG C 334 -20.73 6.15 -6.31
N LEU C 335 -21.79 6.94 -6.38
CA LEU C 335 -21.78 8.19 -7.15
C LEU C 335 -21.60 9.33 -6.15
N MET C 336 -20.44 9.99 -6.21
CA MET C 336 -20.17 11.11 -5.32
C MET C 336 -20.83 12.37 -5.88
N LEU C 337 -22.14 12.49 -5.65
CA LEU C 337 -22.91 13.67 -6.05
C LEU C 337 -23.87 14.05 -4.92
N THR C 338 -24.00 15.35 -4.67
CA THR C 338 -24.88 15.80 -3.59
C THR C 338 -26.33 15.32 -3.74
N PRO C 339 -26.97 15.37 -4.92
CA PRO C 339 -28.37 14.91 -4.98
C PRO C 339 -28.52 13.40 -4.82
N VAL C 340 -27.49 12.62 -5.16
CA VAL C 340 -27.52 11.19 -4.86
C VAL C 340 -27.49 10.97 -3.35
N ALA C 341 -26.61 11.67 -2.64
CA ALA C 341 -26.56 11.50 -1.19
C ALA C 341 -27.88 11.92 -0.54
N ILE C 342 -28.51 12.97 -1.06
CA ILE C 342 -29.82 13.38 -0.57
C ILE C 342 -30.85 12.29 -0.82
N ASN C 343 -30.88 11.75 -2.04
CA ASN C 343 -31.80 10.66 -2.36
C ASN C 343 -31.59 9.48 -1.43
N GLU C 344 -30.33 9.08 -1.24
CA GLU C 344 -30.03 7.92 -0.40
C GLU C 344 -30.47 8.15 1.04
N GLY C 345 -30.32 9.37 1.55
CA GLY C 345 -30.71 9.64 2.92
C GLY C 345 -32.21 9.63 3.10
N ALA C 346 -32.95 10.18 2.14
CA ALA C 346 -34.40 10.14 2.21
C ALA C 346 -34.90 8.70 2.09
N ALA C 347 -34.34 7.94 1.15
CA ALA C 347 -34.79 6.57 0.95
C ALA C 347 -34.48 5.69 2.16
N LEU C 348 -33.43 6.00 2.91
CA LEU C 348 -33.11 5.20 4.08
C LEU C 348 -34.09 5.47 5.22
N VAL C 349 -34.42 6.74 5.47
CA VAL C 349 -35.40 7.07 6.51
C VAL C 349 -36.76 6.49 6.15
N ASP C 350 -37.15 6.57 4.87
CA ASP C 350 -38.38 5.92 4.43
C ASP C 350 -38.36 4.43 4.69
N THR C 351 -37.17 3.81 4.64
CA THR C 351 -37.08 2.37 4.85
C THR C 351 -37.09 2.02 6.33
N VAL C 352 -36.29 2.73 7.13
CA VAL C 352 -36.20 2.40 8.54
C VAL C 352 -37.47 2.82 9.28
N PHE C 353 -37.90 4.06 9.09
CA PHE C 353 -39.00 4.64 9.87
C PHE C 353 -40.28 4.79 9.07
N GLY C 354 -40.41 4.09 7.94
CA GLY C 354 -41.59 4.21 7.12
C GLY C 354 -42.19 2.87 6.78
N ASN C 355 -43.26 2.92 5.98
CA ASN C 355 -43.95 1.71 5.55
C ASN C 355 -43.16 0.98 4.47
N LYS C 356 -43.06 1.57 3.29
CA LYS C 356 -42.46 0.90 2.15
C LYS C 356 -40.96 1.15 2.12
N PRO C 357 -40.12 0.11 2.11
CA PRO C 357 -38.70 0.32 1.81
C PRO C 357 -38.50 0.89 0.43
N ARG C 358 -37.48 1.75 0.31
CA ARG C 358 -37.14 2.39 -0.96
C ARG C 358 -35.63 2.35 -1.15
N LYS C 359 -35.19 2.10 -2.38
CA LYS C 359 -33.78 2.06 -2.72
C LYS C 359 -33.47 3.12 -3.78
N THR C 360 -32.30 3.74 -3.65
CA THR C 360 -31.86 4.74 -4.60
C THR C 360 -31.44 4.08 -5.92
N ASP C 361 -31.89 4.65 -7.03
CA ASP C 361 -31.52 4.21 -8.37
C ASP C 361 -30.29 4.99 -8.83
N HIS C 362 -29.19 4.30 -9.08
CA HIS C 362 -27.91 4.92 -9.39
C HIS C 362 -27.64 5.03 -10.89
N THR C 363 -28.55 4.57 -11.73
CA THR C 363 -28.40 4.63 -13.18
C THR C 363 -29.13 5.84 -13.72
N ARG C 364 -28.68 6.31 -14.89
CA ARG C 364 -29.32 7.41 -15.61
C ARG C 364 -29.39 8.68 -14.76
N VAL C 365 -28.40 8.88 -13.89
CA VAL C 365 -28.33 10.07 -13.05
C VAL C 365 -27.71 11.20 -13.85
N ALA C 366 -28.43 12.30 -14.00
CA ALA C 366 -27.88 13.43 -14.74
C ALA C 366 -26.86 14.16 -13.87
N SER C 367 -25.86 14.75 -14.53
CA SER C 367 -24.82 15.48 -13.80
C SER C 367 -24.18 16.48 -14.75
N ALA C 368 -23.26 17.29 -14.22
CA ALA C 368 -22.67 18.36 -14.98
C ALA C 368 -21.24 18.61 -14.54
N VAL C 369 -20.46 19.21 -15.44
CA VAL C 369 -19.16 19.77 -15.12
C VAL C 369 -19.24 21.26 -15.40
N PHE C 370 -19.01 22.08 -14.37
CA PHE C 370 -19.03 23.52 -14.60
C PHE C 370 -17.68 24.03 -15.07
N SER C 371 -17.19 23.37 -16.11
CA SER C 371 -16.09 23.91 -16.87
C SER C 371 -16.57 25.12 -17.67
N ILE C 372 -15.62 25.81 -18.28
CA ILE C 372 -15.90 26.89 -19.19
C ILE C 372 -15.33 26.50 -20.55
N PRO C 373 -16.17 25.97 -21.45
CA PRO C 373 -17.64 25.85 -21.41
C PRO C 373 -18.10 24.62 -20.62
N PRO C 374 -19.35 24.57 -20.15
CA PRO C 374 -19.79 23.50 -19.24
C PRO C 374 -20.31 22.26 -19.97
N ILE C 375 -20.36 21.15 -19.22
CA ILE C 375 -20.82 19.86 -19.70
C ILE C 375 -22.10 19.47 -18.98
N GLY C 376 -23.00 18.84 -19.69
CA GLY C 376 -24.16 18.20 -19.07
C GLY C 376 -24.35 16.85 -19.71
N THR C 377 -24.66 15.85 -18.87
CA THR C 377 -24.70 14.48 -19.35
C THR C 377 -25.70 13.66 -18.53
N CYS C 378 -26.28 12.66 -19.18
CA CYS C 378 -27.14 11.69 -18.50
C CYS C 378 -27.13 10.36 -19.25
N GLY C 379 -26.76 9.30 -18.55
CA GLY C 379 -26.76 7.97 -19.14
C GLY C 379 -25.42 7.56 -19.72
N LEU C 380 -25.47 6.51 -20.55
CA LEU C 380 -24.26 5.83 -20.99
C LEU C 380 -23.52 6.59 -22.08
N ILE C 381 -22.19 6.53 -22.02
CA ILE C 381 -21.39 6.95 -23.16
C ILE C 381 -21.34 5.81 -24.18
N GLU C 382 -20.97 6.15 -25.41
CA GLU C 382 -21.17 5.24 -26.53
C GLU C 382 -20.30 4.00 -26.45
N GLU C 383 -19.09 4.10 -25.90
CA GLU C 383 -18.25 2.90 -25.84
C GLU C 383 -18.75 1.94 -24.76
N VAL C 384 -19.37 2.45 -23.69
CA VAL C 384 -20.00 1.56 -22.72
C VAL C 384 -21.25 0.92 -23.33
N ALA C 385 -22.04 1.72 -24.06
CA ALA C 385 -23.24 1.18 -24.69
C ALA C 385 -22.90 0.10 -25.72
N ALA C 386 -21.84 0.29 -26.49
CA ALA C 386 -21.51 -0.63 -27.56
C ALA C 386 -21.10 -2.01 -27.04
N LYS C 387 -20.75 -2.11 -25.75
CA LYS C 387 -20.42 -3.40 -25.13
C LYS C 387 -21.65 -4.14 -24.64
N GLU C 388 -22.72 -3.42 -24.29
CA GLU C 388 -23.92 -4.04 -23.76
C GLU C 388 -25.05 -4.19 -24.78
N PHE C 389 -24.89 -3.64 -25.99
CA PHE C 389 -25.94 -3.66 -27.00
C PHE C 389 -25.33 -3.94 -28.36
N GLU C 390 -25.98 -4.82 -29.12
CA GLU C 390 -25.41 -5.27 -30.38
C GLU C 390 -25.38 -4.14 -31.42
N LYS C 391 -26.40 -3.27 -31.42
CA LYS C 391 -26.46 -2.18 -32.38
C LYS C 391 -26.72 -0.89 -31.64
N VAL C 392 -25.78 0.05 -31.74
CA VAL C 392 -25.84 1.34 -31.07
C VAL C 392 -25.73 2.42 -32.13
N ALA C 393 -26.59 3.43 -32.05
CA ALA C 393 -26.54 4.56 -32.96
C ALA C 393 -26.11 5.81 -32.20
N VAL C 394 -25.39 6.69 -32.88
CA VAL C 394 -24.92 7.93 -32.29
C VAL C 394 -25.39 9.09 -33.16
N TYR C 395 -26.18 9.99 -32.58
CA TYR C 395 -26.61 11.20 -33.24
C TYR C 395 -25.79 12.36 -32.70
N MET C 396 -25.24 13.19 -33.59
CA MET C 396 -24.26 14.19 -33.19
C MET C 396 -24.51 15.49 -33.94
N SER C 397 -24.55 16.60 -33.21
CA SER C 397 -24.57 17.94 -33.76
C SER C 397 -23.46 18.74 -33.10
N SER C 398 -22.60 19.39 -33.89
CA SER C 398 -21.47 20.14 -33.35
C SER C 398 -21.20 21.33 -34.26
N PHE C 399 -21.55 22.52 -33.79
CA PHE C 399 -21.44 23.78 -34.53
C PHE C 399 -21.06 24.87 -33.54
N THR C 400 -20.46 25.93 -34.05
CA THR C 400 -20.34 27.17 -33.28
C THR C 400 -21.65 27.96 -33.40
N PRO C 401 -22.37 28.20 -32.29
CA PRO C 401 -23.57 29.04 -32.37
C PRO C 401 -23.27 30.41 -32.97
N LEU C 402 -24.27 30.95 -33.68
CA LEU C 402 -24.18 32.25 -34.33
C LEU C 402 -23.71 33.36 -33.39
N MET C 403 -24.23 33.39 -32.15
CA MET C 403 -23.83 34.48 -31.26
C MET C 403 -22.32 34.50 -31.05
N HIS C 404 -21.66 33.35 -31.09
CA HIS C 404 -20.23 33.31 -30.87
C HIS C 404 -19.42 33.54 -32.14
N ASN C 405 -20.06 33.64 -33.30
CA ASN C 405 -19.37 34.21 -34.44
C ASN C 405 -19.30 35.73 -34.31
N ILE C 406 -20.29 36.33 -33.65
CA ILE C 406 -20.28 37.77 -33.41
C ILE C 406 -19.43 38.09 -32.18
N SER C 407 -19.50 37.23 -31.15
CA SER C 407 -18.75 37.48 -29.93
C SER C 407 -17.25 37.43 -30.16
N GLY C 408 -16.80 36.73 -31.20
CA GLY C 408 -15.40 36.48 -31.40
C GLY C 408 -14.90 35.18 -30.80
N SER C 409 -15.71 34.48 -30.01
CA SER C 409 -15.28 33.21 -29.42
C SER C 409 -15.60 32.05 -30.36
N LYS C 410 -14.94 32.07 -31.52
CA LYS C 410 -15.32 31.13 -32.57
C LYS C 410 -15.02 29.68 -32.18
N TYR C 411 -14.13 29.46 -31.21
CA TYR C 411 -13.81 28.12 -30.78
C TYR C 411 -14.93 27.45 -29.98
N LYS C 412 -15.98 28.18 -29.63
CA LYS C 412 -17.01 27.64 -28.73
C LYS C 412 -18.08 26.85 -29.50
N LYS C 413 -17.67 25.67 -29.97
CA LYS C 413 -18.62 24.71 -30.51
C LYS C 413 -19.58 24.21 -29.43
N PHE C 414 -20.87 24.16 -29.74
CA PHE C 414 -21.84 23.43 -28.93
C PHE C 414 -21.97 22.02 -29.45
N VAL C 415 -21.83 21.03 -28.56
CA VAL C 415 -21.87 19.62 -28.95
C VAL C 415 -23.08 18.97 -28.30
N ALA C 416 -23.89 18.29 -29.11
CA ALA C 416 -25.04 17.55 -28.61
C ALA C 416 -24.98 16.15 -29.21
N LYS C 417 -24.99 15.13 -28.36
CA LYS C 417 -24.90 13.75 -28.83
C LYS C 417 -25.95 12.90 -28.14
N ILE C 418 -26.66 12.10 -28.91
CA ILE C 418 -27.62 11.14 -28.36
C ILE C 418 -27.15 9.74 -28.73
N VAL C 419 -27.17 8.83 -27.76
CA VAL C 419 -26.74 7.45 -27.94
C VAL C 419 -27.97 6.56 -27.80
N THR C 420 -28.27 5.75 -28.82
CA THR C 420 -29.43 4.89 -28.75
C THR C 420 -29.05 3.42 -28.88
N ASN C 421 -29.91 2.57 -28.34
CA ASN C 421 -30.01 1.19 -28.81
C ASN C 421 -30.75 1.24 -30.15
N HIS C 422 -30.02 1.02 -31.25
CA HIS C 422 -30.63 1.16 -32.57
C HIS C 422 -31.65 0.08 -32.88
N SER C 423 -31.72 -0.98 -32.08
CA SER C 423 -32.69 -2.04 -32.35
C SER C 423 -34.12 -1.59 -32.05
N ASP C 424 -34.32 -0.83 -30.97
CA ASP C 424 -35.65 -0.34 -30.63
C ASP C 424 -35.73 1.18 -30.53
N GLY C 425 -34.62 1.91 -30.65
CA GLY C 425 -34.60 3.35 -30.60
C GLY C 425 -34.48 3.97 -29.23
N THR C 426 -34.36 3.15 -28.17
CA THR C 426 -34.28 3.67 -26.81
C THR C 426 -33.07 4.57 -26.64
N VAL C 427 -33.28 5.76 -26.06
CA VAL C 427 -32.16 6.63 -25.75
C VAL C 427 -31.41 6.06 -24.55
N LEU C 428 -30.12 5.78 -24.73
CA LEU C 428 -29.27 5.29 -23.65
C LEU C 428 -28.46 6.39 -22.96
N GLY C 429 -28.08 7.43 -23.68
CA GLY C 429 -27.31 8.52 -23.09
C GLY C 429 -27.46 9.76 -23.92
N VAL C 430 -27.27 10.91 -23.26
CA VAL C 430 -27.29 12.22 -23.90
C VAL C 430 -26.15 13.04 -23.29
N HIS C 431 -25.31 13.63 -24.15
CA HIS C 431 -24.11 14.32 -23.69
C HIS C 431 -23.98 15.64 -24.42
N LEU C 432 -23.81 16.72 -23.65
CA LEU C 432 -23.89 18.09 -24.15
C LEU C 432 -22.67 18.88 -23.71
N LEU C 433 -22.16 19.76 -24.59
CA LEU C 433 -21.09 20.69 -24.25
C LEU C 433 -21.43 22.09 -24.77
N GLY C 434 -21.36 23.07 -23.88
CA GLY C 434 -21.64 24.44 -24.25
C GLY C 434 -22.57 25.09 -23.25
N ASP C 435 -22.69 26.42 -23.39
CA ASP C 435 -23.48 27.22 -22.46
C ASP C 435 -24.87 26.64 -22.28
N GLY C 436 -25.29 26.50 -21.02
CA GLY C 436 -26.58 25.97 -20.70
C GLY C 436 -26.64 24.46 -20.58
N ALA C 437 -25.58 23.73 -20.93
CA ALA C 437 -25.65 22.27 -20.89
C ALA C 437 -26.08 21.72 -19.54
N PRO C 438 -25.64 22.27 -18.39
CA PRO C 438 -26.15 21.73 -17.11
C PRO C 438 -27.66 21.94 -16.93
N GLU C 439 -28.22 23.01 -17.49
CA GLU C 439 -29.64 23.27 -17.34
C GLU C 439 -30.45 22.47 -18.36
N ILE C 440 -29.91 22.30 -19.57
CA ILE C 440 -30.58 21.54 -20.61
C ILE C 440 -30.79 20.08 -20.18
N ILE C 441 -29.79 19.51 -19.48
CA ILE C 441 -29.78 18.06 -19.28
C ILE C 441 -30.78 17.59 -18.22
N GLN C 442 -31.25 18.47 -17.33
CA GLN C 442 -32.05 18.01 -16.17
C GLN C 442 -33.31 17.28 -16.62
N ALA C 443 -34.09 17.91 -17.50
CA ALA C 443 -35.31 17.28 -17.97
C ALA C 443 -35.01 16.05 -18.83
N VAL C 444 -33.82 15.96 -19.41
CA VAL C 444 -33.46 14.75 -20.13
C VAL C 444 -33.39 13.57 -19.17
N GLY C 445 -32.93 13.81 -17.94
CA GLY C 445 -32.95 12.76 -16.94
C GLY C 445 -34.34 12.21 -16.70
N VAL C 446 -35.36 13.06 -16.80
CA VAL C 446 -36.73 12.58 -16.66
C VAL C 446 -37.12 11.75 -17.87
N CYS C 447 -36.72 12.18 -19.07
CA CYS C 447 -37.04 11.44 -20.30
C CYS C 447 -36.53 10.02 -20.24
N LEU C 448 -35.36 9.79 -19.64
CA LEU C 448 -34.79 8.46 -19.59
C LEU C 448 -35.50 7.58 -18.58
N ARG C 449 -36.13 8.18 -17.57
CA ARG C 449 -37.00 7.45 -16.65
C ARG C 449 -38.32 7.08 -17.29
N LEU C 450 -38.65 7.66 -18.44
CA LEU C 450 -39.84 7.33 -19.21
C LEU C 450 -39.53 6.50 -20.44
N ASN C 451 -38.30 5.99 -20.53
CA ASN C 451 -37.86 5.15 -21.64
C ASN C 451 -38.09 5.82 -22.98
N ALA C 452 -37.72 7.09 -23.05
CA ALA C 452 -37.80 7.86 -24.28
C ALA C 452 -37.00 7.17 -25.39
N LYS C 453 -37.50 7.28 -26.62
CA LYS C 453 -36.82 6.82 -27.82
C LYS C 453 -36.36 8.03 -28.60
N ILE C 454 -35.45 7.80 -29.56
CA ILE C 454 -34.99 8.90 -30.38
C ILE C 454 -36.17 9.60 -31.06
N SER C 455 -37.17 8.82 -31.50
CA SER C 455 -38.31 9.41 -32.18
C SER C 455 -39.11 10.31 -31.25
N ASP C 456 -39.13 10.02 -29.94
CA ASP C 456 -39.78 10.91 -28.98
C ASP C 456 -39.08 12.27 -28.94
N PHE C 457 -37.76 12.29 -29.01
CA PHE C 457 -37.07 13.58 -29.11
C PHE C 457 -37.34 14.24 -30.46
N TYR C 458 -37.20 13.49 -31.55
CA TYR C 458 -37.27 14.11 -32.87
C TYR C 458 -38.66 14.67 -33.17
N ASN C 459 -39.71 14.05 -32.63
CA ASN C 459 -41.08 14.49 -32.91
C ASN C 459 -41.56 15.57 -31.96
N THR C 460 -40.79 15.88 -30.91
CA THR C 460 -41.10 17.04 -30.09
C THR C 460 -40.73 18.30 -30.86
N ILE C 461 -41.61 19.29 -30.83
CA ILE C 461 -41.38 20.55 -31.53
C ILE C 461 -40.36 21.37 -30.76
N GLY C 462 -39.38 21.93 -31.47
CA GLY C 462 -38.30 22.64 -30.82
C GLY C 462 -38.73 23.99 -30.28
N VAL C 463 -37.92 24.49 -29.34
CA VAL C 463 -37.99 25.87 -28.86
C VAL C 463 -36.91 26.65 -29.61
N HIS C 464 -37.28 27.74 -30.27
CA HIS C 464 -36.34 28.39 -31.17
C HIS C 464 -36.25 29.88 -30.85
N PRO C 465 -35.02 30.45 -30.82
CA PRO C 465 -33.71 29.80 -30.94
C PRO C 465 -33.08 29.42 -29.59
N THR C 466 -32.63 28.18 -29.47
CA THR C 466 -31.95 27.68 -28.31
C THR C 466 -30.88 26.71 -28.78
N SER C 467 -29.92 26.43 -27.91
CA SER C 467 -29.05 25.30 -28.16
C SER C 467 -29.79 24.00 -27.98
N ALA C 468 -30.72 23.97 -27.02
CA ALA C 468 -31.36 22.72 -26.63
C ALA C 468 -32.17 22.12 -27.78
N GLU C 469 -32.68 22.94 -28.68
CA GLU C 469 -33.53 22.43 -29.75
C GLU C 469 -32.76 21.50 -30.68
N GLU C 470 -31.42 21.49 -30.60
CA GLU C 470 -30.62 20.53 -31.35
C GLU C 470 -30.96 19.11 -30.98
N LEU C 471 -31.31 18.87 -29.72
CA LEU C 471 -31.70 17.54 -29.27
C LEU C 471 -32.95 17.05 -29.98
N CYS C 472 -33.78 17.96 -30.49
CA CYS C 472 -35.02 17.59 -31.15
C CYS C 472 -34.95 17.69 -32.66
N SER C 473 -33.75 17.83 -33.22
CA SER C 473 -33.58 17.99 -34.66
C SER C 473 -32.75 16.89 -35.27
N MET C 474 -32.56 15.77 -34.56
CA MET C 474 -31.65 14.71 -34.99
C MET C 474 -32.44 13.43 -35.25
N ARG C 475 -32.57 13.07 -36.52
CA ARG C 475 -33.25 11.84 -36.90
C ARG C 475 -32.37 10.83 -37.62
N THR C 476 -31.21 11.25 -38.15
CA THR C 476 -30.34 10.36 -38.91
C THR C 476 -29.04 10.13 -38.16
N PRO C 477 -28.74 8.90 -37.76
CA PRO C 477 -27.48 8.65 -37.04
C PRO C 477 -26.28 9.17 -37.80
N SER C 478 -25.29 9.67 -37.05
CA SER C 478 -24.00 10.06 -37.62
C SER C 478 -23.10 8.85 -37.84
N TYR C 479 -23.20 7.85 -36.97
CA TYR C 479 -22.45 6.61 -37.11
C TYR C 479 -23.04 5.62 -36.12
N TYR C 480 -22.53 4.38 -36.17
CA TYR C 480 -23.09 3.28 -35.40
C TYR C 480 -21.96 2.47 -34.78
N TYR C 481 -22.33 1.64 -33.81
CA TYR C 481 -21.50 0.54 -33.35
C TYR C 481 -22.28 -0.74 -33.59
N VAL C 482 -21.67 -1.68 -34.30
CA VAL C 482 -22.26 -2.99 -34.57
C VAL C 482 -21.32 -4.04 -33.97
N LYS C 483 -21.81 -4.75 -32.96
CA LYS C 483 -21.00 -5.72 -32.22
C LYS C 483 -19.68 -5.11 -31.79
N GLY C 484 -19.75 -3.93 -31.19
CA GLY C 484 -18.58 -3.25 -30.70
C GLY C 484 -17.75 -2.51 -31.75
N GLU C 485 -18.11 -2.60 -33.03
CA GLU C 485 -17.30 -2.01 -34.09
C GLU C 485 -17.94 -0.72 -34.61
N LYS C 486 -17.19 0.39 -34.49
CA LYS C 486 -17.58 1.67 -35.05
C LYS C 486 -17.68 1.58 -36.57
N MET C 487 -18.66 2.28 -37.14
CA MET C 487 -18.75 2.36 -38.59
C MET C 487 -19.73 3.45 -38.96
N GLU C 488 -19.43 4.16 -40.06
CA GLU C 488 -20.33 5.22 -40.53
C GLU C 488 -21.72 4.66 -40.82
N LYS C 489 -21.82 3.70 -41.73
CA LYS C 489 -23.11 3.22 -42.19
C LYS C 489 -23.43 1.83 -41.64
N LEU C 490 -24.71 1.44 -41.80
CA LEU C 490 -25.34 0.26 -41.17
C LEU C 490 -25.74 0.56 -39.72
N GLY D 1 -45.58 31.93 -81.89
CA GLY D 1 -46.56 31.11 -81.20
C GLY D 1 -46.31 31.06 -79.71
N SER D 2 -47.07 30.23 -79.03
CA SER D 2 -46.94 30.12 -77.59
C SER D 2 -45.87 29.10 -77.24
N HIS D 3 -45.42 29.15 -75.98
CA HIS D 3 -44.44 28.21 -75.45
C HIS D 3 -44.78 27.90 -74.00
N MET D 4 -44.31 26.74 -73.54
CA MET D 4 -44.82 26.18 -72.30
C MET D 4 -44.29 26.90 -71.07
N SER D 5 -45.13 26.96 -70.03
CA SER D 5 -44.73 27.47 -68.73
C SER D 5 -43.78 26.51 -68.03
N LYS D 6 -42.93 27.04 -67.15
CA LYS D 6 -42.23 26.20 -66.20
C LYS D 6 -43.26 25.49 -65.31
N ALA D 7 -43.10 24.18 -65.11
CA ALA D 7 -44.11 23.35 -64.45
C ALA D 7 -43.52 22.62 -63.25
N PHE D 8 -44.32 22.45 -62.21
CA PHE D 8 -43.80 21.98 -60.94
C PHE D 8 -44.81 21.05 -60.29
N ASP D 9 -44.29 20.07 -59.54
CA ASP D 9 -45.15 19.30 -58.65
C ASP D 9 -45.75 20.20 -57.58
N LEU D 10 -44.97 21.16 -57.11
CA LEU D 10 -45.33 21.98 -55.96
C LEU D 10 -44.80 23.39 -56.15
N VAL D 11 -45.67 24.38 -56.05
CA VAL D 11 -45.25 25.77 -55.99
C VAL D 11 -45.57 26.25 -54.58
N VAL D 12 -44.57 26.75 -53.88
CA VAL D 12 -44.70 27.29 -52.53
C VAL D 12 -44.62 28.80 -52.61
N ILE D 13 -45.60 29.49 -52.06
CA ILE D 13 -45.58 30.95 -52.03
C ILE D 13 -45.19 31.35 -50.62
N GLY D 14 -44.02 31.97 -50.51
CA GLY D 14 -43.42 32.34 -49.24
C GLY D 14 -42.26 31.41 -48.90
N ALA D 15 -41.03 31.91 -49.03
CA ALA D 15 -39.84 31.09 -48.78
C ALA D 15 -39.38 31.25 -47.32
N GLY D 16 -40.29 30.92 -46.40
CA GLY D 16 -40.10 31.17 -44.99
C GLY D 16 -39.86 29.90 -44.20
N SER D 17 -40.12 30.00 -42.88
CA SER D 17 -39.83 28.86 -42.00
C SER D 17 -40.53 27.61 -42.50
N GLY D 18 -41.82 27.72 -42.76
CA GLY D 18 -42.60 26.57 -43.19
C GLY D 18 -42.40 26.24 -44.65
N GLY D 19 -42.44 27.27 -45.50
CA GLY D 19 -42.32 27.05 -46.93
C GLY D 19 -41.01 26.40 -47.34
N LEU D 20 -39.89 26.80 -46.71
CA LEU D 20 -38.59 26.22 -47.06
C LEU D 20 -38.46 24.79 -46.59
N GLU D 21 -39.00 24.48 -45.41
CA GLU D 21 -38.99 23.10 -44.95
C GLU D 21 -39.79 22.21 -45.90
N ALA D 22 -40.97 22.69 -46.28
CA ALA D 22 -41.79 21.95 -47.26
C ALA D 22 -41.07 21.81 -48.59
N GLY D 23 -40.55 22.93 -49.11
CA GLY D 23 -39.89 22.91 -50.41
C GLY D 23 -38.69 21.98 -50.43
N TRP D 24 -37.76 22.19 -49.48
CA TRP D 24 -36.57 21.36 -49.38
C TRP D 24 -36.91 19.88 -49.24
N ASN D 25 -37.89 19.55 -48.37
CA ASN D 25 -38.23 18.13 -48.17
C ASN D 25 -38.86 17.53 -49.42
N ALA D 26 -39.76 18.26 -50.08
CA ALA D 26 -40.40 17.72 -51.28
C ALA D 26 -39.37 17.44 -52.35
N ALA D 27 -38.39 18.34 -52.51
CA ALA D 27 -37.37 18.17 -53.54
C ALA D 27 -36.38 17.07 -53.20
N THR D 28 -35.84 17.06 -51.98
CA THR D 28 -34.68 16.22 -51.70
C THR D 28 -35.04 14.84 -51.13
N LEU D 29 -36.12 14.75 -50.37
CA LEU D 29 -36.58 13.46 -49.85
C LEU D 29 -37.47 12.72 -50.83
N TYR D 30 -38.29 13.43 -51.61
CA TYR D 30 -39.29 12.77 -52.43
C TYR D 30 -39.12 13.05 -53.92
N GLY D 31 -38.01 13.67 -54.32
CA GLY D 31 -37.70 13.82 -55.74
C GLY D 31 -38.64 14.72 -56.52
N LYS D 32 -39.37 15.61 -55.87
CA LYS D 32 -40.34 16.44 -56.56
C LYS D 32 -39.68 17.67 -57.17
N ARG D 33 -40.33 18.21 -58.19
CA ARG D 33 -39.90 19.46 -58.80
C ARG D 33 -40.66 20.61 -58.11
N VAL D 34 -39.91 21.51 -57.48
CA VAL D 34 -40.46 22.46 -56.50
C VAL D 34 -40.02 23.87 -56.91
N ALA D 35 -40.97 24.79 -56.91
CA ALA D 35 -40.69 26.22 -57.02
C ALA D 35 -41.03 26.90 -55.71
N VAL D 36 -40.23 27.87 -55.31
CA VAL D 36 -40.49 28.65 -54.11
C VAL D 36 -40.36 30.12 -54.47
N VAL D 37 -41.33 30.93 -54.03
CA VAL D 37 -41.44 32.34 -54.39
C VAL D 37 -41.24 33.19 -53.14
N ASP D 38 -40.47 34.27 -53.27
CA ASP D 38 -40.41 35.26 -52.21
C ASP D 38 -40.09 36.63 -52.81
N VAL D 39 -40.46 37.68 -52.08
CA VAL D 39 -40.40 39.03 -52.64
C VAL D 39 -39.01 39.67 -52.56
N GLN D 40 -38.06 39.06 -51.85
CA GLN D 40 -36.73 39.65 -51.69
C GLN D 40 -35.75 38.52 -51.46
N THR D 41 -34.54 38.68 -52.00
CA THR D 41 -33.51 37.67 -51.78
C THR D 41 -32.67 37.93 -50.54
N SER D 42 -32.75 39.11 -49.94
CA SER D 42 -32.01 39.35 -48.71
C SER D 42 -32.80 40.31 -47.82
N HIS D 43 -32.39 40.41 -46.56
CA HIS D 43 -33.21 41.06 -45.53
C HIS D 43 -33.35 42.57 -45.78
N GLY D 44 -34.44 43.13 -45.25
CA GLY D 44 -34.52 44.55 -45.00
C GLY D 44 -35.50 45.32 -45.88
N PRO D 45 -35.52 46.64 -45.70
CA PRO D 45 -36.43 47.48 -46.48
C PRO D 45 -36.18 47.31 -47.97
N PRO D 46 -37.22 47.43 -48.81
CA PRO D 46 -38.61 47.83 -48.51
C PRO D 46 -39.49 46.77 -47.87
N PHE D 47 -39.26 45.47 -48.06
CA PHE D 47 -40.26 44.47 -47.68
C PHE D 47 -39.91 43.69 -46.42
N TYR D 48 -38.70 43.88 -45.88
CA TYR D 48 -38.29 43.40 -44.56
C TYR D 48 -38.10 41.89 -44.48
N ALA D 49 -39.18 41.11 -44.50
CA ALA D 49 -39.01 39.67 -44.69
C ALA D 49 -38.50 39.40 -46.10
N ALA D 50 -37.95 38.20 -46.30
CA ALA D 50 -37.21 37.88 -47.52
C ALA D 50 -36.98 36.37 -47.52
N LEU D 51 -36.34 35.89 -48.58
CA LEU D 51 -35.78 34.54 -48.64
C LEU D 51 -35.25 34.14 -47.27
N GLY D 52 -35.84 33.09 -46.68
CA GLY D 52 -35.53 32.67 -45.32
C GLY D 52 -36.68 32.83 -44.35
N GLY D 53 -37.52 33.83 -44.58
CA GLY D 53 -38.75 34.01 -43.82
C GLY D 53 -38.61 35.11 -42.78
N THR D 54 -39.70 35.30 -42.04
CA THR D 54 -39.74 36.33 -41.02
C THR D 54 -38.76 36.05 -39.90
N CYS D 55 -38.69 34.80 -39.44
CA CYS D 55 -37.79 34.48 -38.34
C CYS D 55 -36.35 34.86 -38.69
N VAL D 56 -35.91 34.43 -39.86
CA VAL D 56 -34.51 34.62 -40.26
C VAL D 56 -34.19 36.09 -40.42
N ASN D 57 -35.10 36.85 -41.02
CA ASN D 57 -34.79 38.19 -41.47
C ASN D 57 -35.16 39.29 -40.48
N VAL D 58 -36.34 39.21 -39.85
CA VAL D 58 -36.83 40.26 -38.96
C VAL D 58 -37.64 39.59 -37.85
N GLY D 59 -37.12 38.51 -37.30
CA GLY D 59 -37.80 37.76 -36.25
C GLY D 59 -36.84 37.09 -35.29
N CYS D 60 -37.03 35.78 -35.02
CA CYS D 60 -36.32 35.11 -33.95
C CYS D 60 -34.81 35.32 -34.03
N VAL D 61 -34.23 35.12 -35.21
CA VAL D 61 -32.77 35.09 -35.33
C VAL D 61 -32.18 36.46 -35.01
N PRO D 62 -32.55 37.57 -35.67
CA PRO D 62 -31.94 38.86 -35.28
C PRO D 62 -32.34 39.32 -33.89
N LYS D 63 -33.59 39.07 -33.45
CA LYS D 63 -34.01 39.55 -32.14
C LYS D 63 -33.25 38.85 -31.03
N LYS D 64 -32.94 37.57 -31.20
CA LYS D 64 -32.16 36.88 -30.20
C LYS D 64 -30.78 37.49 -30.09
N LEU D 65 -30.15 37.81 -31.23
CA LEU D 65 -28.84 38.45 -31.20
C LEU D 65 -28.90 39.76 -30.45
N MET D 66 -29.96 40.53 -30.68
CA MET D 66 -30.09 41.83 -30.03
C MET D 66 -30.40 41.70 -28.55
N VAL D 67 -31.22 40.71 -28.15
CA VAL D 67 -31.42 40.46 -26.72
C VAL D 67 -30.12 40.04 -26.07
N THR D 68 -29.36 39.17 -26.73
CA THR D 68 -28.05 38.81 -26.19
C THR D 68 -27.20 40.05 -25.98
N GLY D 69 -27.20 40.95 -26.97
CA GLY D 69 -26.52 42.22 -26.79
C GLY D 69 -27.06 43.00 -25.61
N ALA D 70 -28.39 43.03 -25.48
CA ALA D 70 -28.98 43.79 -24.39
C ALA D 70 -28.61 43.20 -23.03
N GLN D 71 -28.36 41.89 -22.97
CA GLN D 71 -28.03 41.23 -21.70
C GLN D 71 -26.70 41.72 -21.13
N TYR D 72 -25.78 42.21 -21.97
CA TYR D 72 -24.50 42.67 -21.45
C TYR D 72 -24.65 43.85 -20.51
N MET D 73 -25.70 44.66 -20.67
CA MET D 73 -25.97 45.69 -19.66
C MET D 73 -26.03 45.06 -18.27
N ASP D 74 -26.77 43.97 -18.13
CA ASP D 74 -26.85 43.29 -16.84
C ASP D 74 -25.51 42.64 -16.48
N HIS D 75 -24.87 41.96 -17.43
CA HIS D 75 -23.61 41.28 -17.14
C HIS D 75 -22.55 42.24 -16.62
N LEU D 76 -22.39 43.38 -17.31
CA LEU D 76 -21.36 44.33 -16.89
C LEU D 76 -21.61 44.84 -15.49
N ARG D 77 -22.87 45.11 -15.15
CA ARG D 77 -23.18 45.58 -13.80
C ARG D 77 -22.99 44.47 -12.77
N GLU D 78 -23.52 43.27 -13.06
CA GLU D 78 -23.45 42.15 -12.14
C GLU D 78 -22.04 41.64 -11.92
N SER D 79 -21.10 41.92 -12.83
CA SER D 79 -19.76 41.38 -12.68
C SER D 79 -19.07 41.93 -11.43
N ALA D 80 -19.47 43.13 -10.98
CA ALA D 80 -18.81 43.76 -9.84
C ALA D 80 -18.96 42.94 -8.56
N GLY D 81 -20.13 42.33 -8.37
CA GLY D 81 -20.32 41.50 -7.18
C GLY D 81 -19.35 40.34 -7.12
N PHE D 82 -18.85 39.90 -8.28
CA PHE D 82 -17.88 38.82 -8.32
C PHE D 82 -16.45 39.34 -8.39
N GLY D 83 -16.27 40.64 -8.19
CA GLY D 83 -14.94 41.21 -8.09
C GLY D 83 -14.38 41.78 -9.36
N TRP D 84 -15.16 41.88 -10.43
CA TRP D 84 -14.66 42.53 -11.63
C TRP D 84 -14.73 44.04 -11.45
N GLU D 85 -13.65 44.71 -11.84
CA GLU D 85 -13.46 46.14 -11.67
C GLU D 85 -13.09 46.70 -13.03
N PHE D 86 -13.69 47.83 -13.37
CA PHE D 86 -13.32 48.56 -14.59
C PHE D 86 -13.92 49.94 -14.47
N ASP D 87 -13.48 50.83 -15.37
CA ASP D 87 -13.98 52.20 -15.40
C ASP D 87 -15.42 52.23 -15.86
N GLY D 88 -16.37 52.22 -14.92
CA GLY D 88 -17.77 52.25 -15.29
C GLY D 88 -18.16 53.48 -16.09
N SER D 89 -17.44 54.59 -15.90
CA SER D 89 -17.79 55.79 -16.63
C SER D 89 -17.44 55.70 -18.11
N SER D 90 -16.66 54.69 -18.52
CA SER D 90 -16.35 54.55 -19.93
C SER D 90 -17.33 53.65 -20.67
N VAL D 91 -18.33 53.11 -20.01
CA VAL D 91 -19.22 52.14 -20.64
C VAL D 91 -20.18 52.87 -21.56
N LYS D 92 -20.28 52.40 -22.80
CA LYS D 92 -21.18 52.94 -23.80
C LYS D 92 -21.72 51.81 -24.65
N ALA D 93 -23.02 51.84 -24.92
CA ALA D 93 -23.70 50.84 -25.72
C ALA D 93 -23.84 51.37 -27.14
N ASN D 94 -23.15 50.73 -28.09
CA ASN D 94 -23.11 51.20 -29.47
C ASN D 94 -24.11 50.40 -30.31
N TRP D 95 -25.30 50.98 -30.48
CA TRP D 95 -26.36 50.39 -31.30
C TRP D 95 -25.92 50.15 -32.73
N LYS D 96 -25.17 51.09 -33.30
CA LYS D 96 -24.79 50.96 -34.70
C LYS D 96 -23.97 49.70 -34.93
N LYS D 97 -23.09 49.35 -34.00
CA LYS D 97 -22.29 48.15 -34.19
C LYS D 97 -23.15 46.91 -34.04
N LEU D 98 -24.09 46.93 -33.09
CA LEU D 98 -25.01 45.80 -32.93
C LEU D 98 -25.79 45.57 -34.22
N ILE D 99 -26.38 46.63 -34.78
CA ILE D 99 -27.17 46.47 -35.99
C ILE D 99 -26.29 46.01 -37.14
N ALA D 100 -25.07 46.55 -37.24
CA ALA D 100 -24.22 46.12 -38.36
C ALA D 100 -23.84 44.65 -38.21
N ALA D 101 -23.57 44.22 -36.99
CA ALA D 101 -23.23 42.82 -36.76
C ALA D 101 -24.43 41.92 -37.07
N LYS D 102 -25.62 42.35 -36.66
CA LYS D 102 -26.84 41.59 -36.94
C LYS D 102 -27.12 41.51 -38.43
N ASN D 103 -26.99 42.64 -39.14
CA ASN D 103 -27.21 42.64 -40.59
C ASN D 103 -26.30 41.66 -41.29
N GLU D 104 -25.03 41.62 -40.90
CA GLU D 104 -24.08 40.71 -41.55
C GLU D 104 -24.42 39.26 -41.24
N ALA D 105 -24.81 38.96 -40.00
CA ALA D 105 -25.27 37.61 -39.66
C ALA D 105 -26.45 37.19 -40.53
N VAL D 106 -27.45 38.06 -40.70
CA VAL D 106 -28.64 37.72 -41.48
C VAL D 106 -28.28 37.57 -42.96
N LEU D 107 -27.52 38.52 -43.49
CA LEU D 107 -27.14 38.45 -44.90
C LEU D 107 -26.41 37.14 -45.21
N ASP D 108 -25.51 36.72 -44.33
CA ASP D 108 -24.85 35.43 -44.52
C ASP D 108 -25.86 34.30 -44.63
N ILE D 109 -26.91 34.34 -43.81
CA ILE D 109 -27.95 33.32 -43.93
C ILE D 109 -28.68 33.45 -45.26
N ASN D 110 -29.01 34.69 -45.66
CA ASN D 110 -29.64 34.93 -46.96
C ASN D 110 -28.82 34.30 -48.08
N LYS D 111 -27.53 34.69 -48.15
CA LYS D 111 -26.63 34.13 -49.15
C LYS D 111 -26.57 32.60 -49.08
N SER D 112 -26.55 32.06 -47.87
CA SER D 112 -26.53 30.61 -47.72
C SER D 112 -27.73 29.95 -48.41
N TYR D 113 -28.93 30.52 -48.25
CA TYR D 113 -30.12 29.95 -48.87
C TYR D 113 -30.05 30.05 -50.39
N GLU D 114 -29.44 31.10 -50.92
CA GLU D 114 -29.25 31.18 -52.37
C GLU D 114 -28.43 30.01 -52.88
N GLY D 115 -27.30 29.72 -52.23
CA GLY D 115 -26.48 28.61 -52.67
C GLY D 115 -27.22 27.29 -52.59
N MET D 116 -28.14 27.17 -51.62
CA MET D 116 -28.96 25.97 -51.52
C MET D 116 -29.81 25.78 -52.77
N PHE D 117 -30.45 26.85 -53.26
CA PHE D 117 -31.20 26.74 -54.49
C PHE D 117 -30.29 26.42 -55.66
N ASN D 118 -29.15 27.14 -55.77
CA ASN D 118 -28.28 26.95 -56.92
C ASN D 118 -27.73 25.53 -56.98
N ASP D 119 -27.57 24.88 -55.83
CA ASP D 119 -26.91 23.59 -55.80
C ASP D 119 -27.87 22.40 -55.77
N THR D 120 -29.17 22.63 -55.55
CA THR D 120 -30.11 21.53 -55.37
C THR D 120 -30.97 21.36 -56.63
N GLU D 121 -30.80 20.24 -57.31
CA GLU D 121 -31.57 20.02 -58.52
C GLU D 121 -33.04 19.81 -58.16
N GLY D 122 -33.94 20.45 -58.90
CA GLY D 122 -35.35 20.32 -58.62
C GLY D 122 -35.92 21.30 -57.61
N LEU D 123 -35.10 22.17 -57.02
CA LEU D 123 -35.60 23.20 -56.12
C LEU D 123 -35.24 24.56 -56.71
N ASP D 124 -36.24 25.29 -57.18
CA ASP D 124 -36.06 26.52 -57.93
C ASP D 124 -36.61 27.71 -57.15
N PHE D 125 -35.88 28.81 -57.14
CA PHE D 125 -36.34 30.02 -56.47
C PHE D 125 -36.85 31.04 -57.49
N PHE D 126 -37.94 31.72 -57.16
CA PHE D 126 -38.45 32.81 -58.00
C PHE D 126 -38.66 34.07 -57.19
N LEU D 127 -38.11 35.18 -57.67
CA LEU D 127 -38.22 36.47 -57.00
C LEU D 127 -39.46 37.20 -57.48
N GLY D 128 -40.30 37.64 -56.54
CA GLY D 128 -41.45 38.48 -56.86
C GLY D 128 -42.62 38.12 -55.97
N TRP D 129 -43.81 38.56 -56.39
CA TRP D 129 -45.05 38.46 -55.61
C TRP D 129 -45.94 37.38 -56.22
N GLY D 130 -46.14 36.29 -55.47
CA GLY D 130 -46.94 35.18 -55.95
C GLY D 130 -48.41 35.38 -55.58
N SER D 131 -49.28 34.98 -56.50
CA SER D 131 -50.71 34.97 -56.25
C SER D 131 -51.32 33.85 -57.08
N LEU D 132 -52.57 33.52 -56.76
CA LEU D 132 -53.29 32.45 -57.43
C LEU D 132 -54.05 33.04 -58.60
N GLU D 133 -53.62 32.71 -59.82
CA GLU D 133 -54.43 33.12 -60.96
C GLU D 133 -55.59 32.15 -61.16
N SER D 134 -55.32 30.85 -61.06
CA SER D 134 -56.34 29.80 -61.05
C SER D 134 -55.84 28.64 -60.21
N LYS D 135 -56.64 27.56 -60.15
CA LYS D 135 -56.43 26.49 -59.19
C LYS D 135 -55.09 25.79 -59.33
N ASN D 136 -54.45 25.88 -60.51
CA ASN D 136 -53.16 25.25 -60.75
C ASN D 136 -52.22 26.19 -61.48
N VAL D 137 -52.38 27.50 -61.27
CA VAL D 137 -51.56 28.51 -61.92
C VAL D 137 -51.17 29.54 -60.87
N VAL D 138 -49.89 29.64 -60.57
CA VAL D 138 -49.35 30.70 -59.74
C VAL D 138 -48.67 31.70 -60.65
N VAL D 139 -49.02 32.98 -60.52
CA VAL D 139 -48.33 34.04 -61.24
C VAL D 139 -47.38 34.74 -60.28
N VAL D 140 -46.22 35.12 -60.81
CA VAL D 140 -45.23 35.88 -60.05
C VAL D 140 -45.15 37.25 -60.71
N ARG D 141 -45.50 38.29 -59.95
CA ARG D 141 -45.55 39.64 -60.49
C ARG D 141 -44.44 40.50 -59.91
N GLU D 142 -44.28 41.66 -60.54
CA GLU D 142 -43.23 42.61 -60.17
C GLU D 142 -43.46 43.15 -58.78
N THR D 143 -44.69 43.56 -58.46
CA THR D 143 -45.00 44.13 -57.15
C THR D 143 -46.23 43.45 -56.58
N ALA D 144 -46.61 43.89 -55.37
CA ALA D 144 -47.83 43.37 -54.76
C ALA D 144 -49.09 43.84 -55.48
N ASP D 145 -48.98 44.86 -56.34
CA ASP D 145 -50.13 45.34 -57.10
C ASP D 145 -50.52 44.30 -58.15
N PRO D 146 -51.74 43.77 -58.10
CA PRO D 146 -52.16 42.71 -59.04
C PRO D 146 -52.23 43.17 -60.48
N LYS D 147 -51.96 44.44 -60.73
CA LYS D 147 -51.87 44.97 -62.09
C LYS D 147 -50.43 45.20 -62.53
N SER D 148 -49.45 44.89 -61.69
CA SER D 148 -48.05 44.98 -62.11
C SER D 148 -47.71 43.82 -63.05
N ALA D 149 -46.58 43.98 -63.76
CA ALA D 149 -46.24 43.03 -64.82
C ALA D 149 -46.05 41.61 -64.29
N VAL D 150 -46.48 40.64 -65.08
CA VAL D 150 -46.27 39.23 -64.76
C VAL D 150 -44.85 38.84 -65.14
N LYS D 151 -44.03 38.48 -64.14
CA LYS D 151 -42.69 38.00 -64.44
C LYS D 151 -42.73 36.56 -64.95
N GLU D 152 -43.46 35.70 -64.25
CA GLU D 152 -43.49 34.27 -64.53
C GLU D 152 -44.90 33.76 -64.24
N ARG D 153 -45.38 32.86 -65.08
CA ARG D 153 -46.62 32.12 -64.84
C ARG D 153 -46.23 30.65 -64.73
N LEU D 154 -46.49 30.05 -63.57
CA LEU D 154 -45.98 28.72 -63.24
C LEU D 154 -47.13 27.72 -63.16
N GLN D 155 -46.97 26.58 -63.84
CA GLN D 155 -47.94 25.50 -63.71
C GLN D 155 -47.63 24.72 -62.45
N ALA D 156 -48.65 24.51 -61.61
CA ALA D 156 -48.48 23.90 -60.30
C ALA D 156 -49.51 22.80 -60.11
N ASP D 157 -49.05 21.57 -59.90
CA ASP D 157 -49.97 20.51 -59.47
C ASP D 157 -50.52 20.77 -58.09
N HIS D 158 -49.66 21.27 -57.20
CA HIS D 158 -50.01 21.52 -55.80
C HIS D 158 -49.47 22.89 -55.44
N ILE D 159 -50.22 23.63 -54.63
CA ILE D 159 -49.84 24.97 -54.23
C ILE D 159 -49.83 25.03 -52.71
N LEU D 160 -48.74 25.54 -52.16
CA LEU D 160 -48.60 25.70 -50.71
C LEU D 160 -48.58 27.19 -50.38
N LEU D 161 -49.55 27.62 -49.59
CA LEU D 161 -49.62 29.02 -49.15
C LEU D 161 -48.82 29.13 -47.84
N ALA D 162 -47.72 29.86 -47.88
CA ALA D 162 -46.88 30.00 -46.69
C ALA D 162 -46.31 31.42 -46.61
N THR D 163 -47.18 32.43 -46.73
CA THR D 163 -46.75 33.81 -46.76
C THR D 163 -46.64 34.47 -45.38
N GLY D 164 -46.93 33.75 -44.28
CA GLY D 164 -46.69 34.29 -42.94
C GLY D 164 -47.74 35.30 -42.49
N SER D 165 -47.32 36.17 -41.56
CA SER D 165 -48.15 37.20 -40.96
C SER D 165 -47.47 38.55 -41.14
N TRP D 166 -48.08 39.59 -40.55
CA TRP D 166 -47.67 40.97 -40.75
C TRP D 166 -48.11 41.79 -39.55
N PRO D 167 -47.37 42.83 -39.17
CA PRO D 167 -47.75 43.60 -37.98
C PRO D 167 -49.12 44.27 -38.16
N GLN D 168 -49.97 44.10 -37.16
CA GLN D 168 -51.29 44.74 -37.13
C GLN D 168 -51.12 46.18 -36.67
N MET D 169 -51.68 47.11 -37.42
CA MET D 169 -51.55 48.55 -37.14
C MET D 169 -52.93 49.13 -36.86
N PRO D 170 -53.21 49.58 -35.63
CA PRO D 170 -54.56 50.09 -35.33
C PRO D 170 -54.92 51.30 -36.18
N ALA D 171 -56.21 51.39 -36.52
CA ALA D 171 -56.73 52.51 -37.31
C ALA D 171 -56.98 53.68 -36.35
N ILE D 172 -55.93 54.44 -36.08
CA ILE D 172 -56.02 55.66 -35.28
C ILE D 172 -55.38 56.79 -36.07
N PRO D 173 -55.75 58.05 -35.77
CA PRO D 173 -55.05 59.17 -36.41
C PRO D 173 -53.57 59.20 -36.04
N GLY D 174 -52.74 59.46 -37.03
CA GLY D 174 -51.30 59.52 -36.83
C GLY D 174 -50.61 58.19 -36.83
N ILE D 175 -51.28 57.11 -37.26
CA ILE D 175 -50.65 55.79 -37.26
C ILE D 175 -49.44 55.78 -38.18
N GLU D 176 -49.46 56.62 -39.22
CA GLU D 176 -48.33 56.73 -40.14
C GLU D 176 -47.07 57.27 -39.46
N HIS D 177 -47.20 57.83 -38.26
CA HIS D 177 -46.04 58.28 -37.49
C HIS D 177 -45.43 57.17 -36.64
N CYS D 178 -46.04 55.98 -36.62
CA CYS D 178 -45.59 54.86 -35.83
C CYS D 178 -44.83 53.84 -36.69
N ILE D 179 -44.17 52.89 -36.03
CA ILE D 179 -43.45 51.84 -36.73
C ILE D 179 -43.90 50.50 -36.15
N SER D 180 -43.39 49.43 -36.74
CA SER D 180 -43.56 48.07 -36.23
C SER D 180 -42.20 47.50 -35.89
N SER D 181 -42.18 46.21 -35.50
CA SER D 181 -40.90 45.56 -35.27
C SER D 181 -40.04 45.58 -36.53
N ASN D 182 -40.66 45.54 -37.72
CA ASN D 182 -39.92 45.56 -38.98
C ASN D 182 -38.91 46.70 -39.01
N GLU D 183 -39.38 47.92 -38.76
CA GLU D 183 -38.52 49.09 -38.85
C GLU D 183 -37.56 49.20 -37.67
N ALA D 184 -37.95 48.68 -36.51
CA ALA D 184 -37.10 48.70 -35.33
C ALA D 184 -35.76 48.00 -35.56
N PHE D 185 -35.73 46.96 -36.41
CA PHE D 185 -34.47 46.29 -36.72
C PHE D 185 -33.52 47.14 -37.54
N TYR D 186 -33.95 48.32 -38.00
CA TYR D 186 -33.13 49.13 -38.90
C TYR D 186 -32.98 50.57 -38.45
N LEU D 187 -33.47 50.93 -37.28
CA LEU D 187 -33.29 52.29 -36.76
C LEU D 187 -31.82 52.70 -36.88
N PRO D 188 -31.52 53.84 -37.50
CA PRO D 188 -30.10 54.25 -37.60
C PRO D 188 -29.49 54.61 -36.26
N GLU D 189 -30.28 55.15 -35.33
CA GLU D 189 -29.89 55.52 -33.98
C GLU D 189 -30.83 54.87 -32.98
N PRO D 190 -30.35 54.52 -31.79
CA PRO D 190 -31.24 53.99 -30.76
C PRO D 190 -32.12 55.10 -30.22
N PRO D 191 -33.42 54.86 -30.06
CA PRO D 191 -34.31 55.92 -29.57
C PRO D 191 -33.97 56.33 -28.14
N ARG D 192 -34.02 57.63 -27.88
CA ARG D 192 -33.90 58.13 -26.52
C ARG D 192 -35.12 57.77 -25.71
N ARG D 193 -36.31 58.03 -26.27
CA ARG D 193 -37.58 57.68 -25.65
C ARG D 193 -38.35 56.82 -26.64
N VAL D 194 -38.84 55.67 -26.19
CA VAL D 194 -39.60 54.78 -27.05
C VAL D 194 -40.81 54.29 -26.26
N LEU D 195 -41.94 54.19 -26.94
CA LEU D 195 -43.12 53.51 -26.45
C LEU D 195 -43.35 52.27 -27.31
N THR D 196 -43.32 51.10 -26.69
CA THR D 196 -43.72 49.86 -27.35
C THR D 196 -45.17 49.57 -26.96
N VAL D 197 -46.05 49.51 -27.94
CA VAL D 197 -47.47 49.34 -27.70
C VAL D 197 -47.80 47.85 -27.82
N GLY D 198 -48.28 47.27 -26.74
CA GLY D 198 -48.65 45.86 -26.75
C GLY D 198 -48.09 45.14 -25.56
N GLY D 199 -48.80 44.09 -25.14
CA GLY D 199 -48.42 43.27 -24.01
C GLY D 199 -47.87 41.89 -24.36
N GLY D 200 -47.69 41.58 -25.65
CA GLY D 200 -47.15 40.30 -26.06
C GLY D 200 -45.62 40.27 -26.12
N PHE D 201 -45.11 39.11 -26.54
CA PHE D 201 -43.68 38.83 -26.41
C PHE D 201 -42.83 39.77 -27.25
N ILE D 202 -43.35 40.26 -28.39
CA ILE D 202 -42.57 41.17 -29.22
C ILE D 202 -42.36 42.52 -28.52
N SER D 203 -43.43 43.09 -27.96
CA SER D 203 -43.30 44.36 -27.24
C SER D 203 -42.34 44.23 -26.06
N VAL D 204 -42.54 43.20 -25.24
CA VAL D 204 -41.70 42.96 -24.06
C VAL D 204 -40.23 42.79 -24.45
N GLU D 205 -39.95 42.00 -25.50
CA GLU D 205 -38.57 41.75 -25.86
C GLU D 205 -37.89 43.02 -26.38
N PHE D 206 -38.59 43.77 -27.22
CA PHE D 206 -37.99 45.00 -27.73
C PHE D 206 -37.83 46.04 -26.62
N ALA D 207 -38.74 46.06 -25.63
CA ALA D 207 -38.56 47.01 -24.53
C ALA D 207 -37.23 46.74 -23.81
N GLY D 208 -36.89 45.47 -23.59
CA GLY D 208 -35.59 45.15 -23.01
C GLY D 208 -34.44 45.55 -23.91
N ILE D 209 -34.57 45.30 -25.21
CA ILE D 209 -33.53 45.67 -26.17
C ILE D 209 -33.30 47.17 -26.14
N PHE D 210 -34.37 47.95 -26.33
CA PHE D 210 -34.23 49.41 -26.33
C PHE D 210 -33.70 49.93 -25.00
N ASN D 211 -34.08 49.27 -23.90
CA ASN D 211 -33.67 49.72 -22.56
C ASN D 211 -32.15 49.64 -22.40
N ALA D 212 -31.53 48.62 -22.98
CA ALA D 212 -30.11 48.43 -22.83
C ALA D 212 -29.30 49.39 -23.71
N TYR D 213 -29.82 49.76 -24.87
CA TYR D 213 -29.04 50.56 -25.82
C TYR D 213 -29.46 52.02 -25.85
N LYS D 214 -30.43 52.43 -25.04
CA LYS D 214 -30.89 53.81 -25.08
C LYS D 214 -29.78 54.78 -24.67
N PRO D 215 -29.70 55.95 -25.29
CA PRO D 215 -28.67 56.93 -24.94
C PRO D 215 -28.91 57.52 -23.56
N PRO D 216 -27.99 58.34 -23.05
CA PRO D 216 -28.13 58.88 -21.69
C PRO D 216 -29.47 59.60 -21.48
N GLY D 217 -30.05 59.39 -20.30
CA GLY D 217 -31.31 60.00 -19.97
C GLY D 217 -32.50 59.48 -20.75
N GLY D 218 -32.34 58.34 -21.43
CA GLY D 218 -33.45 57.76 -22.17
C GLY D 218 -34.45 57.08 -21.27
N LYS D 219 -35.62 56.77 -21.83
CA LYS D 219 -36.66 56.07 -21.10
C LYS D 219 -37.48 55.20 -22.05
N VAL D 220 -37.70 53.95 -21.65
CA VAL D 220 -38.55 53.01 -22.39
C VAL D 220 -39.87 52.84 -21.64
N THR D 221 -40.98 53.00 -22.35
CA THR D 221 -42.32 52.81 -21.82
C THR D 221 -43.03 51.76 -22.64
N LEU D 222 -43.61 50.77 -21.98
CA LEU D 222 -44.45 49.77 -22.61
C LEU D 222 -45.86 50.04 -22.13
N CYS D 223 -46.83 50.05 -23.04
CA CYS D 223 -48.23 50.17 -22.67
C CYS D 223 -48.99 48.95 -23.17
N TYR D 224 -50.00 48.56 -22.39
CA TYR D 224 -50.88 47.44 -22.70
C TYR D 224 -52.31 47.81 -22.34
N ARG D 225 -53.24 47.46 -23.23
CA ARG D 225 -54.61 47.93 -23.08
C ARG D 225 -55.33 47.28 -21.91
N ASN D 226 -54.87 46.13 -21.44
CA ASN D 226 -55.56 45.48 -20.32
C ASN D 226 -54.73 45.60 -19.04
N ASN D 227 -55.08 44.77 -18.05
N ASN D 227 -55.10 44.81 -18.02
N ASN D 227 -55.08 44.77 -18.05
N ASN D 227 -55.11 44.82 -18.02
CA ASN D 227 -54.60 44.94 -16.69
CA ASN D 227 -54.52 45.03 -16.70
CA ASN D 227 -54.60 44.94 -16.69
CA ASN D 227 -54.52 45.03 -16.70
C ASN D 227 -53.21 44.34 -16.48
C ASN D 227 -53.14 44.41 -16.54
C ASN D 227 -53.21 44.34 -16.48
C ASN D 227 -53.14 44.40 -16.53
N LEU D 228 -52.85 43.31 -17.24
CA LEU D 228 -51.60 42.57 -17.02
C LEU D 228 -50.98 42.10 -18.32
N ILE D 229 -49.68 42.39 -18.52
CA ILE D 229 -49.04 42.03 -19.77
C ILE D 229 -48.97 40.50 -19.91
N LEU D 230 -48.73 40.04 -21.14
CA LEU D 230 -48.37 38.65 -21.45
C LEU D 230 -49.54 37.69 -21.21
N ARG D 231 -50.72 38.09 -21.66
CA ARG D 231 -51.88 37.20 -21.77
C ARG D 231 -51.46 35.86 -22.37
N GLY D 232 -52.02 34.77 -21.82
CA GLY D 232 -51.69 33.43 -22.26
C GLY D 232 -50.59 32.76 -21.47
N PHE D 233 -49.74 33.53 -20.81
CA PHE D 233 -48.68 32.96 -19.99
C PHE D 233 -49.16 32.79 -18.55
N ASP D 234 -48.35 32.06 -17.78
CA ASP D 234 -48.67 31.81 -16.38
C ASP D 234 -48.82 33.11 -15.62
N GLU D 235 -49.76 33.14 -14.67
CA GLU D 235 -50.14 34.39 -14.03
C GLU D 235 -49.09 34.86 -13.04
N THR D 236 -48.53 33.95 -12.24
CA THR D 236 -47.41 34.32 -11.37
C THR D 236 -46.29 34.94 -12.20
N ILE D 237 -46.03 34.36 -13.38
CA ILE D 237 -44.93 34.82 -14.21
C ILE D 237 -45.24 36.17 -14.83
N ARG D 238 -46.49 36.39 -15.27
CA ARG D 238 -46.84 37.69 -15.84
C ARG D 238 -46.56 38.80 -14.85
N GLU D 239 -46.95 38.61 -13.60
CA GLU D 239 -46.75 39.62 -12.58
C GLU D 239 -45.28 39.76 -12.20
N GLU D 240 -44.55 38.64 -12.18
CA GLU D 240 -43.14 38.71 -11.84
C GLU D 240 -42.33 39.37 -12.96
N VAL D 241 -42.65 39.06 -14.23
CA VAL D 241 -41.97 39.75 -15.34
C VAL D 241 -42.25 41.25 -15.28
N THR D 242 -43.49 41.63 -14.95
CA THR D 242 -43.83 43.04 -14.81
C THR D 242 -42.91 43.73 -13.81
N LYS D 243 -42.73 43.12 -12.64
CA LYS D 243 -41.88 43.72 -11.61
C LYS D 243 -40.42 43.77 -12.05
N GLN D 244 -39.94 42.75 -12.74
CA GLN D 244 -38.52 42.71 -13.07
C GLN D 244 -38.20 43.63 -14.24
N LEU D 245 -39.15 43.88 -15.14
CA LEU D 245 -38.98 44.95 -16.12
C LEU D 245 -38.93 46.31 -15.44
N THR D 246 -39.84 46.53 -14.49
CA THR D 246 -39.84 47.77 -13.73
C THR D 246 -38.50 47.98 -13.03
N ALA D 247 -38.04 46.95 -12.33
CA ALA D 247 -36.77 47.04 -11.60
C ALA D 247 -35.61 47.38 -12.53
N ASN D 248 -35.70 47.01 -13.80
CA ASN D 248 -34.62 47.35 -14.70
C ASN D 248 -34.86 48.66 -15.42
N GLY D 249 -35.88 49.41 -15.02
CA GLY D 249 -36.04 50.79 -15.44
C GLY D 249 -37.08 51.06 -16.51
N ILE D 250 -37.89 50.07 -16.88
CA ILE D 250 -38.90 50.21 -17.93
C ILE D 250 -40.22 50.58 -17.25
N GLU D 251 -40.93 51.54 -17.81
N GLU D 251 -40.93 51.55 -17.80
N GLU D 251 -40.93 51.54 -17.81
N GLU D 251 -40.93 51.55 -17.80
CA GLU D 251 -42.22 51.97 -17.29
CA GLU D 251 -42.22 51.97 -17.25
CA GLU D 251 -42.22 51.97 -17.29
CA GLU D 251 -42.22 51.97 -17.25
C GLU D 251 -43.33 51.17 -17.96
C GLU D 251 -43.34 51.20 -17.95
C GLU D 251 -43.33 51.17 -17.96
C GLU D 251 -43.34 51.20 -17.95
N ILE D 252 -44.10 50.44 -17.16
CA ILE D 252 -45.24 49.67 -17.65
C ILE D 252 -46.49 50.51 -17.45
N MET D 253 -47.21 50.79 -18.53
CA MET D 253 -48.49 51.51 -18.53
C MET D 253 -49.61 50.52 -18.86
N THR D 254 -50.21 49.92 -17.84
CA THR D 254 -51.32 49.01 -18.08
C THR D 254 -52.65 49.78 -18.08
N ASN D 255 -53.66 49.16 -18.71
CA ASN D 255 -54.98 49.76 -18.92
C ASN D 255 -54.87 51.08 -19.68
N GLU D 256 -53.95 51.14 -20.63
CA GLU D 256 -53.79 52.31 -21.47
C GLU D 256 -53.64 51.87 -22.92
N ASN D 257 -54.16 52.69 -23.83
CA ASN D 257 -54.17 52.37 -25.24
C ASN D 257 -54.08 53.68 -26.02
N PRO D 258 -53.15 53.81 -26.95
CA PRO D 258 -53.09 55.03 -27.77
C PRO D 258 -54.39 55.28 -28.54
N ALA D 259 -54.81 56.54 -28.52
CA ALA D 259 -55.92 57.02 -29.33
C ALA D 259 -55.49 57.81 -30.55
N LYS D 260 -54.34 58.49 -30.48
CA LYS D 260 -53.82 59.18 -31.66
C LYS D 260 -52.38 59.58 -31.41
N VAL D 261 -51.71 59.95 -32.50
CA VAL D 261 -50.29 60.31 -32.49
C VAL D 261 -50.13 61.50 -33.41
N SER D 262 -49.51 62.57 -32.92
CA SER D 262 -49.16 63.71 -33.75
C SER D 262 -47.66 63.95 -33.75
N LEU D 263 -47.18 64.57 -34.82
CA LEU D 263 -45.78 64.98 -34.93
C LEU D 263 -45.58 66.30 -34.22
N ASN D 264 -44.64 66.34 -33.28
CA ASN D 264 -44.21 67.59 -32.70
C ASN D 264 -43.31 68.33 -33.67
N THR D 265 -43.14 69.63 -33.42
CA THR D 265 -42.35 70.43 -34.36
C THR D 265 -40.89 70.00 -34.40
N ASP D 266 -40.38 69.34 -33.36
CA ASP D 266 -39.03 68.82 -33.38
C ASP D 266 -38.93 67.43 -33.96
N GLY D 267 -40.05 66.84 -34.38
CA GLY D 267 -40.03 65.54 -35.02
C GLY D 267 -40.35 64.38 -34.10
N SER D 268 -40.39 64.59 -32.80
CA SER D 268 -40.82 63.54 -31.89
C SER D 268 -42.33 63.34 -32.01
N LYS D 269 -42.85 62.39 -31.26
CA LYS D 269 -44.23 61.94 -31.40
C LYS D 269 -45.00 62.26 -30.13
N HIS D 270 -46.18 62.84 -30.30
CA HIS D 270 -47.06 63.17 -29.20
C HIS D 270 -48.19 62.14 -29.20
N VAL D 271 -48.20 61.29 -28.18
CA VAL D 271 -49.16 60.19 -28.06
C VAL D 271 -50.23 60.61 -27.08
N THR D 272 -51.49 60.51 -27.49
CA THR D 272 -52.62 60.69 -26.60
C THR D 272 -53.30 59.35 -26.39
N PHE D 273 -53.49 58.99 -25.14
CA PHE D 273 -54.14 57.73 -24.80
C PHE D 273 -55.64 57.93 -24.70
N GLU D 274 -56.38 56.82 -24.85
CA GLU D 274 -57.83 56.85 -24.71
C GLU D 274 -58.27 57.50 -23.41
N SER D 275 -57.46 57.36 -22.36
CA SER D 275 -57.77 57.92 -21.06
C SER D 275 -57.53 59.42 -20.97
N GLY D 276 -56.89 60.03 -21.98
CA GLY D 276 -56.52 61.43 -21.96
C GLY D 276 -55.07 61.68 -21.57
N LYS D 277 -54.42 60.70 -20.94
CA LYS D 277 -53.00 60.81 -20.66
C LYS D 277 -52.21 61.03 -21.95
N THR D 278 -51.04 61.64 -21.81
CA THR D 278 -50.21 61.89 -22.98
C THR D 278 -48.78 61.49 -22.67
N LEU D 279 -47.99 61.36 -23.72
CA LEU D 279 -46.60 60.92 -23.63
C LEU D 279 -45.86 61.31 -24.89
N ASP D 280 -44.67 61.85 -24.76
CA ASP D 280 -43.84 62.20 -25.90
C ASP D 280 -42.69 61.21 -25.99
N VAL D 281 -42.49 60.64 -27.19
CA VAL D 281 -41.43 59.69 -27.42
C VAL D 281 -40.85 59.94 -28.80
N ASP D 282 -39.62 59.45 -29.00
CA ASP D 282 -39.00 59.57 -30.30
C ASP D 282 -39.44 58.47 -31.26
N VAL D 283 -39.93 57.35 -30.73
CA VAL D 283 -40.37 56.22 -31.53
C VAL D 283 -41.59 55.60 -30.85
N VAL D 284 -42.65 55.37 -31.63
CA VAL D 284 -43.80 54.57 -31.20
C VAL D 284 -43.75 53.27 -32.01
N MET D 285 -43.42 52.15 -31.35
CA MET D 285 -43.41 50.83 -31.99
C MET D 285 -44.71 50.10 -31.66
N MET D 286 -45.57 49.93 -32.66
CA MET D 286 -46.81 49.15 -32.52
C MET D 286 -46.48 47.66 -32.54
N ALA D 287 -46.84 46.96 -31.46
CA ALA D 287 -46.67 45.52 -31.39
C ALA D 287 -47.93 44.91 -30.76
N ILE D 288 -49.10 45.23 -31.33
CA ILE D 288 -50.36 44.79 -30.75
C ILE D 288 -50.82 43.45 -31.28
N GLY D 289 -50.22 42.95 -32.36
CA GLY D 289 -50.60 41.67 -32.90
C GLY D 289 -49.98 41.49 -34.26
N ARG D 290 -50.20 40.30 -34.81
CA ARG D 290 -49.79 39.99 -36.17
C ARG D 290 -50.94 39.25 -36.85
N ILE D 291 -51.23 39.63 -38.09
CA ILE D 291 -52.37 39.10 -38.82
C ILE D 291 -51.94 38.27 -40.02
N PRO D 292 -52.71 37.26 -40.41
CA PRO D 292 -52.34 36.44 -41.57
C PRO D 292 -52.16 37.32 -42.80
N ARG D 293 -51.15 36.96 -43.59
CA ARG D 293 -50.78 37.75 -44.77
C ARG D 293 -51.47 37.15 -45.99
N THR D 294 -52.74 37.52 -46.17
CA THR D 294 -53.57 36.94 -47.21
C THR D 294 -53.97 37.92 -48.31
N ASN D 295 -53.82 39.23 -48.08
CA ASN D 295 -54.33 40.24 -48.99
C ASN D 295 -53.79 40.10 -50.41
N ASP D 296 -52.50 39.78 -50.55
CA ASP D 296 -51.88 39.83 -51.86
C ASP D 296 -52.06 38.54 -52.66
N LEU D 297 -52.59 37.48 -52.06
CA LEU D 297 -52.64 36.20 -52.74
C LEU D 297 -53.79 36.07 -53.73
N GLN D 298 -54.72 37.02 -53.76
CA GLN D 298 -55.89 36.99 -54.66
C GLN D 298 -56.67 35.68 -54.48
N LEU D 299 -56.98 35.35 -53.23
CA LEU D 299 -57.57 34.05 -52.95
C LEU D 299 -58.97 33.90 -53.54
N GLY D 300 -59.67 35.00 -53.77
CA GLY D 300 -60.98 34.92 -54.39
C GLY D 300 -60.97 34.35 -55.79
N ASN D 301 -59.82 34.42 -56.49
CA ASN D 301 -59.70 33.80 -57.81
C ASN D 301 -60.02 32.32 -57.78
N VAL D 302 -59.79 31.65 -56.65
CA VAL D 302 -60.02 30.21 -56.55
C VAL D 302 -60.95 29.85 -55.41
N GLY D 303 -61.41 30.82 -54.63
CA GLY D 303 -62.37 30.53 -53.58
C GLY D 303 -61.80 29.89 -52.34
N VAL D 304 -60.52 30.14 -52.04
CA VAL D 304 -59.95 29.66 -50.78
C VAL D 304 -60.61 30.41 -49.62
N LYS D 305 -61.14 29.65 -48.66
CA LYS D 305 -61.96 30.19 -47.57
C LYS D 305 -61.10 30.64 -46.40
N LEU D 306 -61.36 31.85 -45.92
CA LEU D 306 -60.76 32.37 -44.70
C LEU D 306 -61.64 32.07 -43.48
N THR D 307 -61.00 32.00 -42.31
CA THR D 307 -61.72 31.96 -41.05
C THR D 307 -62.31 33.33 -40.75
N PRO D 308 -63.20 33.44 -39.77
CA PRO D 308 -63.70 34.77 -39.41
C PRO D 308 -62.60 35.72 -38.98
N LYS D 309 -61.54 35.20 -38.37
CA LYS D 309 -60.40 36.00 -37.92
C LYS D 309 -59.45 36.38 -39.06
N GLY D 310 -59.59 35.80 -40.25
CA GLY D 310 -58.79 36.20 -41.40
C GLY D 310 -57.69 35.23 -41.82
N GLY D 311 -57.48 34.13 -41.10
CA GLY D 311 -56.53 33.13 -41.56
C GLY D 311 -57.11 32.25 -42.65
N VAL D 312 -56.23 31.58 -43.39
CA VAL D 312 -56.69 30.54 -44.31
C VAL D 312 -57.19 29.35 -43.50
N GLN D 313 -58.41 28.91 -43.80
CA GLN D 313 -59.01 27.82 -43.04
C GLN D 313 -58.45 26.50 -43.53
N VAL D 314 -58.05 25.63 -42.60
CA VAL D 314 -57.43 24.35 -42.95
C VAL D 314 -57.96 23.27 -42.01
N ASP D 315 -57.92 22.04 -42.49
CA ASP D 315 -58.18 20.89 -41.62
C ASP D 315 -56.90 20.54 -40.86
N GLU D 316 -56.90 19.42 -40.14
CA GLU D 316 -55.72 19.08 -39.35
C GLU D 316 -54.53 18.72 -40.22
N PHE D 317 -54.76 18.42 -41.49
CA PHE D 317 -53.69 18.08 -42.41
C PHE D 317 -53.28 19.26 -43.27
N SER D 318 -53.71 20.47 -42.92
CA SER D 318 -53.33 21.73 -43.55
C SER D 318 -53.94 21.90 -44.94
N ARG D 319 -55.02 21.18 -45.24
CA ARG D 319 -55.71 21.32 -46.52
C ARG D 319 -56.76 22.42 -46.45
N THR D 320 -56.78 23.28 -47.47
CA THR D 320 -57.86 24.24 -47.62
C THR D 320 -59.07 23.55 -48.23
N ASN D 321 -60.11 24.32 -48.50
CA ASN D 321 -61.30 23.77 -49.14
C ASN D 321 -61.08 23.47 -50.61
N VAL D 322 -60.01 24.01 -51.20
CA VAL D 322 -59.70 23.82 -52.61
C VAL D 322 -58.70 22.67 -52.74
N PRO D 323 -58.99 21.64 -53.52
CA PRO D 323 -58.05 20.52 -53.61
C PRO D 323 -56.73 20.97 -54.22
N ASN D 324 -55.66 20.34 -53.74
CA ASN D 324 -54.29 20.63 -54.15
C ASN D 324 -53.82 22.00 -53.68
N ILE D 325 -54.55 22.67 -52.80
CA ILE D 325 -54.10 23.92 -52.20
C ILE D 325 -54.05 23.76 -50.70
N TYR D 326 -52.90 24.08 -50.11
CA TYR D 326 -52.64 23.89 -48.69
C TYR D 326 -52.12 25.20 -48.09
N ALA D 327 -52.12 25.26 -46.76
CA ALA D 327 -51.65 26.43 -46.03
C ALA D 327 -51.07 25.99 -44.70
N ILE D 328 -49.86 26.48 -44.40
CA ILE D 328 -49.16 26.19 -43.16
C ILE D 328 -48.60 27.50 -42.61
N GLY D 329 -48.18 27.47 -41.33
CA GLY D 329 -47.54 28.62 -40.73
C GLY D 329 -48.50 29.69 -40.25
N ASP D 330 -47.96 30.91 -40.10
CA ASP D 330 -48.75 32.00 -39.52
C ASP D 330 -50.00 32.34 -40.31
N ILE D 331 -50.04 32.04 -41.62
CA ILE D 331 -51.22 32.37 -42.42
C ILE D 331 -52.44 31.61 -41.95
N THR D 332 -52.26 30.52 -41.19
CA THR D 332 -53.38 29.76 -40.63
C THR D 332 -53.82 30.26 -39.25
N ASP D 333 -53.09 31.21 -38.67
CA ASP D 333 -53.51 31.89 -37.45
C ASP D 333 -53.67 30.93 -36.27
N ARG D 334 -52.91 29.85 -36.29
N ARG D 334 -52.89 29.87 -36.23
N ARG D 334 -52.91 29.85 -36.29
N ARG D 334 -52.89 29.87 -36.23
CA ARG D 334 -52.83 28.89 -35.18
CA ARG D 334 -52.90 28.98 -35.08
CA ARG D 334 -52.83 28.89 -35.18
CA ARG D 334 -52.90 28.98 -35.08
C ARG D 334 -51.80 29.37 -34.15
C ARG D 334 -51.79 29.39 -34.11
C ARG D 334 -51.80 29.37 -34.15
C ARG D 334 -51.79 29.39 -34.11
N LEU D 335 -50.73 28.60 -34.00
CA LEU D 335 -49.58 28.97 -33.18
C LEU D 335 -48.56 29.66 -34.09
N MET D 336 -48.29 30.93 -33.83
CA MET D 336 -47.34 31.69 -34.66
C MET D 336 -45.94 31.53 -34.08
N LEU D 337 -45.35 30.37 -34.38
CA LEU D 337 -44.03 29.97 -33.91
C LEU D 337 -43.29 29.31 -35.05
N THR D 338 -41.98 29.56 -35.14
CA THR D 338 -41.21 29.02 -36.26
C THR D 338 -41.15 27.48 -36.25
N PRO D 339 -40.83 26.81 -35.15
CA PRO D 339 -40.82 25.34 -35.20
C PRO D 339 -42.19 24.75 -35.52
N VAL D 340 -43.28 25.48 -35.26
CA VAL D 340 -44.59 24.95 -35.60
C VAL D 340 -44.82 25.04 -37.11
N ALA D 341 -44.46 26.18 -37.72
CA ALA D 341 -44.55 26.29 -39.17
C ALA D 341 -43.69 25.25 -39.86
N ILE D 342 -42.49 25.00 -39.32
CA ILE D 342 -41.61 23.97 -39.86
C ILE D 342 -42.27 22.60 -39.77
N ASN D 343 -42.81 22.28 -38.59
CA ASN D 343 -43.45 20.98 -38.36
C ASN D 343 -44.67 20.79 -39.28
N GLU D 344 -45.47 21.84 -39.45
CA GLU D 344 -46.61 21.74 -40.36
C GLU D 344 -46.16 21.52 -41.79
N GLY D 345 -45.09 22.20 -42.21
CA GLY D 345 -44.61 22.04 -43.57
C GLY D 345 -44.07 20.65 -43.85
N ALA D 346 -43.28 20.10 -42.91
CA ALA D 346 -42.79 18.73 -43.04
C ALA D 346 -43.93 17.73 -43.05
N ALA D 347 -44.92 17.91 -42.15
CA ALA D 347 -46.06 17.02 -42.10
C ALA D 347 -46.85 17.05 -43.40
N LEU D 348 -47.15 18.25 -43.90
CA LEU D 348 -47.91 18.37 -45.14
C LEU D 348 -47.21 17.67 -46.31
N VAL D 349 -45.90 17.83 -46.44
CA VAL D 349 -45.18 17.18 -47.54
C VAL D 349 -45.15 15.67 -47.35
N ASP D 350 -45.01 15.19 -46.11
CA ASP D 350 -45.11 13.76 -45.84
C ASP D 350 -46.48 13.22 -46.24
N THR D 351 -47.53 14.03 -46.08
CA THR D 351 -48.88 13.55 -46.36
C THR D 351 -49.18 13.53 -47.86
N VAL D 352 -48.74 14.57 -48.56
CA VAL D 352 -49.04 14.74 -49.98
C VAL D 352 -48.03 14.01 -50.85
N PHE D 353 -46.73 14.08 -50.53
CA PHE D 353 -45.71 13.52 -51.40
C PHE D 353 -44.99 12.34 -50.78
N GLY D 354 -45.09 12.15 -49.47
CA GLY D 354 -44.65 10.93 -48.84
C GLY D 354 -45.76 9.91 -48.82
N ASN D 355 -45.49 8.82 -48.13
CA ASN D 355 -46.47 7.76 -47.97
C ASN D 355 -46.76 7.62 -46.50
N LYS D 356 -46.76 8.77 -45.82
CA LYS D 356 -46.86 8.85 -44.36
C LYS D 356 -47.75 10.05 -44.03
N PRO D 357 -49.07 9.86 -44.02
CA PRO D 357 -49.95 10.93 -43.55
C PRO D 357 -49.60 11.30 -42.12
N ARG D 358 -49.69 12.58 -41.80
CA ARG D 358 -49.26 13.04 -40.49
C ARG D 358 -49.83 14.45 -40.27
N LYS D 359 -50.30 14.70 -39.06
CA LYS D 359 -50.78 16.02 -38.69
C LYS D 359 -49.97 16.56 -37.52
N THR D 360 -49.76 17.87 -37.53
CA THR D 360 -49.03 18.52 -36.45
C THR D 360 -49.85 18.52 -35.16
N ASP D 361 -49.19 18.23 -34.05
CA ASP D 361 -49.81 18.33 -32.72
C ASP D 361 -49.55 19.73 -32.18
N HIS D 362 -50.60 20.55 -32.08
CA HIS D 362 -50.46 21.91 -31.61
C HIS D 362 -50.60 22.04 -30.10
N THR D 363 -50.67 20.93 -29.38
CA THR D 363 -50.69 20.96 -27.93
C THR D 363 -49.29 20.66 -27.39
N ARG D 364 -49.03 21.16 -26.19
CA ARG D 364 -47.80 20.85 -25.46
C ARG D 364 -46.56 21.29 -26.24
N VAL D 365 -46.70 22.32 -27.06
CA VAL D 365 -45.57 22.94 -27.73
C VAL D 365 -44.83 23.83 -26.74
N ALA D 366 -43.55 23.54 -26.53
CA ALA D 366 -42.76 24.43 -25.69
C ALA D 366 -42.41 25.71 -26.45
N SER D 367 -42.28 26.82 -25.70
CA SER D 367 -41.99 28.12 -26.29
C SER D 367 -41.34 29.01 -25.23
N ALA D 368 -40.89 30.17 -25.66
CA ALA D 368 -40.04 31.02 -24.82
C ALA D 368 -40.36 32.48 -25.09
N VAL D 369 -40.05 33.32 -24.10
CA VAL D 369 -40.03 34.77 -24.27
C VAL D 369 -38.66 35.24 -23.86
N PHE D 370 -37.97 35.92 -24.76
CA PHE D 370 -36.62 36.39 -24.43
C PHE D 370 -36.65 37.76 -23.78
N SER D 371 -37.47 37.82 -22.75
CA SER D 371 -37.39 38.92 -21.80
C SER D 371 -36.12 38.75 -20.97
N ILE D 372 -35.79 39.78 -20.20
CA ILE D 372 -34.62 39.71 -19.34
C ILE D 372 -35.11 39.82 -17.89
N PRO D 373 -35.11 38.73 -17.11
CA PRO D 373 -34.81 37.33 -17.46
C PRO D 373 -35.91 36.69 -18.33
N PRO D 374 -35.64 35.54 -18.96
CA PRO D 374 -36.56 35.01 -19.96
C PRO D 374 -37.57 34.03 -19.36
N ILE D 375 -38.59 33.73 -20.17
CA ILE D 375 -39.63 32.76 -19.84
C ILE D 375 -39.45 31.52 -20.71
N GLY D 376 -39.68 30.35 -20.13
CA GLY D 376 -39.84 29.13 -20.90
C GLY D 376 -41.08 28.40 -20.42
N THR D 377 -41.86 27.88 -21.37
CA THR D 377 -43.13 27.29 -20.99
C THR D 377 -43.55 26.20 -21.97
N CYS D 378 -44.29 25.24 -21.45
CA CYS D 378 -44.89 24.16 -22.24
C CYS D 378 -46.17 23.74 -21.54
N GLY D 379 -47.25 23.63 -22.30
CA GLY D 379 -48.49 23.07 -21.77
C GLY D 379 -49.42 24.12 -21.19
N LEU D 380 -50.38 23.62 -20.41
CA LEU D 380 -51.52 24.42 -19.97
C LEU D 380 -51.18 25.28 -18.76
N ILE D 381 -51.72 26.51 -18.75
CA ILE D 381 -51.72 27.30 -17.52
C ILE D 381 -52.86 26.83 -16.64
N GLU D 382 -52.72 27.06 -15.32
CA GLU D 382 -53.58 26.40 -14.35
C GLU D 382 -55.06 26.79 -14.52
N GLU D 383 -55.34 28.07 -14.83
CA GLU D 383 -56.73 28.48 -14.98
C GLU D 383 -57.38 27.77 -16.16
N VAL D 384 -56.64 27.51 -17.23
CA VAL D 384 -57.18 26.71 -18.33
C VAL D 384 -57.33 25.25 -17.90
N ALA D 385 -56.36 24.71 -17.18
CA ALA D 385 -56.44 23.31 -16.76
C ALA D 385 -57.61 23.09 -15.81
N ALA D 386 -57.86 24.05 -14.92
CA ALA D 386 -58.93 23.91 -13.94
C ALA D 386 -60.30 23.80 -14.61
N LYS D 387 -60.49 24.42 -15.78
CA LYS D 387 -61.74 24.34 -16.52
C LYS D 387 -61.94 23.02 -17.25
N GLU D 388 -60.91 22.18 -17.34
CA GLU D 388 -61.02 20.91 -18.05
C GLU D 388 -60.83 19.69 -17.16
N PHE D 389 -60.26 19.85 -15.97
CA PHE D 389 -60.04 18.74 -15.07
C PHE D 389 -60.68 19.02 -13.72
N GLU D 390 -61.27 17.98 -13.14
CA GLU D 390 -61.95 18.14 -11.86
C GLU D 390 -60.98 18.52 -10.76
N LYS D 391 -59.76 17.97 -10.79
CA LYS D 391 -58.78 18.19 -9.74
C LYS D 391 -57.43 18.50 -10.37
N VAL D 392 -56.94 19.72 -10.13
CA VAL D 392 -55.65 20.17 -10.64
C VAL D 392 -54.75 20.52 -9.47
N ALA D 393 -53.50 20.08 -9.53
CA ALA D 393 -52.53 20.47 -8.51
C ALA D 393 -51.52 21.46 -9.10
N VAL D 394 -51.05 22.39 -8.27
CA VAL D 394 -50.06 23.38 -8.66
C VAL D 394 -48.88 23.25 -7.70
N TYR D 395 -47.71 22.94 -8.23
CA TYR D 395 -46.46 22.90 -7.48
C TYR D 395 -45.66 24.14 -7.85
N MET D 396 -45.25 24.92 -6.87
CA MET D 396 -44.62 26.20 -7.13
C MET D 396 -43.34 26.35 -6.32
N SER D 397 -42.26 26.74 -6.98
CA SER D 397 -41.05 27.21 -6.30
C SER D 397 -40.73 28.61 -6.82
N SER D 398 -40.25 29.47 -5.93
CA SER D 398 -39.92 30.83 -6.30
C SER D 398 -39.01 31.43 -5.23
N PHE D 399 -37.89 32.00 -5.65
CA PHE D 399 -36.82 32.43 -4.77
C PHE D 399 -35.82 33.20 -5.62
N THR D 400 -35.15 34.17 -5.02
CA THR D 400 -34.03 34.79 -5.70
C THR D 400 -32.85 33.83 -5.65
N PRO D 401 -32.29 33.41 -6.79
CA PRO D 401 -31.13 32.51 -6.75
C PRO D 401 -29.96 33.16 -6.02
N LEU D 402 -29.04 32.32 -5.55
CA LEU D 402 -27.93 32.80 -4.74
C LEU D 402 -27.03 33.74 -5.53
N MET D 403 -26.70 33.37 -6.78
CA MET D 403 -25.76 34.20 -7.54
C MET D 403 -26.27 35.64 -7.69
N HIS D 404 -27.58 35.84 -7.68
CA HIS D 404 -28.12 37.20 -7.80
C HIS D 404 -28.24 37.92 -6.47
N ASN D 405 -28.12 37.22 -5.33
CA ASN D 405 -27.82 37.94 -4.11
C ASN D 405 -26.44 38.56 -4.18
N ILE D 406 -25.47 37.83 -4.72
CA ILE D 406 -24.12 38.35 -4.88
C ILE D 406 -24.04 39.35 -6.03
N SER D 407 -24.79 39.10 -7.10
CA SER D 407 -24.73 39.97 -8.28
C SER D 407 -25.31 41.35 -7.97
N GLY D 408 -26.25 41.44 -7.05
CA GLY D 408 -26.95 42.67 -6.76
C GLY D 408 -28.33 42.77 -7.39
N SER D 409 -28.61 41.94 -8.39
CA SER D 409 -29.91 41.93 -9.06
C SER D 409 -30.88 41.07 -8.26
N LYS D 410 -31.18 41.53 -7.04
CA LYS D 410 -31.96 40.74 -6.10
C LYS D 410 -33.42 40.64 -6.49
N TYR D 411 -33.89 41.50 -7.39
CA TYR D 411 -35.24 41.45 -7.93
C TYR D 411 -35.46 40.27 -8.87
N LYS D 412 -34.42 39.52 -9.20
CA LYS D 412 -34.53 38.47 -10.21
C LYS D 412 -34.98 37.18 -9.53
N LYS D 413 -36.27 37.11 -9.25
CA LYS D 413 -36.85 35.88 -8.73
C LYS D 413 -36.92 34.83 -9.82
N PHE D 414 -36.44 33.63 -9.52
CA PHE D 414 -36.72 32.47 -10.36
C PHE D 414 -38.07 31.88 -9.97
N VAL D 415 -38.87 31.50 -10.97
CA VAL D 415 -40.19 30.91 -10.73
C VAL D 415 -40.27 29.59 -11.48
N ALA D 416 -40.63 28.52 -10.77
CA ALA D 416 -40.86 27.23 -11.39
C ALA D 416 -42.22 26.70 -10.96
N LYS D 417 -43.09 26.41 -11.93
CA LYS D 417 -44.42 25.90 -11.65
C LYS D 417 -44.73 24.67 -12.50
N ILE D 418 -45.32 23.67 -11.87
CA ILE D 418 -45.81 22.47 -12.54
C ILE D 418 -47.30 22.37 -12.27
N VAL D 419 -48.08 22.18 -13.33
CA VAL D 419 -49.53 22.05 -13.25
C VAL D 419 -49.85 20.60 -13.60
N THR D 420 -50.56 19.91 -12.69
CA THR D 420 -50.89 18.51 -12.92
C THR D 420 -52.40 18.28 -12.89
N ASN D 421 -52.79 17.21 -13.58
CA ASN D 421 -54.08 16.57 -13.35
C ASN D 421 -53.88 15.72 -12.10
N HIS D 422 -54.42 16.19 -10.98
CA HIS D 422 -54.12 15.55 -9.70
C HIS D 422 -54.74 14.17 -9.57
N SER D 423 -55.71 13.82 -10.43
CA SER D 423 -56.34 12.51 -10.33
C SER D 423 -55.40 11.39 -10.76
N ASP D 424 -54.48 11.64 -11.70
CA ASP D 424 -53.50 10.62 -12.05
C ASP D 424 -52.05 11.11 -12.01
N GLY D 425 -51.81 12.39 -11.73
CA GLY D 425 -50.46 12.92 -11.67
C GLY D 425 -49.91 13.45 -12.97
N THR D 426 -50.64 13.34 -14.07
CA THR D 426 -50.10 13.74 -15.37
C THR D 426 -49.74 15.22 -15.37
N VAL D 427 -48.54 15.52 -15.85
CA VAL D 427 -48.12 16.91 -15.95
C VAL D 427 -48.80 17.54 -17.16
N LEU D 428 -49.60 18.58 -16.91
CA LEU D 428 -50.31 19.28 -17.96
C LEU D 428 -49.57 20.50 -18.47
N GLY D 429 -48.66 21.06 -17.67
CA GLY D 429 -47.95 22.27 -18.02
C GLY D 429 -46.82 22.59 -17.07
N VAL D 430 -45.72 23.15 -17.59
CA VAL D 430 -44.57 23.61 -16.81
C VAL D 430 -44.27 25.04 -17.22
N HIS D 431 -43.94 25.88 -16.24
CA HIS D 431 -43.81 27.31 -16.48
C HIS D 431 -42.63 27.85 -15.69
N LEU D 432 -41.73 28.56 -16.37
CA LEU D 432 -40.44 28.94 -15.81
C LEU D 432 -40.12 30.39 -16.16
N LEU D 433 -39.53 31.08 -15.19
CA LEU D 433 -39.05 32.44 -15.39
C LEU D 433 -37.69 32.52 -14.70
N GLY D 434 -36.67 32.96 -15.43
CA GLY D 434 -35.32 33.05 -14.87
C GLY D 434 -34.28 32.67 -15.90
N ASP D 435 -33.01 32.91 -15.60
CA ASP D 435 -31.94 32.65 -16.56
C ASP D 435 -31.96 31.18 -16.99
N GLY D 436 -31.78 30.96 -18.28
CA GLY D 436 -31.77 29.61 -18.84
C GLY D 436 -33.12 28.94 -18.96
N ALA D 437 -34.22 29.62 -18.62
CA ALA D 437 -35.55 29.01 -18.75
C ALA D 437 -35.85 28.49 -20.16
N PRO D 438 -35.54 29.20 -21.25
CA PRO D 438 -35.85 28.63 -22.58
C PRO D 438 -35.05 27.36 -22.87
N GLU D 439 -33.83 27.26 -22.33
CA GLU D 439 -33.03 26.05 -22.50
C GLU D 439 -33.58 24.91 -21.65
N ILE D 440 -33.99 25.21 -20.42
CA ILE D 440 -34.49 24.18 -19.51
C ILE D 440 -35.72 23.50 -20.10
N ILE D 441 -36.59 24.29 -20.77
CA ILE D 441 -37.93 23.82 -21.11
C ILE D 441 -37.95 22.83 -22.28
N GLN D 442 -36.91 22.82 -23.13
CA GLN D 442 -36.96 22.00 -24.34
C GLN D 442 -37.19 20.54 -24.03
N ALA D 443 -36.36 19.95 -23.16
CA ALA D 443 -36.55 18.56 -22.80
C ALA D 443 -37.83 18.34 -22.00
N VAL D 444 -38.38 19.39 -21.40
CA VAL D 444 -39.69 19.30 -20.76
C VAL D 444 -40.75 19.08 -21.83
N GLY D 445 -40.53 19.64 -23.03
CA GLY D 445 -41.41 19.34 -24.15
C GLY D 445 -41.48 17.85 -24.43
N VAL D 446 -40.33 17.17 -24.41
CA VAL D 446 -40.30 15.73 -24.61
C VAL D 446 -41.02 15.02 -23.47
N CYS D 447 -40.83 15.48 -22.24
CA CYS D 447 -41.47 14.87 -21.09
C CYS D 447 -42.99 14.81 -21.26
N LEU D 448 -43.59 15.92 -21.69
CA LEU D 448 -45.04 15.97 -21.74
C LEU D 448 -45.57 15.13 -22.88
N ARG D 449 -44.82 15.05 -23.99
CA ARG D 449 -45.28 14.15 -25.03
C ARG D 449 -45.12 12.68 -24.63
N LEU D 450 -44.35 12.39 -23.59
CA LEU D 450 -44.29 11.07 -22.99
C LEU D 450 -45.26 10.91 -21.82
N ASN D 451 -46.14 11.87 -21.61
CA ASN D 451 -47.13 11.84 -20.53
C ASN D 451 -46.47 11.61 -19.17
N ALA D 452 -45.39 12.34 -18.92
CA ALA D 452 -44.75 12.30 -17.60
C ALA D 452 -45.74 12.69 -16.51
N LYS D 453 -45.59 12.05 -15.36
CA LYS D 453 -46.33 12.43 -14.15
C LYS D 453 -45.41 13.20 -13.21
N ILE D 454 -46.01 13.88 -12.22
CA ILE D 454 -45.20 14.63 -11.28
C ILE D 454 -44.19 13.71 -10.61
N SER D 455 -44.60 12.45 -10.37
CA SER D 455 -43.70 11.49 -9.73
C SER D 455 -42.50 11.17 -10.62
N ASP D 456 -42.65 11.26 -11.94
CA ASP D 456 -41.47 11.07 -12.78
C ASP D 456 -40.48 12.20 -12.57
N PHE D 457 -40.97 13.43 -12.46
CA PHE D 457 -40.10 14.55 -12.15
C PHE D 457 -39.46 14.39 -10.77
N TYR D 458 -40.26 14.11 -9.74
CA TYR D 458 -39.73 14.05 -8.38
C TYR D 458 -38.77 12.88 -8.21
N ASN D 459 -39.05 11.75 -8.88
CA ASN D 459 -38.17 10.60 -8.77
C ASN D 459 -36.83 10.81 -9.46
N THR D 460 -36.76 11.74 -10.42
CA THR D 460 -35.50 12.00 -11.10
C THR D 460 -34.54 12.74 -10.17
N ILE D 461 -33.26 12.36 -10.21
CA ILE D 461 -32.27 12.98 -9.33
C ILE D 461 -31.81 14.29 -9.93
N GLY D 462 -31.80 15.34 -9.12
CA GLY D 462 -31.49 16.67 -9.62
C GLY D 462 -30.02 16.81 -10.02
N VAL D 463 -29.78 17.71 -10.97
CA VAL D 463 -28.44 18.21 -11.27
C VAL D 463 -28.21 19.40 -10.37
N HIS D 464 -27.15 19.37 -9.56
CA HIS D 464 -26.88 20.39 -8.57
C HIS D 464 -25.52 21.03 -8.83
N PRO D 465 -25.42 22.36 -8.73
CA PRO D 465 -26.50 23.34 -8.52
C PRO D 465 -26.99 23.86 -9.85
N THR D 466 -28.30 23.79 -10.10
CA THR D 466 -28.92 24.37 -11.27
C THR D 466 -30.22 25.02 -10.83
N SER D 467 -30.79 25.84 -11.72
CA SER D 467 -32.18 26.23 -11.56
C SER D 467 -33.11 25.07 -11.90
N ALA D 468 -32.77 24.29 -12.92
CA ALA D 468 -33.66 23.25 -13.43
C ALA D 468 -33.97 22.19 -12.37
N GLU D 469 -33.06 21.98 -11.40
CA GLU D 469 -33.31 20.92 -10.43
C GLU D 469 -34.52 21.20 -9.56
N GLU D 470 -34.99 22.46 -9.52
CA GLU D 470 -36.22 22.77 -8.81
C GLU D 470 -37.39 21.93 -9.31
N LEU D 471 -37.42 21.58 -10.59
CA LEU D 471 -38.50 20.78 -11.17
C LEU D 471 -38.49 19.35 -10.70
N CYS D 472 -37.41 18.90 -10.07
CA CYS D 472 -37.30 17.52 -9.61
C CYS D 472 -37.28 17.44 -8.08
N SER D 473 -37.57 18.55 -7.41
CA SER D 473 -37.56 18.60 -5.95
C SER D 473 -38.94 18.92 -5.37
N MET D 474 -39.98 18.92 -6.20
CA MET D 474 -41.32 19.30 -5.76
C MET D 474 -42.20 18.07 -5.64
N ARG D 475 -42.64 17.78 -4.42
CA ARG D 475 -43.45 16.61 -4.12
C ARG D 475 -44.83 16.94 -3.57
N THR D 476 -45.00 18.13 -2.96
CA THR D 476 -46.24 18.52 -2.32
C THR D 476 -46.82 19.74 -3.03
N PRO D 477 -48.09 19.69 -3.46
CA PRO D 477 -48.67 20.87 -4.12
C PRO D 477 -48.68 22.07 -3.20
N SER D 478 -48.56 23.26 -3.81
CA SER D 478 -48.76 24.50 -3.08
C SER D 478 -50.25 24.82 -2.91
N TYR D 479 -51.07 24.44 -3.89
CA TYR D 479 -52.52 24.60 -3.82
C TYR D 479 -53.13 23.76 -4.94
N TYR D 480 -54.46 23.80 -5.03
CA TYR D 480 -55.24 22.96 -5.91
C TYR D 480 -56.36 23.77 -6.55
N TYR D 481 -56.93 23.20 -7.61
CA TYR D 481 -58.21 23.62 -8.15
C TYR D 481 -59.13 22.42 -8.13
N VAL D 482 -60.24 22.52 -7.41
CA VAL D 482 -61.25 21.47 -7.37
C VAL D 482 -62.51 22.03 -7.99
N LYS D 483 -62.91 21.46 -9.12
CA LYS D 483 -64.08 21.90 -9.88
C LYS D 483 -64.04 23.43 -10.08
N GLY D 484 -62.86 23.94 -10.41
CA GLY D 484 -62.68 25.33 -10.77
C GLY D 484 -62.30 26.27 -9.64
N GLU D 485 -62.32 25.80 -8.40
CA GLU D 485 -62.10 26.65 -7.24
C GLU D 485 -60.72 26.39 -6.63
N LYS D 486 -60.03 27.46 -6.29
CA LYS D 486 -58.67 27.41 -5.76
C LYS D 486 -58.69 27.27 -4.24
N MET D 487 -57.79 26.45 -3.71
CA MET D 487 -57.72 26.16 -2.28
C MET D 487 -56.39 25.50 -1.94
N GLU D 488 -55.92 25.74 -0.72
CA GLU D 488 -54.59 25.26 -0.33
C GLU D 488 -54.58 23.78 0.04
N LYS D 489 -55.67 23.26 0.61
CA LYS D 489 -55.82 21.85 0.91
C LYS D 489 -57.00 21.28 0.14
N LEU D 490 -57.07 19.95 0.07
CA LEU D 490 -58.20 19.29 -0.58
C LEU D 490 -59.35 19.04 0.41
PA FAD E . 18.11 -22.38 -3.17
O1A FAD E . 17.59 -20.98 -2.93
O2A FAD E . 19.28 -22.95 -2.47
O5B FAD E . 18.26 -22.62 -4.77
C5B FAD E . 17.27 -22.13 -5.68
C4B FAD E . 17.99 -21.84 -6.99
O4B FAD E . 17.02 -21.72 -8.05
C3B FAD E . 18.83 -20.54 -7.00
O3B FAD E . 20.17 -20.91 -7.25
C2B FAD E . 18.14 -19.71 -8.12
O2B FAD E . 19.04 -18.97 -8.90
C1B FAD E . 17.46 -20.77 -8.98
N9A FAD E . 16.26 -20.42 -9.70
C8A FAD E . 15.23 -19.65 -9.25
N7A FAD E . 14.26 -19.53 -10.10
C5A FAD E . 14.67 -20.26 -11.19
C6A FAD E . 14.06 -20.55 -12.44
N6A FAD E . 12.86 -20.12 -12.85
N1A FAD E . 14.78 -21.31 -13.28
C2A FAD E . 15.96 -21.79 -12.92
N3A FAD E . 16.61 -21.59 -11.79
C4A FAD E . 15.92 -20.81 -10.96
N1 FAD E . 19.94 -21.57 5.89
C2 FAD E . 20.59 -22.32 6.78
O2 FAD E . 20.36 -23.49 6.98
N3 FAD E . 21.60 -21.71 7.54
C4 FAD E . 22.01 -20.41 7.45
O4 FAD E . 22.91 -19.97 8.14
C4X FAD E . 21.26 -19.63 6.45
N5 FAD E . 21.56 -18.40 6.28
C5X FAD E . 20.89 -17.68 5.35
C6 FAD E . 21.21 -16.32 5.15
C7 FAD E . 20.57 -15.54 4.22
C7M FAD E . 20.92 -14.08 4.01
C8 FAD E . 19.54 -16.15 3.44
C8M FAD E . 18.81 -15.35 2.42
C9 FAD E . 19.22 -17.48 3.63
C9A FAD E . 19.87 -18.27 4.57
N10 FAD E . 19.56 -19.59 4.77
C10 FAD E . 20.24 -20.32 5.70
C1' FAD E . 18.49 -20.24 4.00
C2' FAD E . 19.00 -21.14 2.89
O2' FAD E . 19.85 -20.35 2.06
C3' FAD E . 17.78 -21.76 2.17
O3' FAD E . 16.92 -22.42 3.13
C4' FAD E . 18.22 -22.78 1.10
O4' FAD E . 19.21 -22.24 0.24
C5' FAD E . 17.01 -23.18 0.27
O5' FAD E . 17.45 -24.22 -0.60
P FAD E . 16.51 -24.55 -1.88
O1P FAD E . 17.13 -25.79 -2.48
O2P FAD E . 15.07 -24.38 -1.55
O3P FAD E . 16.80 -23.30 -2.88
N1 IMD F . 45.26 -1.42 24.55
C2 IMD F . 44.48 -1.39 23.48
N3 IMD F . 44.07 -2.63 23.25
C4 IMD F . 44.60 -3.47 24.19
C5 IMD F . 45.36 -2.70 25.02
C1 PEG G . 15.74 -2.98 -4.18
O1 PEG G . 14.41 -2.76 -4.64
C2 PEG G . 15.91 -4.41 -3.75
O2 PEG G . 15.67 -5.27 -4.82
C3 PEG G . 14.59 -6.14 -4.59
C4 PEG G . 15.08 -7.38 -3.88
O4 PEG G . 14.03 -8.02 -3.21
C1 PEG H . -1.42 -22.92 -10.88
O1 PEG H . -2.75 -23.35 -11.05
C2 PEG H . -1.27 -22.07 -9.62
O2 PEG H . -1.26 -20.68 -9.89
C3 PEG H . -0.25 -20.29 -10.77
C4 PEG H . 0.55 -19.13 -10.23
O4 PEG H . 1.84 -19.56 -9.84
N1 Q7L I . 38.12 0.18 15.69
C4 Q7L I . 38.14 -1.44 17.52
C5 Q7L I . 39.22 -0.83 18.15
C6 Q7L I . 39.86 -1.50 19.17
C7 Q7L I . 37.49 -0.79 16.37
C8 Q7L I . 36.24 -1.07 15.79
N Q7L I . 37.27 0.51 14.69
C Q7L I . 41.21 -2.16 20.83
O Q7L I . 40.27 -3.21 20.57
C1 Q7L I . 39.44 -2.74 19.57
C2 Q7L I . 38.36 -3.37 18.98
C3 Q7L I . 37.71 -2.71 17.95
C9 Q7L I . 36.15 -0.22 14.72
O1 Q7L I . 40.95 -1.10 19.90
BR BR J . 36.47 -0.37 4.02
BR BR K . 17.53 -37.14 36.61
PA FAD L . 41.44 -32.62 44.00
O1A FAD L . 42.90 -32.68 43.63
O2A FAD L . 40.46 -31.80 43.21
O5B FAD L . 41.49 -32.11 45.54
C5B FAD L . 42.38 -32.73 46.45
C4B FAD L . 42.56 -31.74 47.60
O4B FAD L . 43.15 -32.46 48.68
C3B FAD L . 43.50 -30.57 47.30
O3B FAD L . 42.76 -29.38 47.46
C2B FAD L . 44.61 -30.74 48.35
O2B FAD L . 45.05 -29.53 48.84
C1B FAD L . 43.93 -31.58 49.43
N9A FAD L . 44.76 -32.44 50.23
C8A FAD L . 45.74 -33.29 49.77
N7A FAD L . 46.29 -33.99 50.72
C5A FAD L . 45.64 -33.60 51.88
C6A FAD L . 45.75 -33.96 53.25
N6A FAD L . 46.61 -34.87 53.70
N1A FAD L . 44.93 -33.38 54.13
C2A FAD L . 44.05 -32.47 53.71
N3A FAD L . 43.85 -32.05 52.47
C4A FAD L . 44.67 -32.65 51.59
N1 FAD L . 40.38 -32.24 34.74
C2 FAD L . 39.34 -31.99 33.90
O2 FAD L . 38.29 -32.61 33.92
N3 FAD L . 39.47 -30.98 32.97
C4 FAD L . 40.55 -30.20 32.76
O4 FAD L . 40.55 -29.34 31.91
C4X FAD L . 41.68 -30.48 33.70
N5 FAD L . 42.76 -29.78 33.61
C5X FAD L . 43.77 -30.05 34.48
C6 FAD L . 44.96 -29.30 34.40
C7 FAD L . 46.02 -29.51 35.24
C7M FAD L . 47.27 -28.68 35.13
C8 FAD L . 45.91 -30.51 36.23
C8M FAD L . 47.03 -30.80 37.18
C9 FAD L . 44.75 -31.25 36.31
C9A FAD L . 43.68 -31.05 35.45
N10 FAD L . 42.51 -31.77 35.52
C10 FAD L . 41.47 -31.52 34.66
C1' FAD L . 42.38 -32.84 36.53
C2' FAD L . 41.57 -32.39 37.74
O2' FAD L . 42.17 -31.25 38.28
C3' FAD L . 41.49 -33.55 38.75
O3' FAD L . 41.03 -34.72 38.07
C4' FAD L . 40.55 -33.26 39.93
O4' FAD L . 40.88 -32.00 40.49
C5' FAD L . 40.68 -34.39 40.95
O5' FAD L . 39.66 -34.22 41.91
P FAD L . 39.77 -35.01 43.32
O1P FAD L . 38.45 -34.91 43.98
O2P FAD L . 40.46 -36.31 43.10
O3P FAD L . 40.87 -34.11 44.16
N1 IMD M . 48.56 -6.80 11.55
C2 IMD M . 48.31 -6.05 10.49
N3 IMD M . 47.02 -6.15 10.22
C4 IMD M . 46.42 -6.98 11.14
C5 IMD M . 47.41 -7.40 11.97
N1 Q7L N . 53.60 -10.05 19.05
C4 Q7L N . 51.76 -10.97 17.73
C5 Q7L N . 51.86 -9.96 16.77
C6 Q7L N . 50.89 -9.88 15.80
C7 Q7L N . 52.73 -11.05 18.82
C8 Q7L N . 52.92 -12.06 19.78
N Q7L N . 54.32 -10.42 20.13
C Q7L N . 49.61 -9.33 14.05
O Q7L N . 49.03 -10.48 14.69
C1 Q7L N . 49.85 -10.77 15.74
C2 Q7L N . 49.73 -11.79 16.67
C3 Q7L N . 50.69 -11.89 17.66
C9 Q7L N . 53.94 -11.62 20.58
O1 Q7L N . 50.79 -8.97 14.77
BR BR O . 54.02 -43.79 20.90
BR BR P . 58.28 -38.19 28.37
PA FAD Q . -20.82 15.65 3.08
O1A FAD Q . -19.34 15.68 2.74
O2A FAD Q . -21.82 16.54 2.39
O5B FAD Q . -20.94 15.69 4.70
C5B FAD Q . -19.96 15.07 5.51
C4B FAD Q . -19.85 15.89 6.80
O4B FAD Q . -19.35 15.05 7.84
C3B FAD Q . -18.91 17.10 6.71
O3B FAD Q . -19.64 18.27 7.03
C2B FAD Q . -17.82 16.80 7.75
O2B FAD Q . -17.40 17.94 8.43
C1B FAD Q . -18.51 15.78 8.67
N9A FAD Q . -17.68 14.82 9.37
C8A FAD Q . -16.64 14.06 8.89
N7A FAD Q . -16.13 13.25 9.78
C5A FAD Q . -16.89 13.46 10.90
C6A FAD Q . -16.85 12.90 12.20
N6A FAD Q . -15.99 11.96 12.58
N1A FAD Q . -17.75 13.34 13.08
C2A FAD Q . -18.63 14.27 12.73
N3A FAD Q . -18.76 14.87 11.55
C4A FAD Q . -17.86 14.43 10.67
N1 FAD Q . -21.63 17.35 -6.16
C2 FAD Q . -22.63 17.70 -7.02
O2 FAD Q . -23.68 17.09 -7.13
N3 FAD Q . -22.43 18.83 -7.81
C4 FAD Q . -21.32 19.62 -7.82
O4 FAD Q . -21.23 20.60 -8.53
C4X FAD Q . -20.26 19.21 -6.89
N5 FAD Q . -19.17 19.91 -6.84
C5X FAD Q . -18.21 19.54 -5.97
C6 FAD Q . -17.02 20.29 -5.88
C7 FAD Q . -16.00 19.95 -5.03
C7M FAD Q . -14.72 20.76 -4.96
C8 FAD Q . -16.17 18.81 -4.19
C8M FAD Q . -15.09 18.39 -3.23
C9 FAD Q . -17.32 18.07 -4.27
C9A FAD Q . -18.37 18.40 -5.13
N10 FAD Q . -19.53 17.67 -5.22
C10 FAD Q . -20.52 18.03 -6.09
C1' FAD Q . -19.73 16.46 -4.38
C2' FAD Q . -20.57 16.73 -3.14
O2' FAD Q . -19.96 17.80 -2.45
C3' FAD Q . -20.64 15.46 -2.29
O3' FAD Q . -21.05 14.41 -3.17
C4' FAD Q . -21.67 15.57 -1.15
O4' FAD Q . -21.41 16.73 -0.40
C5' FAD Q . -21.65 14.31 -0.30
O5' FAD Q . -22.64 14.42 0.71
P FAD Q . -22.50 13.45 2.01
O1P FAD Q . -23.73 13.62 2.82
O2P FAD Q . -21.93 12.16 1.56
O3P FAD Q . -21.26 14.12 2.84
N1 IMD R . -13.04 47.30 -24.83
C2 IMD R . -13.55 47.97 -25.87
N3 IMD R . -14.69 47.38 -26.18
C4 IMD R . -14.93 46.33 -25.33
C5 IMD R . -13.87 46.28 -24.47
C1 PEG S . -1.61 18.79 3.58
O1 PEG S . -0.61 19.42 4.37
C2 PEG S . -2.90 19.58 3.53
O2 PEG S . -3.61 19.30 2.34
C3 PEG S . -3.87 17.92 2.20
C4 PEG S . -5.17 17.57 2.88
O4 PEG S . -6.17 17.52 1.89
C1 PEG T . -19.85 -7.10 -28.42
O1 PEG T . -18.72 -6.32 -28.10
C2 PEG T . -21.10 -6.26 -28.39
O2 PEG T . -22.15 -6.91 -29.07
C3 PEG T . -22.79 -7.90 -28.31
C4 PEG T . -23.59 -7.26 -27.20
O4 PEG T . -24.79 -7.98 -27.00
N1 IMD U . -35.91 8.93 -35.62
C2 IMD U . -36.70 8.04 -36.19
N3 IMD U . -37.91 8.57 -36.22
C4 IMD U . -37.90 9.82 -35.65
C5 IMD U . -36.62 10.06 -35.27
N1 Q7L V . -9.11 39.78 -17.57
C4 Q7L V . -10.08 41.37 -19.15
C5 Q7L V . -9.85 42.51 -19.93
C6 Q7L V . -10.77 42.85 -20.89
C7 Q7L V . -9.18 41.03 -18.04
C8 Q7L V . -8.31 41.88 -17.32
N Q7L V . -8.22 39.84 -16.54
C Q7L V . -11.94 43.81 -22.53
O Q7L V . -12.68 42.69 -22.06
C1 Q7L V . -11.90 42.10 -21.09
C2 Q7L V . -12.16 40.97 -20.35
C3 Q7L V . -11.24 40.60 -19.38
C9 Q7L V . -7.74 41.08 -16.36
O1 Q7L V . -10.75 43.92 -21.75
PA FAD W . -42.57 33.36 -42.72
O1A FAD W . -43.13 34.67 -42.24
O2A FAD W . -41.39 32.71 -42.06
O5B FAD W . -42.31 33.53 -44.31
C5B FAD W . -43.27 34.09 -45.18
C4B FAD W . -42.49 34.67 -46.36
O4B FAD W . -43.38 34.99 -47.42
C3B FAD W . -41.72 35.96 -46.05
O3B FAD W . -40.37 35.72 -46.39
C2B FAD W . -42.38 37.02 -46.96
O2B FAD W . -41.46 37.96 -47.44
C1B FAD W . -42.92 36.15 -48.08
N9A FAD W . -44.07 36.61 -48.79
C8A FAD W . -45.15 37.27 -48.27
N7A FAD W . -46.07 37.50 -49.17
C5A FAD W . -45.59 36.96 -50.35
C6A FAD W . -46.10 36.86 -51.67
N6A FAD W . -47.27 37.36 -52.07
N1A FAD W . -45.35 36.26 -52.60
C2A FAD W . -44.17 35.76 -52.23
N3A FAD W . -43.60 35.77 -51.03
C4A FAD W . -44.35 36.39 -50.12
N1 FAD W . -41.02 32.48 -33.51
C2 FAD W . -40.36 31.60 -32.73
O2 FAD W . -40.57 30.42 -32.73
N3 FAD W . -39.40 32.08 -31.85
C4 FAD W . -39.02 33.38 -31.69
O4 FAD W . -38.15 33.70 -30.89
C4X FAD W . -39.75 34.32 -32.58
N5 FAD W . -39.49 35.58 -32.53
C5X FAD W . -40.15 36.44 -33.36
C6 FAD W . -39.86 37.82 -33.33
C7 FAD W . -40.50 38.73 -34.14
C7M FAD W . -40.22 40.20 -34.11
C8 FAD W . -41.49 38.24 -35.04
C8M FAD W . -42.22 39.20 -35.94
C9 FAD W . -41.79 36.90 -35.08
C9A FAD W . -41.13 35.96 -34.27
N10 FAD W . -41.40 34.62 -34.29
C10 FAD W . -40.75 33.76 -33.45
C1' FAD W . -42.43 34.07 -35.20
C2' FAD W . -41.90 33.40 -36.46
O2' FAD W . -41.10 34.36 -37.11
C3' FAD W . -43.07 32.99 -37.36
O3' FAD W . -43.96 32.20 -36.60
C4' FAD W . -42.57 32.22 -38.60
O4' FAD W . -41.59 33.03 -39.25
C5' FAD W . -43.75 31.94 -39.50
O5' FAD W . -43.27 31.10 -40.52
P FAD W . -44.11 30.92 -41.91
O1P FAD W . -43.43 29.82 -42.66
O2P FAD W . -45.55 31.02 -41.62
O3P FAD W . -43.82 32.34 -42.66
N1 IMD X . -31.03 49.16 -11.39
C2 IMD X . -31.11 48.11 -12.20
N3 IMD X . -30.93 47.03 -11.47
C4 IMD X . -30.73 47.38 -10.17
C5 IMD X . -30.79 48.74 -10.12
C1 PEG Y . -46.68 48.44 -41.39
O1 PEG Y . -45.81 47.77 -40.52
C2 PEG Y . -46.70 49.89 -41.05
O2 PEG Y . -45.41 50.34 -40.72
C3 PEG Y . -44.88 51.28 -41.63
C4 PEG Y . -45.77 52.50 -41.83
O4 PEG Y . -46.39 52.91 -40.62
N1 Q7L Z . -25.39 50.92 -19.56
C4 Q7L Z . -23.63 50.52 -17.90
C5 Q7L Z . -22.62 51.06 -17.12
C6 Q7L Z . -21.98 50.26 -16.20
C7 Q7L Z . -24.26 51.33 -18.95
C8 Q7L Z . -23.82 52.55 -19.51
N Q7L Z . -25.65 51.88 -20.48
C Q7L Z . -20.67 49.38 -14.62
O Q7L Z . -21.52 48.34 -15.10
C1 Q7L Z . -22.34 48.94 -16.05
C2 Q7L Z . -23.35 48.37 -16.80
C3 Q7L Z . -23.99 49.18 -17.72
C9 Q7L Z . -24.74 52.85 -20.49
O1 Q7L Z . -20.98 50.58 -15.32
BR BR AA . -33.81 24.01 -45.07
BR BR BA . -52.36 46.94 -26.50
#